data_2COE
#
_entry.id   2COE
#
_entity_poly.entity_id   1
_entity_poly.type   'polypeptide(L)'
_entity_poly.pdbx_seq_one_letter_code
;GSSGSSGTGALMASSPQDIKFQDLVVFILEKKMGTTRRALLMELARRKGFRVENELSDSVTHIVAENNSGSDVLEWLQAQ
KVQVSSQPELLDVSWLIECIGAGKPVEMTGKHQLSGPSSG
;
_entity_poly.pdbx_strand_id   A
#
# COMPACT_ATOMS: atom_id res chain seq x y z
N GLY A 1 12.14 44.40 -4.86
CA GLY A 1 10.69 44.36 -4.83
C GLY A 1 10.18 42.97 -4.48
N SER A 2 9.13 42.94 -3.68
CA SER A 2 8.53 41.68 -3.27
C SER A 2 7.26 41.94 -2.46
N SER A 3 6.39 40.94 -2.45
CA SER A 3 5.14 41.05 -1.72
C SER A 3 4.44 39.68 -1.66
N GLY A 4 3.49 39.58 -0.74
CA GLY A 4 2.76 38.34 -0.57
C GLY A 4 1.94 38.35 0.72
N SER A 5 1.19 37.29 0.93
CA SER A 5 0.36 37.17 2.12
C SER A 5 0.24 35.70 2.52
N SER A 6 -0.28 34.90 1.61
CA SER A 6 -0.45 33.48 1.87
C SER A 6 -1.44 33.27 3.02
N GLY A 7 -1.92 32.04 3.13
CA GLY A 7 -2.87 31.70 4.17
C GLY A 7 -2.72 30.24 4.59
N THR A 8 -3.32 29.92 5.72
CA THR A 8 -3.26 28.56 6.24
C THR A 8 -4.64 28.11 6.72
N GLY A 9 -4.71 26.86 7.14
CA GLY A 9 -5.96 26.29 7.63
C GLY A 9 -5.85 24.77 7.78
N ALA A 10 -6.62 24.24 8.72
CA ALA A 10 -6.63 22.82 8.96
C ALA A 10 -7.90 22.44 9.74
N LEU A 11 -8.47 21.30 9.36
CA LEU A 11 -9.68 20.83 10.02
C LEU A 11 -9.88 19.35 9.68
N MET A 12 -9.93 18.54 10.73
CA MET A 12 -10.12 17.11 10.56
C MET A 12 -10.30 16.42 11.92
N ALA A 13 -10.68 15.15 11.85
CA ALA A 13 -10.89 14.37 13.06
C ALA A 13 -9.55 14.07 13.71
N SER A 14 -9.05 15.05 14.45
CA SER A 14 -7.77 14.89 15.13
C SER A 14 -6.77 14.21 14.20
N SER A 15 -6.27 14.98 13.25
CA SER A 15 -5.31 14.46 12.29
C SER A 15 -4.99 15.51 11.23
N PRO A 16 -4.18 16.52 11.65
CA PRO A 16 -3.80 17.60 10.74
C PRO A 16 -2.76 17.12 9.73
N GLN A 17 -1.88 16.25 10.20
CA GLN A 17 -0.83 15.72 9.35
C GLN A 17 0.05 14.74 10.14
N ASP A 18 -0.61 13.71 10.67
CA ASP A 18 0.08 12.69 11.43
C ASP A 18 -0.42 11.30 11.03
N ILE A 19 0.30 10.68 10.11
CA ILE A 19 -0.07 9.36 9.64
C ILE A 19 -0.38 8.46 10.83
N LYS A 20 -1.59 7.93 10.85
CA LYS A 20 -2.02 7.06 11.93
C LYS A 20 -0.89 6.07 12.25
N PHE A 21 -0.50 5.31 11.25
CA PHE A 21 0.56 4.34 11.40
C PHE A 21 1.82 4.76 10.65
N GLN A 22 2.92 4.81 11.39
CA GLN A 22 4.20 5.20 10.80
C GLN A 22 5.01 3.96 10.42
N ASP A 23 4.28 2.91 10.07
CA ASP A 23 4.92 1.65 9.67
C ASP A 23 3.89 0.74 9.01
N LEU A 24 3.03 1.36 8.21
CA LEU A 24 2.00 0.61 7.51
C LEU A 24 1.89 1.14 6.08
N VAL A 25 3.01 1.06 5.37
CA VAL A 25 3.05 1.51 3.99
C VAL A 25 2.35 0.49 3.10
N VAL A 26 1.24 0.93 2.49
CA VAL A 26 0.48 0.06 1.62
C VAL A 26 0.67 0.51 0.16
N PHE A 27 1.05 -0.44 -0.67
CA PHE A 27 1.28 -0.16 -2.08
C PHE A 27 0.33 -0.97 -2.96
N ILE A 28 -0.60 -0.26 -3.58
CA ILE A 28 -1.58 -0.89 -4.46
C ILE A 28 -0.94 -1.13 -5.83
N LEU A 29 -1.24 -2.30 -6.38
CA LEU A 29 -0.71 -2.66 -7.69
C LEU A 29 -1.78 -2.40 -8.75
N GLU A 30 -1.40 -1.59 -9.74
CA GLU A 30 -2.32 -1.26 -10.82
C GLU A 30 -2.71 -2.52 -11.59
N LYS A 31 -1.70 -3.30 -11.96
CA LYS A 31 -1.93 -4.53 -12.69
C LYS A 31 -3.17 -5.23 -12.13
N LYS A 32 -4.11 -5.52 -13.02
CA LYS A 32 -5.34 -6.18 -12.63
C LYS A 32 -6.16 -5.24 -11.74
N MET A 33 -6.43 -4.06 -12.27
CA MET A 33 -7.20 -3.06 -11.53
C MET A 33 -7.37 -1.79 -12.35
N GLY A 34 -6.28 -1.05 -12.47
CA GLY A 34 -6.31 0.19 -13.23
C GLY A 34 -5.78 1.36 -12.38
N THR A 35 -5.99 2.55 -12.90
CA THR A 35 -5.54 3.75 -12.20
C THR A 35 -6.63 4.27 -11.26
N THR A 36 -7.81 4.49 -11.83
CA THR A 36 -8.93 4.98 -11.06
C THR A 36 -8.95 4.32 -9.67
N ARG A 37 -9.27 3.04 -9.67
CA ARG A 37 -9.33 2.28 -8.43
C ARG A 37 -8.01 2.39 -7.68
N ARG A 38 -6.95 1.93 -8.33
CA ARG A 38 -5.62 1.97 -7.74
C ARG A 38 -5.43 3.28 -6.98
N ALA A 39 -5.62 4.38 -7.69
CA ALA A 39 -5.46 5.69 -7.10
C ALA A 39 -6.56 5.91 -6.05
N LEU A 40 -7.76 5.50 -6.41
CA LEU A 40 -8.89 5.65 -5.52
C LEU A 40 -8.59 4.94 -4.18
N LEU A 41 -8.61 3.62 -4.24
CA LEU A 41 -8.33 2.82 -3.06
C LEU A 41 -7.13 3.41 -2.32
N MET A 42 -6.09 3.69 -3.08
CA MET A 42 -4.88 4.27 -2.51
C MET A 42 -5.19 5.55 -1.74
N GLU A 43 -6.10 6.34 -2.31
CA GLU A 43 -6.48 7.59 -1.69
C GLU A 43 -7.42 7.33 -0.50
N LEU A 44 -8.27 6.32 -0.67
CA LEU A 44 -9.22 5.97 0.37
C LEU A 44 -8.45 5.53 1.62
N ALA A 45 -7.46 4.67 1.40
CA ALA A 45 -6.64 4.18 2.50
C ALA A 45 -6.00 5.36 3.22
N ARG A 46 -5.36 6.22 2.45
CA ARG A 46 -4.70 7.39 3.01
C ARG A 46 -5.66 8.15 3.93
N ARG A 47 -6.86 8.39 3.40
CA ARG A 47 -7.87 9.11 4.17
C ARG A 47 -8.05 8.47 5.55
N LYS A 48 -7.86 7.16 5.59
CA LYS A 48 -8.00 6.43 6.85
C LYS A 48 -6.82 6.78 7.76
N GLY A 49 -5.72 7.16 7.13
CA GLY A 49 -4.52 7.52 7.88
C GLY A 49 -3.33 6.66 7.45
N PHE A 50 -3.61 5.73 6.55
CA PHE A 50 -2.57 4.84 6.05
C PHE A 50 -1.56 5.60 5.20
N ARG A 51 -0.36 5.02 5.10
CA ARG A 51 0.70 5.64 4.32
C ARG A 51 0.83 4.95 2.96
N VAL A 52 -0.06 5.32 2.05
CA VAL A 52 -0.05 4.74 0.72
C VAL A 52 1.02 5.43 -0.12
N GLU A 53 1.53 4.70 -1.11
CA GLU A 53 2.55 5.23 -1.99
C GLU A 53 2.17 4.97 -3.45
N ASN A 54 2.43 5.99 -4.27
CA ASN A 54 2.12 5.88 -5.69
C ASN A 54 3.16 4.99 -6.37
N GLU A 55 4.38 5.06 -5.85
CA GLU A 55 5.47 4.26 -6.40
C GLU A 55 6.06 3.36 -5.31
N LEU A 56 6.56 2.21 -5.75
CA LEU A 56 7.16 1.26 -4.83
C LEU A 56 8.40 1.88 -4.19
N SER A 57 8.66 1.48 -2.95
CA SER A 57 9.80 1.99 -2.22
C SER A 57 10.20 1.01 -1.12
N ASP A 58 11.35 1.28 -0.51
CA ASP A 58 11.84 0.43 0.55
C ASP A 58 10.96 0.58 1.79
N SER A 59 10.11 1.60 1.74
CA SER A 59 9.20 1.86 2.85
C SER A 59 7.95 0.98 2.73
N VAL A 60 7.74 0.48 1.52
CA VAL A 60 6.60 -0.38 1.26
C VAL A 60 6.70 -1.64 2.12
N THR A 61 5.75 -1.77 3.03
CA THR A 61 5.72 -2.92 3.93
C THR A 61 4.58 -3.86 3.55
N HIS A 62 3.64 -3.32 2.79
CA HIS A 62 2.49 -4.09 2.36
C HIS A 62 2.13 -3.72 0.92
N ILE A 63 2.07 -4.73 0.08
CA ILE A 63 1.73 -4.52 -1.32
C ILE A 63 0.36 -5.14 -1.62
N VAL A 64 -0.54 -4.29 -2.09
CA VAL A 64 -1.88 -4.74 -2.41
C VAL A 64 -1.96 -5.08 -3.91
N ALA A 65 -2.74 -6.12 -4.20
CA ALA A 65 -2.90 -6.55 -5.58
C ALA A 65 -4.24 -7.27 -5.72
N GLU A 66 -5.06 -6.75 -6.62
CA GLU A 66 -6.37 -7.33 -6.87
C GLU A 66 -6.29 -8.39 -7.98
N ASN A 67 -6.88 -9.53 -7.70
CA ASN A 67 -6.89 -10.62 -8.66
C ASN A 67 -5.51 -11.28 -8.68
N ASN A 68 -4.50 -10.47 -8.97
CA ASN A 68 -3.13 -10.95 -9.02
C ASN A 68 -2.88 -11.86 -7.82
N SER A 69 -2.07 -12.89 -8.06
CA SER A 69 -1.73 -13.83 -7.01
C SER A 69 -0.36 -13.50 -6.42
N GLY A 70 -0.13 -13.97 -5.20
CA GLY A 70 1.13 -13.73 -4.53
C GLY A 70 2.31 -13.97 -5.47
N SER A 71 2.11 -14.91 -6.38
CA SER A 71 3.16 -15.24 -7.35
C SER A 71 3.33 -14.08 -8.34
N ASP A 72 2.21 -13.69 -8.94
CA ASP A 72 2.24 -12.59 -9.90
C ASP A 72 2.94 -11.39 -9.28
N VAL A 73 2.51 -11.05 -8.08
CA VAL A 73 3.08 -9.91 -7.37
C VAL A 73 4.56 -10.17 -7.10
N LEU A 74 4.85 -11.40 -6.68
CA LEU A 74 6.21 -11.79 -6.40
C LEU A 74 7.08 -11.56 -7.64
N GLU A 75 6.76 -12.29 -8.70
CA GLU A 75 7.49 -12.16 -9.94
C GLU A 75 7.74 -10.70 -10.28
N TRP A 76 6.73 -9.88 -9.98
CA TRP A 76 6.82 -8.46 -10.25
C TRP A 76 7.83 -7.86 -9.27
N LEU A 77 7.73 -8.30 -8.01
CA LEU A 77 8.63 -7.82 -6.98
C LEU A 77 10.06 -7.94 -7.46
N GLN A 78 10.41 -9.13 -7.91
CA GLN A 78 11.76 -9.39 -8.40
C GLN A 78 12.03 -8.57 -9.66
N ALA A 79 10.96 -8.30 -10.40
CA ALA A 79 11.07 -7.53 -11.62
C ALA A 79 11.45 -6.09 -11.28
N GLN A 80 10.97 -5.64 -10.13
CA GLN A 80 11.26 -4.29 -9.68
C GLN A 80 12.77 -4.06 -9.61
N LYS A 81 13.14 -2.79 -9.57
CA LYS A 81 14.54 -2.42 -9.49
C LYS A 81 14.83 -1.78 -8.14
N VAL A 82 13.75 -1.49 -7.42
CA VAL A 82 13.88 -0.87 -6.10
C VAL A 82 14.36 -1.91 -5.10
N GLN A 83 15.24 -1.46 -4.21
CA GLN A 83 15.79 -2.34 -3.19
C GLN A 83 15.02 -2.18 -1.87
N VAL A 84 14.56 -3.31 -1.35
CA VAL A 84 13.81 -3.30 -0.10
C VAL A 84 14.65 -3.98 0.98
N SER A 85 14.62 -3.38 2.17
CA SER A 85 15.36 -3.92 3.29
C SER A 85 14.67 -5.17 3.83
N SER A 86 13.35 -5.19 3.67
CA SER A 86 12.57 -6.32 4.13
C SER A 86 11.37 -6.53 3.20
N GLN A 87 11.39 -7.66 2.51
CA GLN A 87 10.30 -7.99 1.60
C GLN A 87 8.96 -7.56 2.17
N PRO A 88 8.17 -6.83 1.34
CA PRO A 88 6.87 -6.35 1.76
C PRO A 88 5.85 -7.49 1.79
N GLU A 89 4.73 -7.22 2.44
CA GLU A 89 3.67 -8.22 2.54
C GLU A 89 2.77 -8.17 1.31
N LEU A 90 2.41 -9.36 0.83
CA LEU A 90 1.55 -9.46 -0.33
C LEU A 90 0.16 -9.95 0.09
N LEU A 91 -0.82 -9.08 -0.08
CA LEU A 91 -2.18 -9.40 0.27
C LEU A 91 -3.13 -8.93 -0.83
N ASP A 92 -4.28 -9.57 -0.90
CA ASP A 92 -5.27 -9.23 -1.90
C ASP A 92 -5.97 -7.93 -1.49
N VAL A 93 -6.50 -7.24 -2.50
CA VAL A 93 -7.20 -5.99 -2.24
C VAL A 93 -8.16 -6.16 -1.07
N SER A 94 -8.68 -7.39 -0.95
CA SER A 94 -9.61 -7.69 0.13
C SER A 94 -9.08 -7.15 1.45
N TRP A 95 -7.76 -7.07 1.54
CA TRP A 95 -7.11 -6.58 2.74
C TRP A 95 -7.23 -5.05 2.75
N LEU A 96 -6.79 -4.45 1.65
CA LEU A 96 -6.84 -3.00 1.52
C LEU A 96 -8.29 -2.54 1.67
N ILE A 97 -9.19 -3.28 1.04
CA ILE A 97 -10.60 -2.97 1.08
C ILE A 97 -11.06 -2.93 2.54
N GLU A 98 -10.62 -3.93 3.29
CA GLU A 98 -10.98 -4.02 4.69
C GLU A 98 -10.21 -2.98 5.52
N CYS A 99 -8.89 -3.00 5.34
CA CYS A 99 -8.05 -2.06 6.06
C CYS A 99 -8.72 -0.70 6.06
N ILE A 100 -9.49 -0.44 5.00
CA ILE A 100 -10.19 0.82 4.88
C ILE A 100 -11.40 0.82 5.80
N GLY A 101 -12.35 -0.05 5.48
CA GLY A 101 -13.56 -0.16 6.28
C GLY A 101 -13.22 -0.43 7.75
N ALA A 102 -11.99 -0.86 7.98
CA ALA A 102 -11.54 -1.15 9.33
C ALA A 102 -10.71 0.03 9.85
N GLY A 103 -10.28 0.88 8.93
CA GLY A 103 -9.49 2.04 9.27
C GLY A 103 -8.21 1.63 9.98
N LYS A 104 -7.90 0.34 9.92
CA LYS A 104 -6.71 -0.18 10.55
C LYS A 104 -6.20 -1.38 9.75
N PRO A 105 -4.92 -1.77 10.05
CA PRO A 105 -4.31 -2.90 9.36
C PRO A 105 -4.88 -4.23 9.87
N VAL A 106 -6.01 -4.60 9.31
CA VAL A 106 -6.67 -5.84 9.69
C VAL A 106 -5.61 -6.94 9.83
N GLU A 107 -5.97 -7.96 10.60
CA GLU A 107 -5.07 -9.07 10.83
C GLU A 107 -4.95 -9.93 9.57
N MET A 108 -3.79 -10.54 9.41
CA MET A 108 -3.53 -11.38 8.26
C MET A 108 -3.55 -12.87 8.65
N THR A 109 -4.73 -13.45 8.55
CA THR A 109 -4.88 -14.86 8.90
C THR A 109 -4.51 -15.75 7.70
N GLY A 110 -4.34 -15.10 6.56
CA GLY A 110 -3.99 -15.81 5.34
C GLY A 110 -4.90 -15.40 4.18
N LYS A 111 -6.20 -15.50 4.43
CA LYS A 111 -7.18 -15.14 3.42
C LYS A 111 -6.77 -13.82 2.76
N HIS A 112 -6.24 -12.92 3.58
CA HIS A 112 -5.81 -11.62 3.10
C HIS A 112 -4.56 -11.79 2.23
N GLN A 113 -3.68 -12.67 2.68
CA GLN A 113 -2.44 -12.94 1.96
C GLN A 113 -2.75 -13.59 0.62
N LEU A 114 -1.95 -13.22 -0.37
CA LEU A 114 -2.12 -13.76 -1.72
C LEU A 114 -1.47 -15.14 -1.78
N SER A 115 -0.19 -15.16 -1.46
CA SER A 115 0.56 -16.41 -1.47
C SER A 115 2.00 -16.17 -1.02
N GLY A 116 2.64 -17.24 -0.58
CA GLY A 116 4.02 -17.15 -0.11
C GLY A 116 4.72 -18.51 -0.24
N PRO A 117 6.08 -18.46 -0.14
CA PRO A 117 6.87 -19.67 -0.23
C PRO A 117 6.78 -20.50 1.05
N SER A 118 5.54 -20.83 1.40
CA SER A 118 5.31 -21.62 2.61
C SER A 118 5.07 -23.08 2.23
N SER A 119 5.87 -23.95 2.86
CA SER A 119 5.76 -25.37 2.59
C SER A 119 5.24 -26.09 3.84
N GLY A 120 5.98 -25.94 4.93
CA GLY A 120 5.59 -26.56 6.19
C GLY A 120 4.40 -25.85 6.82
N GLY A 1 7.45 -3.01 -21.96
CA GLY A 1 7.62 -1.58 -21.72
C GLY A 1 8.25 -1.33 -20.35
N SER A 2 8.64 -0.08 -20.15
CA SER A 2 9.26 0.32 -18.89
C SER A 2 9.08 1.82 -18.66
N SER A 3 8.44 2.15 -17.56
CA SER A 3 8.19 3.54 -17.21
C SER A 3 8.30 3.73 -15.69
N GLY A 4 9.04 4.76 -15.32
CA GLY A 4 9.22 5.07 -13.91
C GLY A 4 10.19 6.24 -13.72
N SER A 5 9.77 7.19 -12.91
CA SER A 5 10.58 8.36 -12.64
C SER A 5 10.01 9.14 -11.46
N SER A 6 10.89 9.80 -10.73
CA SER A 6 10.48 10.58 -9.57
C SER A 6 11.34 11.84 -9.47
N GLY A 7 10.78 12.85 -8.81
CA GLY A 7 11.48 14.12 -8.64
C GLY A 7 10.54 15.18 -8.06
N THR A 8 11.09 15.98 -7.17
CA THR A 8 10.32 17.04 -6.53
C THR A 8 11.24 18.18 -6.09
N GLY A 9 10.76 19.39 -6.27
CA GLY A 9 11.52 20.57 -5.89
C GLY A 9 10.60 21.72 -5.46
N ALA A 10 10.56 21.96 -4.16
CA ALA A 10 9.73 23.01 -3.62
C ALA A 10 9.97 23.12 -2.11
N LEU A 11 9.61 24.27 -1.56
CA LEU A 11 9.78 24.51 -0.13
C LEU A 11 8.75 25.54 0.32
N MET A 12 7.49 25.20 0.16
CA MET A 12 6.40 26.08 0.56
C MET A 12 5.04 25.44 0.29
N ALA A 13 4.59 24.67 1.28
CA ALA A 13 3.31 23.99 1.16
C ALA A 13 3.03 23.21 2.45
N SER A 14 4.09 22.62 2.98
CA SER A 14 3.98 21.84 4.20
C SER A 14 3.08 20.63 3.97
N SER A 15 1.79 20.87 4.06
CA SER A 15 0.81 19.81 3.86
C SER A 15 0.80 18.88 5.07
N PRO A 16 -0.40 18.31 5.35
CA PRO A 16 -0.57 17.40 6.47
C PRO A 16 0.06 16.04 6.18
N GLN A 17 1.36 16.07 5.91
CA GLN A 17 2.09 14.85 5.61
C GLN A 17 2.47 14.12 6.91
N ASP A 18 1.46 13.85 7.71
CA ASP A 18 1.68 13.16 8.97
C ASP A 18 0.72 11.97 9.08
N ILE A 19 1.23 10.81 8.72
CA ILE A 19 0.44 9.59 8.76
C ILE A 19 0.05 9.30 10.21
N LYS A 20 -1.05 8.56 10.36
CA LYS A 20 -1.53 8.21 11.69
C LYS A 20 -0.64 7.12 12.27
N PHE A 21 -0.42 6.08 11.46
CA PHE A 21 0.40 4.97 11.89
C PHE A 21 1.89 5.27 11.68
N GLN A 22 2.18 5.84 10.52
CA GLN A 22 3.55 6.19 10.18
C GLN A 22 4.43 4.94 10.18
N ASP A 23 3.77 3.79 10.18
CA ASP A 23 4.48 2.52 10.19
C ASP A 23 3.77 1.55 9.24
N LEU A 24 3.01 2.12 8.31
CA LEU A 24 2.28 1.31 7.34
C LEU A 24 2.40 1.97 5.96
N VAL A 25 2.75 1.15 4.97
CA VAL A 25 2.89 1.63 3.62
C VAL A 25 2.21 0.65 2.66
N VAL A 26 0.98 0.98 2.31
CA VAL A 26 0.21 0.13 1.40
C VAL A 26 0.50 0.56 -0.04
N PHE A 27 0.84 -0.44 -0.86
CA PHE A 27 1.14 -0.18 -2.26
C PHE A 27 0.22 -1.01 -3.17
N ILE A 28 -0.67 -0.31 -3.85
CA ILE A 28 -1.60 -0.97 -4.75
C ILE A 28 -0.89 -1.28 -6.06
N LEU A 29 -1.25 -2.42 -6.64
CA LEU A 29 -0.65 -2.84 -7.91
C LEU A 29 -1.62 -2.53 -9.05
N GLU A 30 -1.36 -1.41 -9.71
CA GLU A 30 -2.20 -0.99 -10.83
C GLU A 30 -2.64 -2.21 -11.64
N LYS A 31 -1.68 -3.07 -11.93
CA LYS A 31 -1.96 -4.27 -12.70
C LYS A 31 -3.24 -4.92 -12.19
N LYS A 32 -4.14 -5.19 -13.12
CA LYS A 32 -5.42 -5.80 -12.77
C LYS A 32 -6.26 -4.81 -11.98
N MET A 33 -6.34 -3.60 -12.50
CA MET A 33 -7.10 -2.55 -11.84
C MET A 33 -7.06 -1.25 -12.65
N GLY A 34 -5.89 -0.64 -12.67
CA GLY A 34 -5.69 0.60 -13.40
C GLY A 34 -5.16 1.69 -12.48
N THR A 35 -5.21 2.92 -12.99
CA THR A 35 -4.73 4.06 -12.22
C THR A 35 -5.86 4.65 -11.37
N THR A 36 -6.94 5.01 -12.05
CA THR A 36 -8.09 5.59 -11.37
C THR A 36 -8.34 4.86 -10.05
N ARG A 37 -8.80 3.61 -10.18
CA ARG A 37 -9.09 2.80 -9.00
C ARG A 37 -7.88 2.78 -8.07
N ARG A 38 -6.78 2.25 -8.59
CA ARG A 38 -5.55 2.16 -7.81
C ARG A 38 -5.38 3.41 -6.96
N ALA A 39 -5.31 4.54 -7.64
CA ALA A 39 -5.13 5.82 -6.97
C ALA A 39 -6.28 6.02 -5.97
N LEU A 40 -7.49 5.80 -6.47
CA LEU A 40 -8.67 5.96 -5.64
C LEU A 40 -8.50 5.16 -4.34
N LEU A 41 -8.59 3.85 -4.47
CA LEU A 41 -8.43 2.97 -3.32
C LEU A 41 -7.26 3.45 -2.47
N MET A 42 -6.17 3.78 -3.16
CA MET A 42 -4.98 4.25 -2.47
C MET A 42 -5.28 5.50 -1.64
N GLU A 43 -6.04 6.41 -2.24
CA GLU A 43 -6.41 7.64 -1.56
C GLU A 43 -7.37 7.35 -0.41
N LEU A 44 -8.26 6.41 -0.65
CA LEU A 44 -9.24 6.03 0.35
C LEU A 44 -8.52 5.59 1.63
N ALA A 45 -7.48 4.78 1.43
CA ALA A 45 -6.71 4.28 2.55
C ALA A 45 -6.07 5.46 3.28
N ARG A 46 -5.42 6.31 2.52
CA ARG A 46 -4.77 7.48 3.09
C ARG A 46 -5.69 8.16 4.11
N ARG A 47 -6.96 8.23 3.75
CA ARG A 47 -7.95 8.86 4.61
C ARG A 47 -8.02 8.11 5.95
N LYS A 48 -7.86 6.80 5.87
CA LYS A 48 -7.91 5.97 7.06
C LYS A 48 -6.64 6.21 7.89
N GLY A 49 -5.58 6.60 7.19
CA GLY A 49 -4.31 6.86 7.86
C GLY A 49 -3.26 5.84 7.44
N PHE A 50 -3.23 5.56 6.14
CA PHE A 50 -2.28 4.60 5.60
C PHE A 50 -1.36 5.27 4.57
N ARG A 51 -0.08 5.34 4.91
CA ARG A 51 0.91 5.94 4.04
C ARG A 51 0.94 5.21 2.69
N VAL A 52 0.02 5.60 1.82
CA VAL A 52 -0.07 5.00 0.50
C VAL A 52 0.99 5.62 -0.41
N GLU A 53 1.44 4.83 -1.37
CA GLU A 53 2.45 5.28 -2.31
C GLU A 53 2.00 4.98 -3.75
N ASN A 54 2.36 5.90 -4.64
CA ASN A 54 2.00 5.75 -6.04
C ASN A 54 3.02 4.83 -6.73
N GLU A 55 4.23 4.84 -6.19
CA GLU A 55 5.30 4.02 -6.74
C GLU A 55 5.93 3.16 -5.63
N LEU A 56 6.39 1.99 -6.03
CA LEU A 56 7.01 1.07 -5.09
C LEU A 56 8.19 1.77 -4.40
N SER A 57 8.51 1.27 -3.21
CA SER A 57 9.61 1.84 -2.45
C SER A 57 9.93 0.94 -1.25
N ASP A 58 11.17 1.04 -0.80
CA ASP A 58 11.62 0.24 0.33
C ASP A 58 10.71 0.49 1.53
N SER A 59 9.99 1.61 1.46
CA SER A 59 9.07 1.98 2.53
C SER A 59 7.80 1.14 2.44
N VAL A 60 7.61 0.51 1.30
CA VAL A 60 6.45 -0.32 1.09
C VAL A 60 6.55 -1.57 1.97
N THR A 61 5.60 -1.69 2.89
CA THR A 61 5.57 -2.83 3.79
C THR A 61 4.42 -3.77 3.44
N HIS A 62 3.44 -3.21 2.72
CA HIS A 62 2.29 -3.99 2.32
C HIS A 62 1.93 -3.66 0.87
N ILE A 63 1.94 -4.68 0.03
CA ILE A 63 1.62 -4.52 -1.37
C ILE A 63 0.24 -5.10 -1.65
N VAL A 64 -0.62 -4.29 -2.23
CA VAL A 64 -1.97 -4.72 -2.56
C VAL A 64 -2.05 -5.03 -4.05
N ALA A 65 -2.82 -6.08 -4.37
CA ALA A 65 -2.98 -6.49 -5.74
C ALA A 65 -4.38 -7.09 -5.92
N GLU A 66 -5.00 -6.76 -7.05
CA GLU A 66 -6.32 -7.27 -7.35
C GLU A 66 -6.25 -8.32 -8.45
N ASN A 67 -6.78 -9.49 -8.15
CA ASN A 67 -6.79 -10.59 -9.10
C ASN A 67 -5.35 -10.98 -9.42
N ASN A 68 -4.55 -11.11 -8.37
CA ASN A 68 -3.15 -11.48 -8.53
C ASN A 68 -2.72 -12.38 -7.38
N SER A 69 -1.93 -13.39 -7.71
CA SER A 69 -1.46 -14.33 -6.71
C SER A 69 -0.10 -13.88 -6.18
N GLY A 70 0.19 -14.29 -4.96
CA GLY A 70 1.45 -13.95 -4.32
C GLY A 70 2.63 -14.17 -5.28
N SER A 71 2.46 -15.16 -6.16
CA SER A 71 3.49 -15.48 -7.13
C SER A 71 3.56 -14.39 -8.20
N ASP A 72 2.39 -13.89 -8.57
CA ASP A 72 2.31 -12.85 -9.59
C ASP A 72 2.98 -11.58 -9.05
N VAL A 73 2.64 -11.24 -7.81
CA VAL A 73 3.19 -10.06 -7.18
C VAL A 73 4.69 -10.27 -6.94
N LEU A 74 5.02 -11.50 -6.55
CA LEU A 74 6.41 -11.84 -6.28
C LEU A 74 7.24 -11.65 -7.55
N GLU A 75 6.88 -12.41 -8.57
CA GLU A 75 7.59 -12.34 -9.84
C GLU A 75 7.79 -10.87 -10.25
N TRP A 76 6.76 -10.07 -9.99
CA TRP A 76 6.80 -8.66 -10.33
C TRP A 76 7.83 -7.99 -9.42
N LEU A 77 7.83 -8.41 -8.16
CA LEU A 77 8.75 -7.86 -7.18
C LEU A 77 10.19 -7.98 -7.72
N GLN A 78 10.56 -9.19 -8.08
CA GLN A 78 11.89 -9.44 -8.60
C GLN A 78 12.11 -8.63 -9.89
N ALA A 79 11.03 -8.43 -10.61
CA ALA A 79 11.08 -7.67 -11.85
C ALA A 79 11.43 -6.21 -11.54
N GLN A 80 10.89 -5.74 -10.43
CA GLN A 80 11.13 -4.37 -10.00
C GLN A 80 12.62 -4.06 -10.05
N LYS A 81 12.93 -2.77 -10.09
CA LYS A 81 14.30 -2.32 -10.15
C LYS A 81 14.67 -1.62 -8.84
N VAL A 82 13.67 -1.52 -7.97
CA VAL A 82 13.86 -0.88 -6.67
C VAL A 82 14.47 -1.88 -5.70
N GLN A 83 14.94 -1.36 -4.57
CA GLN A 83 15.55 -2.19 -3.55
C GLN A 83 14.75 -2.08 -2.24
N VAL A 84 14.44 -3.24 -1.68
CA VAL A 84 13.70 -3.29 -0.44
C VAL A 84 14.56 -3.94 0.64
N SER A 85 14.50 -3.37 1.84
CA SER A 85 15.27 -3.89 2.95
C SER A 85 14.60 -5.15 3.50
N SER A 86 13.29 -5.21 3.35
CA SER A 86 12.53 -6.35 3.82
C SER A 86 11.30 -6.57 2.95
N GLN A 87 11.25 -7.74 2.33
CA GLN A 87 10.13 -8.07 1.46
C GLN A 87 8.81 -7.59 2.08
N PRO A 88 8.03 -6.85 1.24
CA PRO A 88 6.75 -6.32 1.70
C PRO A 88 5.70 -7.43 1.76
N GLU A 89 4.58 -7.10 2.39
CA GLU A 89 3.49 -8.04 2.53
C GLU A 89 2.66 -8.09 1.25
N LEU A 90 2.29 -9.30 0.86
CA LEU A 90 1.49 -9.49 -0.34
C LEU A 90 0.05 -9.85 0.05
N LEU A 91 -0.82 -8.86 -0.06
CA LEU A 91 -2.21 -9.05 0.29
C LEU A 91 -3.09 -8.63 -0.89
N ASP A 92 -4.31 -9.13 -0.90
CA ASP A 92 -5.25 -8.81 -1.96
C ASP A 92 -6.01 -7.53 -1.59
N VAL A 93 -6.61 -6.92 -2.60
CA VAL A 93 -7.38 -5.70 -2.39
C VAL A 93 -8.29 -5.87 -1.17
N SER A 94 -8.62 -7.12 -0.90
CA SER A 94 -9.48 -7.44 0.24
C SER A 94 -8.93 -6.77 1.50
N TRP A 95 -7.70 -7.13 1.83
CA TRP A 95 -7.05 -6.58 3.02
C TRP A 95 -7.38 -5.09 3.08
N LEU A 96 -6.94 -4.38 2.04
CA LEU A 96 -7.17 -2.94 1.97
C LEU A 96 -8.65 -2.66 2.28
N ILE A 97 -9.51 -3.25 1.47
CA ILE A 97 -10.95 -3.08 1.64
C ILE A 97 -11.29 -3.13 3.12
N GLU A 98 -10.81 -4.18 3.78
CA GLU A 98 -11.06 -4.35 5.20
C GLU A 98 -10.32 -3.30 6.01
N CYS A 99 -9.03 -3.15 5.69
CA CYS A 99 -8.20 -2.18 6.37
C CYS A 99 -8.95 -0.85 6.41
N ILE A 100 -9.82 -0.67 5.42
CA ILE A 100 -10.60 0.55 5.33
C ILE A 100 -11.83 0.44 6.24
N GLY A 101 -12.62 -0.59 5.98
CA GLY A 101 -13.82 -0.83 6.75
C GLY A 101 -13.49 -1.06 8.22
N ALA A 102 -12.21 -1.29 8.48
CA ALA A 102 -11.75 -1.53 9.84
C ALA A 102 -11.02 -0.28 10.36
N GLY A 103 -10.81 0.66 9.45
CA GLY A 103 -10.14 1.90 9.80
C GLY A 103 -8.80 1.61 10.49
N LYS A 104 -8.30 0.41 10.26
CA LYS A 104 -7.04 0.00 10.85
C LYS A 104 -6.44 -1.16 10.04
N PRO A 105 -5.16 -1.46 10.32
CA PRO A 105 -4.47 -2.55 9.63
C PRO A 105 -4.94 -3.91 10.14
N VAL A 106 -5.99 -4.42 9.49
CA VAL A 106 -6.55 -5.71 9.85
C VAL A 106 -5.42 -6.72 10.00
N GLU A 107 -5.75 -7.84 10.62
CA GLU A 107 -4.78 -8.90 10.82
C GLU A 107 -4.62 -9.74 9.55
N MET A 108 -3.40 -10.17 9.31
CA MET A 108 -3.10 -10.98 8.14
C MET A 108 -2.94 -12.45 8.51
N THR A 109 -4.07 -13.14 8.56
CA THR A 109 -4.08 -14.55 8.89
C THR A 109 -3.51 -15.38 7.73
N GLY A 110 -3.92 -15.02 6.53
CA GLY A 110 -3.47 -15.72 5.34
C GLY A 110 -4.45 -15.52 4.18
N LYS A 111 -5.73 -15.56 4.51
CA LYS A 111 -6.77 -15.40 3.51
C LYS A 111 -6.55 -14.08 2.77
N HIS A 112 -6.01 -13.11 3.49
CA HIS A 112 -5.74 -11.80 2.92
C HIS A 112 -4.55 -11.90 1.97
N GLN A 113 -3.56 -12.68 2.39
CA GLN A 113 -2.35 -12.86 1.59
C GLN A 113 -2.68 -13.64 0.30
N LEU A 114 -2.25 -13.06 -0.81
CA LEU A 114 -2.49 -13.68 -2.10
C LEU A 114 -2.28 -15.19 -1.99
N SER A 115 -1.01 -15.57 -1.82
CA SER A 115 -0.66 -16.97 -1.69
C SER A 115 0.85 -17.11 -1.53
N GLY A 116 1.24 -18.21 -0.88
CA GLY A 116 2.65 -18.48 -0.66
C GLY A 116 3.10 -19.74 -1.40
N PRO A 117 4.44 -19.95 -1.43
CA PRO A 117 5.00 -21.10 -2.10
C PRO A 117 4.79 -22.37 -1.27
N SER A 118 5.03 -23.51 -1.91
CA SER A 118 4.86 -24.78 -1.24
C SER A 118 5.88 -25.79 -1.80
N SER A 119 5.76 -26.04 -3.09
CA SER A 119 6.66 -26.98 -3.76
C SER A 119 6.83 -28.23 -2.90
N GLY A 120 5.96 -29.21 -3.16
CA GLY A 120 6.00 -30.46 -2.43
C GLY A 120 4.71 -31.25 -2.62
N GLY A 1 15.75 36.05 -13.59
CA GLY A 1 15.90 37.11 -14.57
C GLY A 1 14.71 38.08 -14.49
N SER A 2 13.53 37.53 -14.74
CA SER A 2 12.31 38.34 -14.72
C SER A 2 11.16 37.52 -14.14
N SER A 3 10.21 38.23 -13.56
CA SER A 3 9.05 37.59 -12.96
C SER A 3 7.79 38.41 -13.25
N GLY A 4 7.08 38.00 -14.29
CA GLY A 4 5.86 38.69 -14.67
C GLY A 4 4.64 38.05 -13.99
N SER A 5 4.60 38.20 -12.67
CA SER A 5 3.50 37.65 -11.90
C SER A 5 2.53 38.77 -11.52
N SER A 6 1.38 38.35 -10.99
CA SER A 6 0.36 39.30 -10.58
C SER A 6 -0.68 38.61 -9.71
N GLY A 7 -0.66 38.95 -8.43
CA GLY A 7 -1.59 38.36 -7.48
C GLY A 7 -1.06 37.04 -6.93
N THR A 8 -1.32 36.81 -5.65
CA THR A 8 -0.87 35.60 -4.99
C THR A 8 -2.07 34.81 -4.46
N GLY A 9 -1.98 33.50 -4.60
CA GLY A 9 -3.05 32.62 -4.13
C GLY A 9 -3.23 32.74 -2.62
N ALA A 10 -3.10 31.60 -1.95
CA ALA A 10 -3.26 31.57 -0.50
C ALA A 10 -2.43 30.41 0.07
N LEU A 11 -1.33 30.77 0.71
CA LEU A 11 -0.46 29.77 1.31
C LEU A 11 -1.30 28.76 2.09
N MET A 12 -1.96 29.26 3.11
CA MET A 12 -2.81 28.42 3.95
C MET A 12 -2.03 27.20 4.45
N ALA A 13 -1.42 27.35 5.61
CA ALA A 13 -0.65 26.27 6.20
C ALA A 13 -1.60 25.19 6.72
N SER A 14 -1.99 24.30 5.80
CA SER A 14 -2.89 23.23 6.15
C SER A 14 -2.87 22.15 5.07
N SER A 15 -1.90 21.25 5.19
CA SER A 15 -1.75 20.18 4.23
C SER A 15 -1.87 18.82 4.94
N PRO A 16 -2.81 17.99 4.42
CA PRO A 16 -3.04 16.67 4.99
C PRO A 16 -1.91 15.71 4.60
N GLN A 17 -0.77 15.89 5.24
CA GLN A 17 0.38 15.05 4.97
C GLN A 17 0.97 14.53 6.28
N ASP A 18 0.13 13.85 7.05
CA ASP A 18 0.56 13.31 8.33
C ASP A 18 -0.13 11.96 8.55
N ILE A 19 0.57 10.90 8.18
CA ILE A 19 0.05 9.56 8.33
C ILE A 19 -0.17 9.28 9.82
N LYS A 20 -1.07 8.34 10.08
CA LYS A 20 -1.39 7.96 11.45
C LYS A 20 -0.49 6.79 11.86
N PHE A 21 -0.46 5.78 11.01
CA PHE A 21 0.34 4.59 11.28
C PHE A 21 1.82 4.86 10.96
N GLN A 22 2.05 5.38 9.77
CA GLN A 22 3.40 5.67 9.33
C GLN A 22 4.13 4.39 8.93
N ASP A 23 4.13 3.44 9.84
CA ASP A 23 4.77 2.16 9.59
C ASP A 23 3.76 1.19 8.96
N LEU A 24 2.95 1.75 8.07
CA LEU A 24 1.94 0.95 7.39
C LEU A 24 1.81 1.42 5.94
N VAL A 25 2.92 1.28 5.21
CA VAL A 25 2.95 1.67 3.81
C VAL A 25 2.21 0.63 2.97
N VAL A 26 1.21 1.10 2.24
CA VAL A 26 0.43 0.22 1.39
C VAL A 26 0.60 0.65 -0.07
N PHE A 27 0.94 -0.32 -0.90
CA PHE A 27 1.15 -0.06 -2.32
C PHE A 27 0.20 -0.93 -3.17
N ILE A 28 -0.65 -0.26 -3.93
CA ILE A 28 -1.59 -0.95 -4.79
C ILE A 28 -0.91 -1.30 -6.11
N LEU A 29 -1.34 -2.42 -6.69
CA LEU A 29 -0.78 -2.87 -7.94
C LEU A 29 -1.76 -2.56 -9.08
N GLU A 30 -1.43 -1.52 -9.83
CA GLU A 30 -2.27 -1.10 -10.95
C GLU A 30 -2.74 -2.32 -11.73
N LYS A 31 -1.79 -3.19 -12.04
CA LYS A 31 -2.09 -4.40 -12.79
C LYS A 31 -3.43 -4.97 -12.31
N LYS A 32 -4.27 -5.32 -13.26
CA LYS A 32 -5.58 -5.88 -12.95
C LYS A 32 -6.35 -4.90 -12.06
N MET A 33 -6.46 -3.68 -12.54
CA MET A 33 -7.17 -2.64 -11.80
C MET A 33 -7.17 -1.33 -12.57
N GLY A 34 -6.01 -0.71 -12.64
CA GLY A 34 -5.87 0.55 -13.35
C GLY A 34 -5.36 1.65 -12.42
N THR A 35 -5.48 2.89 -12.88
CA THR A 35 -5.04 4.03 -12.10
C THR A 35 -6.18 4.54 -11.22
N THR A 36 -7.30 4.85 -11.88
CA THR A 36 -8.46 5.36 -11.18
C THR A 36 -8.63 4.62 -9.84
N ARG A 37 -9.03 3.36 -9.95
CA ARG A 37 -9.24 2.54 -8.76
C ARG A 37 -7.98 2.56 -7.88
N ARG A 38 -6.89 2.07 -8.45
CA ARG A 38 -5.63 2.04 -7.72
C ARG A 38 -5.45 3.31 -6.89
N ALA A 39 -5.47 4.43 -7.59
CA ALA A 39 -5.30 5.73 -6.94
C ALA A 39 -6.43 5.91 -5.93
N LEU A 40 -7.64 5.66 -6.38
CA LEU A 40 -8.81 5.79 -5.53
C LEU A 40 -8.57 5.05 -4.22
N LEU A 41 -8.55 3.72 -4.33
CA LEU A 41 -8.34 2.88 -3.16
C LEU A 41 -7.14 3.42 -2.36
N MET A 42 -6.06 3.65 -3.07
CA MET A 42 -4.84 4.16 -2.45
C MET A 42 -5.13 5.44 -1.66
N GLU A 43 -5.92 6.32 -2.28
CA GLU A 43 -6.28 7.57 -1.64
C GLU A 43 -7.26 7.32 -0.50
N LEU A 44 -8.15 6.38 -0.72
CA LEU A 44 -9.15 6.05 0.29
C LEU A 44 -8.44 5.60 1.56
N ALA A 45 -7.45 4.73 1.38
CA ALA A 45 -6.70 4.22 2.51
C ALA A 45 -6.05 5.39 3.26
N ARG A 46 -5.38 6.25 2.51
CA ARG A 46 -4.73 7.41 3.09
C ARG A 46 -5.63 8.06 4.13
N ARG A 47 -6.87 8.28 3.73
CA ARG A 47 -7.84 8.90 4.62
C ARG A 47 -7.87 8.16 5.96
N LYS A 48 -7.71 6.86 5.88
CA LYS A 48 -7.72 6.03 7.09
C LYS A 48 -6.47 6.32 7.91
N GLY A 49 -5.44 6.77 7.21
CA GLY A 49 -4.17 7.09 7.87
C GLY A 49 -3.06 6.15 7.39
N PHE A 50 -3.28 5.54 6.23
CA PHE A 50 -2.31 4.63 5.67
C PHE A 50 -1.39 5.35 4.68
N ARG A 51 -0.09 5.27 4.96
CA ARG A 51 0.89 5.90 4.10
C ARG A 51 0.98 5.17 2.76
N VAL A 52 0.02 5.47 1.89
CA VAL A 52 -0.03 4.85 0.58
C VAL A 52 0.97 5.56 -0.34
N GLU A 53 1.56 4.77 -1.23
CA GLU A 53 2.53 5.32 -2.17
C GLU A 53 2.09 5.02 -3.61
N ASN A 54 2.39 5.96 -4.49
CA ASN A 54 2.03 5.82 -5.89
C ASN A 54 2.92 4.75 -6.53
N GLU A 55 4.20 4.80 -6.18
CA GLU A 55 5.16 3.85 -6.70
C GLU A 55 5.83 3.08 -5.57
N LEU A 56 6.28 1.88 -5.89
CA LEU A 56 6.95 1.04 -4.91
C LEU A 56 8.09 1.81 -4.26
N SER A 57 8.49 1.37 -3.08
CA SER A 57 9.58 2.00 -2.35
C SER A 57 10.06 1.09 -1.23
N ASP A 58 11.12 1.53 -0.57
CA ASP A 58 11.70 0.77 0.52
C ASP A 58 10.78 0.89 1.75
N SER A 59 9.83 1.81 1.65
CA SER A 59 8.90 2.03 2.74
C SER A 59 7.69 1.11 2.59
N VAL A 60 7.49 0.63 1.37
CA VAL A 60 6.38 -0.27 1.08
C VAL A 60 6.52 -1.53 1.93
N THR A 61 5.61 -1.66 2.88
CA THR A 61 5.61 -2.82 3.77
C THR A 61 4.44 -3.74 3.45
N HIS A 62 3.52 -3.22 2.64
CA HIS A 62 2.35 -3.99 2.26
C HIS A 62 1.98 -3.66 0.81
N ILE A 63 1.88 -4.69 -0.01
CA ILE A 63 1.53 -4.51 -1.41
C ILE A 63 0.15 -5.11 -1.66
N VAL A 64 -0.69 -4.32 -2.32
CA VAL A 64 -2.04 -4.75 -2.63
C VAL A 64 -2.13 -5.10 -4.12
N ALA A 65 -2.84 -6.20 -4.39
CA ALA A 65 -3.01 -6.65 -5.76
C ALA A 65 -4.42 -7.23 -5.92
N GLU A 66 -4.98 -7.00 -7.09
CA GLU A 66 -6.32 -7.50 -7.39
C GLU A 66 -6.25 -8.57 -8.49
N ASN A 67 -6.85 -9.72 -8.19
CA ASN A 67 -6.87 -10.82 -9.13
C ASN A 67 -5.43 -11.24 -9.44
N ASN A 68 -4.58 -11.14 -8.43
CA ASN A 68 -3.18 -11.51 -8.59
C ASN A 68 -2.75 -12.38 -7.41
N SER A 69 -1.97 -13.41 -7.73
CA SER A 69 -1.48 -14.32 -6.71
C SER A 69 -0.12 -13.87 -6.22
N GLY A 70 0.17 -14.22 -4.97
CA GLY A 70 1.44 -13.85 -4.36
C GLY A 70 2.60 -14.04 -5.34
N SER A 71 2.47 -15.07 -6.17
CA SER A 71 3.50 -15.36 -7.15
C SER A 71 3.56 -14.24 -8.19
N ASP A 72 2.38 -13.83 -8.65
CA ASP A 72 2.28 -12.78 -9.64
C ASP A 72 2.98 -11.52 -9.10
N VAL A 73 2.62 -11.15 -7.88
CA VAL A 73 3.20 -9.98 -7.25
C VAL A 73 4.70 -10.23 -7.01
N LEU A 74 4.99 -11.43 -6.53
CA LEU A 74 6.37 -11.80 -6.24
C LEU A 74 7.20 -11.63 -7.51
N GLU A 75 6.84 -12.39 -8.53
CA GLU A 75 7.54 -12.32 -9.80
C GLU A 75 7.78 -10.87 -10.21
N TRP A 76 6.77 -10.05 -9.95
CA TRP A 76 6.85 -8.64 -10.29
C TRP A 76 7.87 -7.99 -9.36
N LEU A 77 7.82 -8.41 -8.10
CA LEU A 77 8.73 -7.87 -7.10
C LEU A 77 10.18 -7.98 -7.61
N GLN A 78 10.54 -9.20 -7.98
CA GLN A 78 11.88 -9.46 -8.49
C GLN A 78 12.16 -8.58 -9.71
N ALA A 79 11.10 -8.30 -10.45
CA ALA A 79 11.21 -7.48 -11.65
C ALA A 79 11.60 -6.06 -11.25
N GLN A 80 11.07 -5.64 -10.12
CA GLN A 80 11.36 -4.30 -9.61
C GLN A 80 12.86 -4.12 -9.42
N LYS A 81 13.36 -2.99 -9.91
CA LYS A 81 14.78 -2.68 -9.80
C LYS A 81 15.02 -1.85 -8.54
N VAL A 82 13.94 -1.66 -7.79
CA VAL A 82 14.03 -0.89 -6.56
C VAL A 82 14.32 -1.83 -5.39
N GLN A 83 15.47 -1.62 -4.76
CA GLN A 83 15.87 -2.44 -3.63
C GLN A 83 15.12 -2.01 -2.37
N VAL A 84 14.03 -2.71 -2.10
CA VAL A 84 13.21 -2.42 -0.94
C VAL A 84 14.00 -2.80 0.33
N SER A 85 13.71 -2.07 1.40
CA SER A 85 14.37 -2.32 2.67
C SER A 85 14.06 -3.74 3.16
N SER A 86 12.99 -4.30 2.60
CA SER A 86 12.59 -5.64 2.96
C SER A 86 11.34 -6.04 2.17
N GLN A 87 11.23 -7.34 1.91
CA GLN A 87 10.10 -7.86 1.17
C GLN A 87 8.79 -7.43 1.83
N PRO A 88 7.96 -6.71 1.03
CA PRO A 88 6.67 -6.23 1.52
C PRO A 88 5.66 -7.37 1.60
N GLU A 89 4.57 -7.09 2.31
CA GLU A 89 3.51 -8.09 2.48
C GLU A 89 2.57 -8.07 1.28
N LEU A 90 2.44 -9.23 0.65
CA LEU A 90 1.58 -9.36 -0.51
C LEU A 90 0.17 -9.72 -0.05
N LEU A 91 -0.74 -8.78 -0.23
CA LEU A 91 -2.13 -8.98 0.17
C LEU A 91 -3.04 -8.62 -1.01
N ASP A 92 -4.29 -9.05 -0.90
CA ASP A 92 -5.27 -8.78 -1.94
C ASP A 92 -6.04 -7.51 -1.60
N VAL A 93 -6.64 -6.92 -2.62
CA VAL A 93 -7.41 -5.70 -2.44
C VAL A 93 -8.36 -5.87 -1.25
N SER A 94 -8.70 -7.12 -0.99
CA SER A 94 -9.60 -7.43 0.11
C SER A 94 -9.08 -6.80 1.41
N TRP A 95 -7.85 -7.16 1.75
CA TRP A 95 -7.23 -6.63 2.96
C TRP A 95 -7.48 -5.12 3.00
N LEU A 96 -7.22 -4.48 1.87
CA LEU A 96 -7.41 -3.05 1.77
C LEU A 96 -8.86 -2.70 2.13
N ILE A 97 -9.77 -3.24 1.34
CA ILE A 97 -11.19 -3.00 1.56
C ILE A 97 -11.48 -3.08 3.06
N GLU A 98 -10.85 -4.04 3.71
CA GLU A 98 -11.03 -4.24 5.13
C GLU A 98 -10.34 -3.12 5.91
N CYS A 99 -9.03 -3.06 5.79
CA CYS A 99 -8.25 -2.05 6.48
C CYS A 99 -9.00 -0.72 6.37
N ILE A 100 -9.74 -0.57 5.27
CA ILE A 100 -10.51 0.64 5.05
C ILE A 100 -11.74 0.63 5.94
N GLY A 101 -12.56 -0.39 5.77
CA GLY A 101 -13.77 -0.52 6.56
C GLY A 101 -13.45 -0.75 8.03
N ALA A 102 -12.19 -1.05 8.29
CA ALA A 102 -11.74 -1.28 9.65
C ALA A 102 -11.02 -0.03 10.17
N GLY A 103 -10.37 0.67 9.25
CA GLY A 103 -9.64 1.87 9.60
C GLY A 103 -8.31 1.54 10.29
N LYS A 104 -7.94 0.27 10.19
CA LYS A 104 -6.70 -0.19 10.79
C LYS A 104 -6.17 -1.40 10.01
N PRO A 105 -4.88 -1.73 10.27
CA PRO A 105 -4.25 -2.86 9.60
C PRO A 105 -4.74 -4.18 10.18
N VAL A 106 -5.86 -4.65 9.64
CA VAL A 106 -6.44 -5.90 10.11
C VAL A 106 -5.38 -7.00 10.06
N GLU A 107 -5.50 -7.93 10.99
CA GLU A 107 -4.57 -9.04 11.07
C GLU A 107 -4.38 -9.69 9.70
N MET A 108 -3.22 -10.30 9.51
CA MET A 108 -2.92 -10.96 8.25
C MET A 108 -3.09 -12.47 8.36
N THR A 109 -4.20 -12.95 7.83
CA THR A 109 -4.49 -14.38 7.87
C THR A 109 -4.05 -15.05 6.57
N GLY A 110 -4.48 -16.29 6.40
CA GLY A 110 -4.13 -17.05 5.21
C GLY A 110 -5.05 -16.69 4.04
N LYS A 111 -5.92 -15.71 4.30
CA LYS A 111 -6.85 -15.27 3.28
C LYS A 111 -6.31 -14.00 2.62
N HIS A 112 -6.14 -12.97 3.45
CA HIS A 112 -5.64 -11.70 2.96
C HIS A 112 -4.43 -11.93 2.05
N GLN A 113 -3.54 -12.81 2.51
CA GLN A 113 -2.35 -13.13 1.76
C GLN A 113 -2.72 -13.92 0.50
N LEU A 114 -2.34 -13.36 -0.64
CA LEU A 114 -2.62 -13.99 -1.92
C LEU A 114 -2.36 -15.49 -1.81
N SER A 115 -1.09 -15.83 -1.64
CA SER A 115 -0.70 -17.22 -1.52
C SER A 115 -1.12 -18.00 -2.76
N GLY A 116 -0.19 -18.10 -3.71
CA GLY A 116 -0.45 -18.81 -4.94
C GLY A 116 0.01 -20.26 -4.85
N PRO A 117 -0.55 -21.10 -5.77
CA PRO A 117 -0.21 -22.51 -5.80
C PRO A 117 1.19 -22.72 -6.41
N SER A 118 1.75 -23.89 -6.13
CA SER A 118 3.07 -24.21 -6.64
C SER A 118 3.39 -25.69 -6.33
N SER A 119 4.28 -26.24 -7.15
CA SER A 119 4.68 -27.62 -6.97
C SER A 119 5.68 -27.74 -5.82
N GLY A 120 5.25 -28.41 -4.76
CA GLY A 120 6.09 -28.59 -3.59
C GLY A 120 5.63 -27.71 -2.43
N GLY A 1 27.08 50.12 19.20
CA GLY A 1 25.97 50.97 18.84
C GLY A 1 25.12 50.34 17.74
N SER A 2 23.88 50.03 18.09
CA SER A 2 22.96 49.42 17.15
C SER A 2 22.95 50.21 15.84
N SER A 3 22.50 49.55 14.79
CA SER A 3 22.44 50.18 13.48
C SER A 3 21.84 49.20 12.45
N GLY A 4 20.70 49.58 11.91
CA GLY A 4 20.03 48.76 10.92
C GLY A 4 19.84 47.33 11.44
N SER A 5 18.93 47.20 12.39
CA SER A 5 18.64 45.90 12.97
C SER A 5 17.52 45.21 12.20
N SER A 6 17.52 43.89 12.26
CA SER A 6 16.52 43.10 11.56
C SER A 6 16.64 41.63 11.97
N GLY A 7 17.64 40.97 11.39
CA GLY A 7 17.87 39.57 11.67
C GLY A 7 16.88 38.68 10.91
N THR A 8 17.17 38.50 9.62
CA THR A 8 16.32 37.69 8.78
C THR A 8 17.04 36.39 8.40
N GLY A 9 16.49 35.28 8.87
CA GLY A 9 17.06 33.98 8.59
C GLY A 9 16.36 32.88 9.39
N ALA A 10 15.22 32.45 8.88
CA ALA A 10 14.44 31.42 9.53
C ALA A 10 13.29 30.98 8.62
N LEU A 11 13.09 29.67 8.56
CA LEU A 11 12.03 29.12 7.73
C LEU A 11 11.32 27.99 8.49
N MET A 12 12.08 26.93 8.74
CA MET A 12 11.55 25.79 9.45
C MET A 12 12.67 24.81 9.83
N ALA A 13 12.33 23.90 10.74
CA ALA A 13 13.29 22.91 11.20
C ALA A 13 12.55 21.80 11.95
N SER A 14 12.11 20.80 11.20
CA SER A 14 11.40 19.68 11.79
C SER A 14 11.02 18.68 10.69
N SER A 15 11.02 17.41 11.09
CA SER A 15 10.68 16.34 10.15
C SER A 15 9.37 15.67 10.58
N PRO A 16 8.26 16.13 9.95
CA PRO A 16 6.95 15.58 10.25
C PRO A 16 6.77 14.20 9.62
N GLN A 17 7.38 13.21 10.27
CA GLN A 17 7.31 11.84 9.79
C GLN A 17 6.62 10.96 10.84
N ASP A 18 5.36 11.26 11.09
CA ASP A 18 4.59 10.50 12.06
C ASP A 18 3.25 10.10 11.44
N ILE A 19 3.24 8.89 10.89
CA ILE A 19 2.03 8.37 10.26
C ILE A 19 1.08 7.85 11.34
N LYS A 20 -0.20 7.87 11.01
CA LYS A 20 -1.23 7.41 11.94
C LYS A 20 -0.87 5.99 12.41
N PHE A 21 -0.65 5.12 11.45
CA PHE A 21 -0.30 3.74 11.74
C PHE A 21 1.21 3.53 11.72
N GLN A 22 1.84 4.11 10.70
CA GLN A 22 3.28 4.00 10.55
C GLN A 22 3.67 2.55 10.25
N ASP A 23 4.80 2.40 9.57
CA ASP A 23 5.29 1.08 9.22
C ASP A 23 4.16 0.27 8.56
N LEU A 24 3.19 1.00 8.03
CA LEU A 24 2.05 0.37 7.39
C LEU A 24 1.89 0.95 5.98
N VAL A 25 2.98 0.91 5.22
CA VAL A 25 2.97 1.42 3.87
C VAL A 25 2.23 0.42 2.96
N VAL A 26 1.08 0.87 2.47
CA VAL A 26 0.27 0.04 1.60
C VAL A 26 0.48 0.48 0.15
N PHE A 27 0.92 -0.47 -0.67
CA PHE A 27 1.16 -0.18 -2.07
C PHE A 27 0.24 -1.01 -2.96
N ILE A 28 -0.69 -0.32 -3.62
CA ILE A 28 -1.63 -0.99 -4.50
C ILE A 28 -0.99 -1.19 -5.87
N LEU A 29 -1.24 -2.35 -6.44
CA LEU A 29 -0.69 -2.69 -7.74
C LEU A 29 -1.71 -2.32 -8.82
N GLU A 30 -1.25 -1.51 -9.77
CA GLU A 30 -2.11 -1.08 -10.86
C GLU A 30 -2.62 -2.29 -11.65
N LYS A 31 -1.69 -3.16 -11.99
CA LYS A 31 -2.02 -4.36 -12.75
C LYS A 31 -3.35 -4.93 -12.22
N LYS A 32 -4.23 -5.23 -13.16
CA LYS A 32 -5.54 -5.78 -12.81
C LYS A 32 -6.30 -4.75 -11.95
N MET A 33 -6.38 -3.54 -12.48
CA MET A 33 -7.07 -2.46 -11.79
C MET A 33 -7.06 -1.18 -12.61
N GLY A 34 -5.88 -0.59 -12.73
CA GLY A 34 -5.72 0.64 -13.49
C GLY A 34 -5.26 1.78 -12.59
N THR A 35 -5.47 3.00 -13.08
CA THR A 35 -5.08 4.17 -12.33
C THR A 35 -6.22 4.64 -11.43
N THR A 36 -7.38 4.84 -12.03
CA THR A 36 -8.55 5.28 -11.30
C THR A 36 -8.68 4.51 -9.98
N ARG A 37 -9.00 3.23 -10.11
CA ARG A 37 -9.16 2.38 -8.95
C ARG A 37 -7.91 2.44 -8.08
N ARG A 38 -6.78 2.11 -8.68
CA ARG A 38 -5.52 2.12 -7.97
C ARG A 38 -5.41 3.38 -7.11
N ALA A 39 -5.48 4.53 -7.77
CA ALA A 39 -5.40 5.80 -7.07
C ALA A 39 -6.52 5.88 -6.04
N LEU A 40 -7.74 5.62 -6.50
CA LEU A 40 -8.90 5.66 -5.64
C LEU A 40 -8.57 4.94 -4.32
N LEU A 41 -8.52 3.61 -4.41
CA LEU A 41 -8.22 2.81 -3.24
C LEU A 41 -7.06 3.43 -2.47
N MET A 42 -5.96 3.65 -3.19
CA MET A 42 -4.78 4.23 -2.60
C MET A 42 -5.11 5.52 -1.84
N GLU A 43 -6.06 6.27 -2.40
CA GLU A 43 -6.48 7.52 -1.80
C GLU A 43 -7.42 7.25 -0.63
N LEU A 44 -8.23 6.20 -0.78
CA LEU A 44 -9.17 5.83 0.25
C LEU A 44 -8.41 5.42 1.52
N ALA A 45 -7.38 4.62 1.31
CA ALA A 45 -6.55 4.15 2.42
C ALA A 45 -5.96 5.36 3.15
N ARG A 46 -5.34 6.24 2.36
CA ARG A 46 -4.72 7.43 2.91
C ARG A 46 -5.71 8.16 3.83
N ARG A 47 -6.95 8.24 3.38
CA ARG A 47 -7.99 8.91 4.14
C ARG A 47 -8.14 8.24 5.51
N LYS A 48 -7.60 7.04 5.61
CA LYS A 48 -7.67 6.28 6.86
C LYS A 48 -6.42 6.57 7.68
N GLY A 49 -5.49 7.28 7.07
CA GLY A 49 -4.24 7.62 7.73
C GLY A 49 -3.10 6.72 7.26
N PHE A 50 -3.46 5.73 6.46
CA PHE A 50 -2.48 4.80 5.92
C PHE A 50 -1.51 5.51 4.98
N ARG A 51 -0.24 5.14 5.11
CA ARG A 51 0.80 5.73 4.28
C ARG A 51 0.90 4.98 2.94
N VAL A 52 0.02 5.34 2.03
CA VAL A 52 -0.01 4.71 0.72
C VAL A 52 1.09 5.33 -0.15
N GLU A 53 1.65 4.50 -1.02
CA GLU A 53 2.70 4.96 -1.92
C GLU A 53 2.33 4.65 -3.37
N ASN A 54 2.34 5.70 -4.18
CA ASN A 54 2.01 5.56 -5.59
C ASN A 54 3.02 4.61 -6.26
N GLU A 55 4.28 4.82 -5.91
CA GLU A 55 5.35 4.00 -6.46
C GLU A 55 6.01 3.18 -5.36
N LEU A 56 6.47 1.99 -5.75
CA LEU A 56 7.12 1.10 -4.81
C LEU A 56 8.33 1.81 -4.19
N SER A 57 8.69 1.36 -2.99
CA SER A 57 9.82 1.94 -2.28
C SER A 57 10.28 1.01 -1.17
N ASP A 58 11.32 1.42 -0.48
CA ASP A 58 11.88 0.63 0.61
C ASP A 58 11.00 0.80 1.86
N SER A 59 9.96 1.60 1.69
CA SER A 59 9.03 1.85 2.79
C SER A 59 7.80 0.96 2.66
N VAL A 60 7.64 0.40 1.46
CA VAL A 60 6.50 -0.46 1.19
C VAL A 60 6.63 -1.73 2.03
N THR A 61 5.70 -1.88 2.97
CA THR A 61 5.69 -3.04 3.84
C THR A 61 4.47 -3.91 3.56
N HIS A 62 3.58 -3.38 2.74
CA HIS A 62 2.37 -4.09 2.40
C HIS A 62 1.96 -3.74 0.96
N ILE A 63 1.88 -4.76 0.13
CA ILE A 63 1.50 -4.58 -1.26
C ILE A 63 0.10 -5.14 -1.49
N VAL A 64 -0.70 -4.37 -2.21
CA VAL A 64 -2.07 -4.77 -2.50
C VAL A 64 -2.19 -5.08 -3.99
N ALA A 65 -2.91 -6.16 -4.29
CA ALA A 65 -3.12 -6.57 -5.67
C ALA A 65 -4.52 -7.14 -5.82
N GLU A 66 -5.04 -7.06 -7.04
CA GLU A 66 -6.37 -7.56 -7.33
C GLU A 66 -6.31 -8.60 -8.45
N ASN A 67 -6.93 -9.74 -8.19
CA ASN A 67 -6.95 -10.82 -9.17
C ASN A 67 -5.52 -11.26 -9.47
N ASN A 68 -4.68 -11.15 -8.46
CA ASN A 68 -3.28 -11.54 -8.60
C ASN A 68 -2.87 -12.41 -7.42
N SER A 69 -1.96 -13.33 -7.70
CA SER A 69 -1.49 -14.24 -6.67
C SER A 69 -0.11 -13.78 -6.17
N GLY A 70 0.17 -14.11 -4.92
CA GLY A 70 1.45 -13.76 -4.31
C GLY A 70 2.59 -13.94 -5.30
N SER A 71 2.45 -14.96 -6.14
CA SER A 71 3.45 -15.26 -7.14
C SER A 71 3.50 -14.15 -8.20
N ASP A 72 2.31 -13.78 -8.67
CA ASP A 72 2.20 -12.74 -9.68
C ASP A 72 2.88 -11.47 -9.17
N VAL A 73 2.54 -11.11 -7.94
CA VAL A 73 3.11 -9.92 -7.33
C VAL A 73 4.61 -10.12 -7.11
N LEU A 74 4.95 -11.32 -6.63
CA LEU A 74 6.33 -11.66 -6.39
C LEU A 74 7.15 -11.44 -7.66
N GLU A 75 6.78 -12.19 -8.69
CA GLU A 75 7.47 -12.09 -9.97
C GLU A 75 7.69 -10.62 -10.35
N TRP A 76 6.66 -9.81 -10.09
CA TRP A 76 6.73 -8.40 -10.39
C TRP A 76 7.76 -7.76 -9.45
N LEU A 77 7.72 -8.21 -8.21
CA LEU A 77 8.64 -7.69 -7.20
C LEU A 77 10.07 -7.83 -7.71
N GLN A 78 10.40 -9.02 -8.17
CA GLN A 78 11.73 -9.29 -8.69
C GLN A 78 12.02 -8.39 -9.90
N ALA A 79 10.96 -8.10 -10.64
CA ALA A 79 11.08 -7.26 -11.82
C ALA A 79 11.53 -5.86 -11.40
N GLN A 80 11.01 -5.42 -10.27
CA GLN A 80 11.34 -4.10 -9.74
C GLN A 80 12.86 -3.98 -9.56
N LYS A 81 13.36 -2.81 -9.93
CA LYS A 81 14.79 -2.55 -9.81
C LYS A 81 15.06 -1.74 -8.54
N VAL A 82 13.99 -1.55 -7.77
CA VAL A 82 14.09 -0.79 -6.53
C VAL A 82 14.42 -1.75 -5.37
N GLN A 83 15.56 -1.51 -4.75
CA GLN A 83 15.99 -2.33 -3.64
C GLN A 83 15.22 -1.96 -2.36
N VAL A 84 14.18 -2.74 -2.10
CA VAL A 84 13.36 -2.50 -0.92
C VAL A 84 14.15 -2.87 0.33
N SER A 85 13.80 -2.23 1.43
CA SER A 85 14.47 -2.48 2.70
C SER A 85 14.11 -3.88 3.20
N SER A 86 13.17 -4.51 2.49
CA SER A 86 12.74 -5.85 2.85
C SER A 86 11.47 -6.21 2.08
N GLN A 87 11.34 -7.49 1.78
CA GLN A 87 10.18 -7.98 1.04
C GLN A 87 8.89 -7.56 1.75
N PRO A 88 8.03 -6.83 0.98
CA PRO A 88 6.76 -6.36 1.52
C PRO A 88 5.76 -7.50 1.62
N GLU A 89 4.65 -7.21 2.29
CA GLU A 89 3.61 -8.21 2.47
C GLU A 89 2.62 -8.15 1.31
N LEU A 90 2.48 -9.28 0.64
CA LEU A 90 1.57 -9.37 -0.49
C LEU A 90 0.17 -9.76 0.01
N LEU A 91 -0.76 -8.83 -0.13
CA LEU A 91 -2.13 -9.06 0.30
C LEU A 91 -3.08 -8.64 -0.82
N ASP A 92 -4.27 -9.24 -0.79
CA ASP A 92 -5.28 -8.95 -1.79
C ASP A 92 -6.02 -7.67 -1.39
N VAL A 93 -6.58 -7.00 -2.39
CA VAL A 93 -7.32 -5.78 -2.16
C VAL A 93 -8.29 -5.98 -1.01
N SER A 94 -8.67 -7.24 -0.80
CA SER A 94 -9.59 -7.58 0.26
C SER A 94 -9.09 -7.02 1.59
N TRP A 95 -7.79 -7.14 1.79
CA TRP A 95 -7.17 -6.65 3.01
C TRP A 95 -7.33 -5.13 3.05
N LEU A 96 -6.80 -4.49 2.01
CA LEU A 96 -6.87 -3.05 1.91
C LEU A 96 -8.32 -2.59 2.12
N ILE A 97 -9.24 -3.29 1.45
CA ILE A 97 -10.64 -2.98 1.55
C ILE A 97 -11.06 -2.98 3.03
N GLU A 98 -10.66 -4.03 3.72
CA GLU A 98 -10.98 -4.16 5.13
C GLU A 98 -10.21 -3.12 5.95
N CYS A 99 -8.95 -2.95 5.61
CA CYS A 99 -8.10 -1.98 6.29
C CYS A 99 -8.82 -0.63 6.30
N ILE A 100 -9.68 -0.45 5.31
CA ILE A 100 -10.42 0.79 5.20
C ILE A 100 -11.67 0.70 6.08
N GLY A 101 -12.55 -0.23 5.72
CA GLY A 101 -13.78 -0.42 6.47
C GLY A 101 -13.49 -0.67 7.95
N ALA A 102 -12.24 -1.03 8.22
CA ALA A 102 -11.83 -1.29 9.59
C ALA A 102 -11.12 -0.06 10.15
N GLY A 103 -10.70 0.81 9.24
CA GLY A 103 -10.01 2.03 9.63
C GLY A 103 -8.72 1.71 10.40
N LYS A 104 -8.14 0.57 10.06
CA LYS A 104 -6.92 0.14 10.70
C LYS A 104 -6.37 -1.09 9.98
N PRO A 105 -5.09 -1.43 10.31
CA PRO A 105 -4.44 -2.58 9.69
C PRO A 105 -4.98 -3.89 10.29
N VAL A 106 -6.02 -4.40 9.65
CA VAL A 106 -6.63 -5.64 10.10
C VAL A 106 -5.55 -6.69 10.30
N GLU A 107 -5.95 -7.81 10.88
CA GLU A 107 -5.02 -8.90 11.13
C GLU A 107 -4.86 -9.77 9.88
N MET A 108 -3.73 -10.45 9.81
CA MET A 108 -3.45 -11.31 8.67
C MET A 108 -3.82 -12.76 8.97
N THR A 109 -5.05 -13.11 8.65
CA THR A 109 -5.54 -14.46 8.89
C THR A 109 -5.16 -15.37 7.72
N GLY A 110 -4.30 -14.85 6.85
CA GLY A 110 -3.85 -15.61 5.70
C GLY A 110 -4.72 -15.31 4.48
N LYS A 111 -6.02 -15.49 4.65
CA LYS A 111 -6.96 -15.24 3.57
C LYS A 111 -6.63 -13.90 2.92
N HIS A 112 -6.04 -13.02 3.71
CA HIS A 112 -5.66 -11.71 3.21
C HIS A 112 -4.49 -11.83 2.24
N GLN A 113 -3.52 -12.64 2.63
CA GLN A 113 -2.35 -12.85 1.80
C GLN A 113 -2.72 -13.70 0.57
N LEU A 114 -2.36 -13.19 -0.60
CA LEU A 114 -2.65 -13.88 -1.84
C LEU A 114 -2.37 -15.37 -1.65
N SER A 115 -1.10 -15.68 -1.41
CA SER A 115 -0.69 -17.06 -1.22
C SER A 115 -1.34 -17.95 -2.28
N GLY A 116 -0.60 -18.16 -3.36
CA GLY A 116 -1.10 -18.99 -4.45
C GLY A 116 -0.77 -20.47 -4.21
N PRO A 117 -1.42 -21.33 -5.03
CA PRO A 117 -1.22 -22.77 -4.91
C PRO A 117 0.15 -23.18 -5.48
N SER A 118 0.78 -24.13 -4.79
CA SER A 118 2.07 -24.62 -5.22
C SER A 118 1.93 -26.02 -5.82
N SER A 119 0.76 -26.59 -5.66
CA SER A 119 0.48 -27.91 -6.17
C SER A 119 -0.93 -27.97 -6.75
N GLY A 120 -1.17 -29.01 -7.54
CA GLY A 120 -2.49 -29.20 -8.15
C GLY A 120 -3.32 -30.21 -7.37
N GLY A 1 22.19 15.43 30.13
CA GLY A 1 23.36 15.84 29.36
C GLY A 1 23.08 15.80 27.87
N SER A 2 23.29 16.94 27.22
CA SER A 2 23.06 17.04 25.79
C SER A 2 21.59 16.82 25.47
N SER A 3 21.13 17.46 24.42
CA SER A 3 19.75 17.33 23.99
C SER A 3 19.50 18.16 22.73
N GLY A 4 18.42 17.83 22.04
CA GLY A 4 18.07 18.52 20.81
C GLY A 4 16.74 18.00 20.25
N SER A 5 16.34 18.58 19.13
CA SER A 5 15.10 18.19 18.48
C SER A 5 14.96 18.92 17.15
N SER A 6 14.06 18.40 16.32
CA SER A 6 13.82 18.98 15.01
C SER A 6 12.70 20.01 15.10
N GLY A 7 11.53 19.54 15.50
CA GLY A 7 10.36 20.41 15.64
C GLY A 7 9.58 20.48 14.32
N THR A 8 8.34 20.91 14.44
CA THR A 8 7.47 21.03 13.27
C THR A 8 6.50 22.19 13.44
N GLY A 9 6.26 22.90 12.35
CA GLY A 9 5.35 24.03 12.37
C GLY A 9 4.35 23.95 11.22
N ALA A 10 3.12 24.32 11.53
CA ALA A 10 2.06 24.29 10.53
C ALA A 10 0.90 25.17 11.01
N LEU A 11 0.45 26.04 10.12
CA LEU A 11 -0.64 26.95 10.43
C LEU A 11 -1.96 26.31 10.00
N MET A 12 -2.67 25.76 10.98
CA MET A 12 -3.93 25.11 10.72
C MET A 12 -4.64 24.72 12.03
N ALA A 13 -3.98 23.85 12.77
CA ALA A 13 -4.53 23.40 14.04
C ALA A 13 -3.39 22.98 14.96
N SER A 14 -2.67 21.96 14.54
CA SER A 14 -1.55 21.45 15.32
C SER A 14 -0.42 21.01 14.38
N SER A 15 -0.72 19.99 13.59
CA SER A 15 0.25 19.46 12.64
C SER A 15 -0.41 18.42 11.73
N PRO A 16 -1.11 18.94 10.69
CA PRO A 16 -1.79 18.08 9.74
C PRO A 16 -0.78 17.41 8.80
N GLN A 17 0.03 16.53 9.37
CA GLN A 17 1.04 15.82 8.60
C GLN A 17 1.76 14.80 9.47
N ASP A 18 0.97 13.88 10.00
CA ASP A 18 1.53 12.83 10.85
C ASP A 18 0.74 11.53 10.63
N ILE A 19 1.28 10.70 9.75
CA ILE A 19 0.65 9.43 9.44
C ILE A 19 0.17 8.78 10.73
N LYS A 20 -1.03 8.22 10.67
CA LYS A 20 -1.61 7.57 11.82
C LYS A 20 -0.75 6.36 12.21
N PHE A 21 -0.59 5.46 11.24
CA PHE A 21 0.21 4.26 11.46
C PHE A 21 1.71 4.55 11.25
N GLN A 22 2.00 5.11 10.09
CA GLN A 22 3.38 5.44 9.75
C GLN A 22 4.11 4.20 9.23
N ASP A 23 4.20 3.19 10.07
CA ASP A 23 4.86 1.95 9.70
C ASP A 23 3.84 1.01 9.05
N LEU A 24 3.04 1.58 8.15
CA LEU A 24 2.03 0.81 7.46
C LEU A 24 1.92 1.30 6.02
N VAL A 25 3.02 1.16 5.29
CA VAL A 25 3.06 1.58 3.90
C VAL A 25 2.31 0.57 3.03
N VAL A 26 1.27 1.05 2.38
CA VAL A 26 0.46 0.20 1.52
C VAL A 26 0.67 0.62 0.06
N PHE A 27 1.02 -0.36 -0.75
CA PHE A 27 1.25 -0.11 -2.16
C PHE A 27 0.28 -0.93 -3.03
N ILE A 28 -0.63 -0.22 -3.68
CA ILE A 28 -1.61 -0.86 -4.54
C ILE A 28 -0.97 -1.16 -5.89
N LEU A 29 -1.37 -2.29 -6.47
CA LEU A 29 -0.85 -2.70 -7.76
C LEU A 29 -1.90 -2.42 -8.84
N GLU A 30 -1.52 -1.59 -9.79
CA GLU A 30 -2.42 -1.24 -10.88
C GLU A 30 -2.88 -2.49 -11.61
N LYS A 31 -1.92 -3.35 -11.92
CA LYS A 31 -2.22 -4.59 -12.61
C LYS A 31 -3.54 -5.16 -12.10
N LYS A 32 -4.43 -5.44 -13.04
CA LYS A 32 -5.74 -5.99 -12.69
C LYS A 32 -6.50 -4.98 -11.83
N MET A 33 -6.65 -3.79 -12.38
CA MET A 33 -7.35 -2.73 -11.66
C MET A 33 -7.42 -1.45 -12.52
N GLY A 34 -6.27 -0.83 -12.67
CA GLY A 34 -6.18 0.39 -13.47
C GLY A 34 -5.63 1.54 -12.62
N THR A 35 -5.84 2.76 -13.12
CA THR A 35 -5.37 3.95 -12.43
C THR A 35 -6.45 4.46 -11.48
N THR A 36 -7.63 4.68 -12.04
CA THR A 36 -8.75 5.17 -11.25
C THR A 36 -8.80 4.47 -9.89
N ARG A 37 -9.16 3.20 -9.93
CA ARG A 37 -9.24 2.40 -8.71
C ARG A 37 -7.93 2.49 -7.93
N ARG A 38 -6.87 2.03 -8.57
CA ARG A 38 -5.55 2.04 -7.95
C ARG A 38 -5.35 3.33 -7.14
N ALA A 39 -5.49 4.45 -7.84
CA ALA A 39 -5.34 5.75 -7.21
C ALA A 39 -6.42 5.93 -6.15
N LEU A 40 -7.66 5.73 -6.58
CA LEU A 40 -8.79 5.86 -5.67
C LEU A 40 -8.50 5.12 -4.38
N LEU A 41 -8.50 3.79 -4.48
CA LEU A 41 -8.24 2.96 -3.32
C LEU A 41 -7.08 3.55 -2.52
N MET A 42 -5.96 3.73 -3.21
CA MET A 42 -4.77 4.28 -2.59
C MET A 42 -5.11 5.53 -1.77
N GLU A 43 -5.98 6.35 -2.35
CA GLU A 43 -6.39 7.58 -1.68
C GLU A 43 -7.33 7.26 -0.51
N LEU A 44 -8.17 6.26 -0.72
CA LEU A 44 -9.11 5.85 0.30
C LEU A 44 -8.34 5.40 1.55
N ALA A 45 -7.32 4.59 1.31
CA ALA A 45 -6.50 4.09 2.40
C ALA A 45 -5.85 5.26 3.13
N ARG A 46 -5.38 6.22 2.34
CA ARG A 46 -4.73 7.40 2.90
C ARG A 46 -5.67 8.11 3.87
N ARG A 47 -6.92 8.27 3.44
CA ARG A 47 -7.93 8.92 4.25
C ARG A 47 -8.07 8.21 5.60
N LYS A 48 -7.64 6.95 5.61
CA LYS A 48 -7.72 6.15 6.81
C LYS A 48 -6.47 6.41 7.68
N GLY A 49 -5.45 6.96 7.04
CA GLY A 49 -4.21 7.26 7.72
C GLY A 49 -3.05 6.43 7.17
N PHE A 50 -3.41 5.40 6.41
CA PHE A 50 -2.43 4.52 5.82
C PHE A 50 -1.48 5.29 4.91
N ARG A 51 -0.20 5.01 5.07
CA ARG A 51 0.82 5.68 4.27
C ARG A 51 0.94 5.01 2.90
N VAL A 52 0.02 5.37 2.03
CA VAL A 52 0.00 4.82 0.68
C VAL A 52 1.05 5.54 -0.17
N GLU A 53 1.57 4.82 -1.15
CA GLU A 53 2.57 5.37 -2.04
C GLU A 53 2.18 5.14 -3.50
N ASN A 54 2.45 6.14 -4.32
CA ASN A 54 2.13 6.04 -5.74
C ASN A 54 3.16 5.14 -6.43
N GLU A 55 4.36 5.13 -5.88
CA GLU A 55 5.43 4.32 -6.43
C GLU A 55 6.04 3.43 -5.34
N LEU A 56 6.53 2.29 -5.77
CA LEU A 56 7.14 1.34 -4.84
C LEU A 56 8.37 1.98 -4.19
N SER A 57 8.71 1.47 -3.02
CA SER A 57 9.84 1.98 -2.28
C SER A 57 10.25 0.99 -1.18
N ASP A 58 11.40 1.25 -0.59
CA ASP A 58 11.92 0.40 0.46
C ASP A 58 11.06 0.57 1.72
N SER A 59 10.17 1.55 1.65
CA SER A 59 9.29 1.82 2.77
C SER A 59 8.03 0.97 2.67
N VAL A 60 7.79 0.47 1.46
CA VAL A 60 6.62 -0.37 1.22
C VAL A 60 6.71 -1.63 2.08
N THR A 61 5.76 -1.76 2.99
CA THR A 61 5.72 -2.91 3.87
C THR A 61 4.50 -3.78 3.57
N HIS A 62 3.66 -3.27 2.69
CA HIS A 62 2.45 -3.99 2.30
C HIS A 62 2.07 -3.61 0.87
N ILE A 63 2.00 -4.64 0.02
CA ILE A 63 1.64 -4.43 -1.37
C ILE A 63 0.27 -5.03 -1.63
N VAL A 64 -0.64 -4.19 -2.09
CA VAL A 64 -1.99 -4.62 -2.38
C VAL A 64 -2.09 -4.97 -3.87
N ALA A 65 -2.84 -6.04 -4.14
CA ALA A 65 -3.03 -6.49 -5.50
C ALA A 65 -4.36 -7.24 -5.61
N GLU A 66 -5.21 -6.75 -6.49
CA GLU A 66 -6.51 -7.37 -6.71
C GLU A 66 -6.43 -8.43 -7.80
N ASN A 67 -6.97 -9.60 -7.48
CA ASN A 67 -6.96 -10.71 -8.42
C ASN A 67 -5.55 -11.32 -8.46
N ASN A 68 -4.60 -10.49 -8.87
CA ASN A 68 -3.22 -10.93 -8.96
C ASN A 68 -2.92 -11.92 -7.82
N SER A 69 -2.16 -12.94 -8.16
CA SER A 69 -1.79 -13.95 -7.18
C SER A 69 -0.43 -13.61 -6.56
N GLY A 70 -0.22 -14.13 -5.35
CA GLY A 70 1.02 -13.90 -4.65
C GLY A 70 2.20 -13.80 -5.62
N SER A 71 2.48 -14.92 -6.29
CA SER A 71 3.57 -14.98 -7.24
C SER A 71 3.48 -13.80 -8.20
N ASP A 72 2.32 -13.66 -8.82
CA ASP A 72 2.09 -12.59 -9.77
C ASP A 72 2.63 -11.28 -9.18
N VAL A 73 2.55 -11.17 -7.87
CA VAL A 73 3.03 -9.98 -7.19
C VAL A 73 4.48 -10.21 -6.76
N LEU A 74 4.80 -11.46 -6.48
CA LEU A 74 6.14 -11.81 -6.06
C LEU A 74 7.10 -11.64 -7.23
N GLU A 75 6.71 -12.23 -8.36
CA GLU A 75 7.52 -12.15 -9.57
C GLU A 75 7.80 -10.69 -9.93
N TRP A 76 6.76 -9.87 -9.80
CA TRP A 76 6.88 -8.46 -10.11
C TRP A 76 7.87 -7.84 -9.12
N LEU A 77 7.74 -8.23 -7.87
CA LEU A 77 8.61 -7.73 -6.82
C LEU A 77 10.06 -7.83 -7.30
N GLN A 78 10.42 -9.03 -7.75
CA GLN A 78 11.77 -9.28 -8.23
C GLN A 78 12.01 -8.53 -9.54
N ALA A 79 10.93 -8.31 -10.27
CA ALA A 79 11.02 -7.61 -11.54
C ALA A 79 11.36 -6.15 -11.29
N GLN A 80 10.91 -5.65 -10.15
CA GLN A 80 11.16 -4.27 -9.78
C GLN A 80 12.66 -3.97 -9.84
N LYS A 81 12.97 -2.69 -9.98
CA LYS A 81 14.36 -2.25 -10.06
C LYS A 81 14.73 -1.54 -8.76
N VAL A 82 13.72 -1.34 -7.92
CA VAL A 82 13.93 -0.68 -6.65
C VAL A 82 14.59 -1.66 -5.67
N GLN A 83 15.11 -1.10 -4.57
CA GLN A 83 15.76 -1.91 -3.56
C GLN A 83 14.97 -1.85 -2.25
N VAL A 84 14.63 -3.02 -1.74
CA VAL A 84 13.87 -3.12 -0.50
C VAL A 84 14.73 -3.83 0.55
N SER A 85 15.09 -3.09 1.58
CA SER A 85 15.89 -3.63 2.66
C SER A 85 15.36 -5.01 3.07
N SER A 86 14.06 -5.20 2.83
CA SER A 86 13.41 -6.45 3.17
C SER A 86 12.41 -6.82 2.09
N GLN A 87 11.32 -7.44 2.52
CA GLN A 87 10.27 -7.86 1.60
C GLN A 87 8.90 -7.43 2.13
N PRO A 88 8.15 -6.72 1.25
CA PRO A 88 6.82 -6.24 1.61
C PRO A 88 5.81 -7.39 1.60
N GLU A 89 4.71 -7.17 2.32
CA GLU A 89 3.67 -8.17 2.40
C GLU A 89 2.79 -8.13 1.15
N LEU A 90 2.41 -9.31 0.68
CA LEU A 90 1.58 -9.44 -0.50
C LEU A 90 0.20 -9.95 -0.10
N LEU A 91 -0.77 -9.05 -0.18
CA LEU A 91 -2.14 -9.39 0.17
C LEU A 91 -3.08 -8.92 -0.94
N ASP A 92 -4.29 -9.48 -0.92
CA ASP A 92 -5.28 -9.13 -1.93
C ASP A 92 -6.02 -7.86 -1.47
N VAL A 93 -6.55 -7.13 -2.45
CA VAL A 93 -7.27 -5.91 -2.17
C VAL A 93 -8.21 -6.15 -0.99
N SER A 94 -8.72 -7.37 -0.91
CA SER A 94 -9.63 -7.73 0.17
C SER A 94 -9.10 -7.22 1.51
N TRP A 95 -7.78 -7.11 1.58
CA TRP A 95 -7.13 -6.64 2.80
C TRP A 95 -7.36 -5.13 2.89
N LEU A 96 -7.14 -4.46 1.77
CA LEU A 96 -7.31 -3.02 1.72
C LEU A 96 -8.78 -2.68 1.99
N ILE A 97 -9.65 -3.32 1.24
CA ILE A 97 -11.08 -3.10 1.39
C ILE A 97 -11.45 -3.18 2.88
N GLU A 98 -10.80 -4.12 3.56
CA GLU A 98 -11.05 -4.30 4.98
C GLU A 98 -10.27 -3.26 5.80
N CYS A 99 -8.99 -3.18 5.51
CA CYS A 99 -8.13 -2.23 6.21
C CYS A 99 -8.82 -0.87 6.22
N ILE A 100 -9.56 -0.61 5.15
CA ILE A 100 -10.27 0.65 5.02
C ILE A 100 -11.46 0.66 5.98
N GLY A 101 -12.43 -0.19 5.69
CA GLY A 101 -13.62 -0.29 6.51
C GLY A 101 -13.24 -0.56 7.97
N ALA A 102 -12.01 -1.01 8.16
CA ALA A 102 -11.53 -1.32 9.50
C ALA A 102 -10.71 -0.14 10.02
N GLY A 103 -10.30 0.71 9.09
CA GLY A 103 -9.51 1.89 9.44
C GLY A 103 -8.22 1.47 10.15
N LYS A 104 -7.89 0.20 10.03
CA LYS A 104 -6.69 -0.33 10.65
C LYS A 104 -6.17 -1.51 9.83
N PRO A 105 -4.88 -1.87 10.08
CA PRO A 105 -4.25 -2.98 9.38
C PRO A 105 -4.78 -4.33 9.90
N VAL A 106 -5.94 -4.71 9.39
CA VAL A 106 -6.55 -5.97 9.80
C VAL A 106 -5.47 -7.05 9.90
N GLU A 107 -5.80 -8.11 10.63
CA GLU A 107 -4.87 -9.21 10.80
C GLU A 107 -4.88 -10.12 9.57
N MET A 108 -3.72 -10.68 9.28
CA MET A 108 -3.59 -11.57 8.13
C MET A 108 -3.92 -13.00 8.52
N THR A 109 -5.03 -13.48 7.99
CA THR A 109 -5.48 -14.84 8.26
C THR A 109 -5.47 -15.68 6.98
N GLY A 110 -4.49 -15.39 6.14
CA GLY A 110 -4.36 -16.10 4.88
C GLY A 110 -5.17 -15.42 3.77
N LYS A 111 -6.48 -15.41 3.97
CA LYS A 111 -7.38 -14.79 3.01
C LYS A 111 -6.75 -13.50 2.48
N HIS A 112 -6.40 -12.63 3.41
CA HIS A 112 -5.79 -11.35 3.06
C HIS A 112 -4.57 -11.61 2.16
N GLN A 113 -3.70 -12.49 2.63
CA GLN A 113 -2.50 -12.82 1.88
C GLN A 113 -2.87 -13.41 0.52
N LEU A 114 -1.93 -13.28 -0.41
CA LEU A 114 -2.14 -13.80 -1.76
C LEU A 114 -1.59 -15.23 -1.84
N SER A 115 -0.29 -15.35 -1.67
CA SER A 115 0.37 -16.64 -1.73
C SER A 115 1.87 -16.48 -1.48
N GLY A 116 2.56 -17.61 -1.49
CA GLY A 116 3.99 -17.61 -1.27
C GLY A 116 4.64 -18.86 -1.87
N PRO A 117 5.97 -18.98 -1.64
CA PRO A 117 6.72 -20.12 -2.14
C PRO A 117 6.43 -21.39 -1.33
N SER A 118 5.52 -22.20 -1.86
CA SER A 118 5.14 -23.43 -1.19
C SER A 118 5.05 -24.57 -2.21
N SER A 119 4.23 -24.34 -3.22
CA SER A 119 4.03 -25.34 -4.27
C SER A 119 4.12 -24.67 -5.65
N GLY A 120 4.47 -25.49 -6.63
CA GLY A 120 4.58 -24.99 -8.00
C GLY A 120 5.50 -25.88 -8.83
N GLY A 1 25.89 9.18 -17.03
CA GLY A 1 25.90 10.62 -16.82
C GLY A 1 24.65 11.06 -16.07
N SER A 2 24.34 12.34 -16.23
CA SER A 2 23.16 12.91 -15.58
C SER A 2 22.62 14.08 -16.40
N SER A 3 21.34 14.36 -16.20
CA SER A 3 20.69 15.43 -16.93
C SER A 3 19.19 15.43 -16.62
N GLY A 4 18.70 16.59 -16.19
CA GLY A 4 17.29 16.72 -15.87
C GLY A 4 17.05 16.54 -14.37
N SER A 5 16.22 17.42 -13.82
CA SER A 5 15.91 17.35 -12.40
C SER A 5 14.84 18.40 -12.07
N SER A 6 13.66 17.90 -11.71
CA SER A 6 12.55 18.78 -11.36
C SER A 6 11.37 17.94 -10.85
N GLY A 7 10.41 18.64 -10.27
CA GLY A 7 9.23 17.99 -9.73
C GLY A 7 8.43 18.94 -8.85
N THR A 8 8.32 20.18 -9.31
CA THR A 8 7.58 21.19 -8.57
C THR A 8 6.23 20.65 -8.12
N GLY A 9 5.54 21.44 -7.33
CA GLY A 9 4.23 21.06 -6.82
C GLY A 9 3.79 21.98 -5.68
N ALA A 10 2.48 22.08 -5.52
CA ALA A 10 1.91 22.91 -4.48
C ALA A 10 2.03 22.19 -3.13
N LEU A 11 1.24 22.66 -2.17
CA LEU A 11 1.25 22.06 -0.85
C LEU A 11 -0.19 22.04 -0.30
N MET A 12 -0.77 23.23 -0.19
CA MET A 12 -2.12 23.35 0.31
C MET A 12 -2.25 22.72 1.70
N ALA A 13 -3.31 23.11 2.39
CA ALA A 13 -3.56 22.60 3.73
C ALA A 13 -5.06 22.67 4.03
N SER A 14 -5.73 21.53 3.86
CA SER A 14 -7.15 21.46 4.12
C SER A 14 -7.66 20.05 3.82
N SER A 15 -7.35 19.14 4.75
CA SER A 15 -7.76 17.76 4.60
C SER A 15 -7.06 16.89 5.64
N PRO A 16 -7.58 15.64 5.81
CA PRO A 16 -7.00 14.71 6.76
C PRO A 16 -5.69 14.12 6.23
N GLN A 17 -4.70 14.99 6.13
CA GLN A 17 -3.39 14.58 5.64
C GLN A 17 -2.40 14.47 6.81
N ASP A 18 -2.67 13.53 7.70
CA ASP A 18 -1.82 13.31 8.85
C ASP A 18 -1.56 11.81 9.01
N ILE A 19 -0.44 11.38 8.45
CA ILE A 19 -0.06 9.98 8.53
C ILE A 19 -0.24 9.48 9.97
N LYS A 20 -1.03 8.44 10.11
CA LYS A 20 -1.29 7.87 11.42
C LYS A 20 -0.26 6.75 11.69
N PHE A 21 -0.20 5.80 10.78
CA PHE A 21 0.72 4.69 10.92
C PHE A 21 2.05 5.00 10.22
N GLN A 22 3.10 5.02 11.02
CA GLN A 22 4.44 5.30 10.51
C GLN A 22 5.16 3.99 10.18
N ASP A 23 4.39 3.00 9.76
CA ASP A 23 4.94 1.71 9.42
C ASP A 23 3.85 0.85 8.77
N LEU A 24 3.08 1.48 7.91
CA LEU A 24 2.00 0.78 7.22
C LEU A 24 1.92 1.29 5.78
N VAL A 25 3.04 1.15 5.07
CA VAL A 25 3.11 1.59 3.70
C VAL A 25 2.38 0.57 2.81
N VAL A 26 1.28 1.04 2.22
CA VAL A 26 0.48 0.19 1.35
C VAL A 26 0.70 0.60 -0.10
N PHE A 27 0.98 -0.39 -0.93
CA PHE A 27 1.22 -0.15 -2.34
C PHE A 27 0.29 -1.01 -3.21
N ILE A 28 -0.64 -0.33 -3.88
CA ILE A 28 -1.59 -1.02 -4.74
C ILE A 28 -0.92 -1.33 -6.08
N LEU A 29 -1.29 -2.47 -6.65
CA LEU A 29 -0.73 -2.90 -7.92
C LEU A 29 -1.74 -2.60 -9.03
N GLU A 30 -1.49 -1.51 -9.74
CA GLU A 30 -2.36 -1.11 -10.83
C GLU A 30 -2.76 -2.33 -11.67
N LYS A 31 -1.75 -3.09 -12.05
CA LYS A 31 -1.98 -4.29 -12.85
C LYS A 31 -3.25 -4.98 -12.37
N LYS A 32 -4.20 -5.13 -13.30
CA LYS A 32 -5.45 -5.77 -12.98
C LYS A 32 -6.31 -4.82 -12.14
N MET A 33 -6.43 -3.59 -12.62
CA MET A 33 -7.21 -2.59 -11.92
C MET A 33 -7.22 -1.26 -12.68
N GLY A 34 -6.05 -0.63 -12.71
CA GLY A 34 -5.91 0.64 -13.40
C GLY A 34 -5.37 1.72 -12.47
N THR A 35 -5.46 2.96 -12.92
CA THR A 35 -4.99 4.09 -12.13
C THR A 35 -6.12 4.62 -11.25
N THR A 36 -7.26 4.88 -11.90
CA THR A 36 -8.42 5.40 -11.18
C THR A 36 -8.62 4.64 -9.87
N ARG A 37 -9.03 3.39 -10.01
CA ARG A 37 -9.27 2.55 -8.85
C ARG A 37 -8.03 2.52 -7.95
N ARG A 38 -6.93 2.09 -8.53
CA ARG A 38 -5.68 2.01 -7.79
C ARG A 38 -5.49 3.27 -6.94
N ALA A 39 -5.47 4.41 -7.62
CA ALA A 39 -5.29 5.68 -6.95
C ALA A 39 -6.40 5.86 -5.90
N LEU A 40 -7.63 5.78 -6.36
CA LEU A 40 -8.77 5.93 -5.49
C LEU A 40 -8.52 5.14 -4.19
N LEU A 41 -8.57 3.83 -4.32
CA LEU A 41 -8.35 2.96 -3.18
C LEU A 41 -7.20 3.51 -2.33
N MET A 42 -6.06 3.67 -2.99
CA MET A 42 -4.88 4.19 -2.32
C MET A 42 -5.22 5.45 -1.51
N GLU A 43 -5.92 6.36 -2.16
CA GLU A 43 -6.32 7.61 -1.52
C GLU A 43 -7.26 7.32 -0.35
N LEU A 44 -8.20 6.43 -0.58
CA LEU A 44 -9.17 6.07 0.44
C LEU A 44 -8.42 5.56 1.68
N ALA A 45 -7.39 4.75 1.42
CA ALA A 45 -6.60 4.20 2.50
C ALA A 45 -6.04 5.34 3.35
N ARG A 46 -5.53 6.35 2.68
CA ARG A 46 -4.96 7.50 3.35
C ARG A 46 -5.99 8.12 4.29
N ARG A 47 -7.21 8.26 3.78
CA ARG A 47 -8.29 8.83 4.56
C ARG A 47 -8.43 8.10 5.90
N LYS A 48 -7.87 6.90 5.95
CA LYS A 48 -7.93 6.10 7.15
C LYS A 48 -6.70 6.41 8.02
N GLY A 49 -5.65 6.86 7.37
CA GLY A 49 -4.43 7.20 8.06
C GLY A 49 -3.28 6.30 7.62
N PHE A 50 -3.44 5.71 6.45
CA PHE A 50 -2.43 4.82 5.90
C PHE A 50 -1.47 5.57 4.99
N ARG A 51 -0.21 5.18 5.04
CA ARG A 51 0.82 5.81 4.23
C ARG A 51 0.90 5.12 2.87
N VAL A 52 -0.01 5.51 1.99
CA VAL A 52 -0.05 4.94 0.65
C VAL A 52 1.00 5.62 -0.22
N GLU A 53 1.48 4.88 -1.21
CA GLU A 53 2.49 5.41 -2.12
C GLU A 53 2.07 5.17 -3.57
N ASN A 54 2.42 6.13 -4.42
CA ASN A 54 2.10 6.03 -5.83
C ASN A 54 3.10 5.11 -6.52
N GLU A 55 4.33 5.17 -6.05
CA GLU A 55 5.39 4.35 -6.61
C GLU A 55 5.99 3.44 -5.53
N LEU A 56 6.49 2.30 -5.97
CA LEU A 56 7.10 1.34 -5.06
C LEU A 56 8.28 2.01 -4.35
N SER A 57 8.60 1.48 -3.17
CA SER A 57 9.70 2.01 -2.39
C SER A 57 10.03 1.06 -1.24
N ASP A 58 11.26 1.15 -0.77
CA ASP A 58 11.71 0.31 0.32
C ASP A 58 10.78 0.48 1.53
N SER A 59 10.06 1.60 1.50
CA SER A 59 9.12 1.90 2.58
C SER A 59 7.89 1.02 2.46
N VAL A 60 7.67 0.51 1.25
CA VAL A 60 6.53 -0.34 1.00
C VAL A 60 6.64 -1.61 1.85
N THR A 61 5.70 -1.76 2.76
CA THR A 61 5.68 -2.92 3.65
C THR A 61 4.51 -3.84 3.29
N HIS A 62 3.55 -3.28 2.56
CA HIS A 62 2.38 -4.03 2.17
C HIS A 62 2.01 -3.68 0.72
N ILE A 63 1.99 -4.71 -0.12
CA ILE A 63 1.66 -4.52 -1.52
C ILE A 63 0.29 -5.13 -1.80
N VAL A 64 -0.63 -4.27 -2.25
CA VAL A 64 -1.97 -4.70 -2.56
C VAL A 64 -2.07 -5.04 -4.06
N ALA A 65 -2.87 -6.04 -4.36
CA ALA A 65 -3.06 -6.46 -5.73
C ALA A 65 -4.34 -7.30 -5.84
N GLU A 66 -5.12 -7.00 -6.86
CA GLU A 66 -6.38 -7.70 -7.09
C GLU A 66 -6.24 -8.64 -8.28
N ASN A 67 -6.83 -9.82 -8.13
CA ASN A 67 -6.79 -10.82 -9.19
C ASN A 67 -5.33 -11.20 -9.48
N ASN A 68 -4.55 -11.24 -8.40
CA ASN A 68 -3.14 -11.59 -8.52
C ASN A 68 -2.77 -12.58 -7.41
N SER A 69 -1.83 -13.44 -7.73
CA SER A 69 -1.37 -14.43 -6.77
C SER A 69 -0.01 -14.03 -6.20
N GLY A 70 0.18 -14.36 -4.93
CA GLY A 70 1.43 -14.03 -4.26
C GLY A 70 2.63 -14.30 -5.16
N SER A 71 2.44 -15.26 -6.06
CA SER A 71 3.50 -15.62 -6.99
C SER A 71 3.67 -14.53 -8.05
N ASP A 72 2.54 -14.08 -8.58
CA ASP A 72 2.55 -13.04 -9.59
C ASP A 72 3.21 -11.78 -9.03
N VAL A 73 2.71 -11.36 -7.88
CA VAL A 73 3.24 -10.17 -7.22
C VAL A 73 4.73 -10.37 -6.96
N LEU A 74 5.09 -11.62 -6.66
CA LEU A 74 6.47 -11.95 -6.38
C LEU A 74 7.32 -11.68 -7.62
N GLU A 75 7.00 -12.40 -8.70
CA GLU A 75 7.72 -12.25 -9.94
C GLU A 75 7.90 -10.77 -10.28
N TRP A 76 6.85 -10.01 -10.01
CA TRP A 76 6.88 -8.58 -10.28
C TRP A 76 7.87 -7.93 -9.31
N LEU A 77 7.82 -8.39 -8.06
CA LEU A 77 8.70 -7.87 -7.03
C LEU A 77 10.14 -7.95 -7.52
N GLN A 78 10.54 -9.15 -7.94
CA GLN A 78 11.88 -9.36 -8.43
C GLN A 78 12.12 -8.57 -9.71
N ALA A 79 11.04 -8.38 -10.47
CA ALA A 79 11.11 -7.64 -11.71
C ALA A 79 11.47 -6.19 -11.41
N GLN A 80 10.98 -5.70 -10.28
CA GLN A 80 11.25 -4.34 -9.88
C GLN A 80 12.75 -4.05 -9.91
N LYS A 81 13.07 -2.77 -10.01
CA LYS A 81 14.47 -2.35 -10.05
C LYS A 81 14.82 -1.63 -8.76
N VAL A 82 13.80 -1.44 -7.92
CA VAL A 82 13.99 -0.76 -6.65
C VAL A 82 14.56 -1.76 -5.63
N GLN A 83 15.09 -1.20 -4.55
CA GLN A 83 15.66 -2.02 -3.49
C GLN A 83 14.81 -1.93 -2.23
N VAL A 84 14.48 -3.09 -1.69
CA VAL A 84 13.67 -3.16 -0.48
C VAL A 84 14.48 -3.84 0.63
N SER A 85 14.55 -3.16 1.76
CA SER A 85 15.28 -3.68 2.90
C SER A 85 14.65 -4.98 3.39
N SER A 86 13.35 -5.09 3.15
CA SER A 86 12.61 -6.28 3.55
C SER A 86 11.39 -6.46 2.65
N GLN A 87 11.30 -7.65 2.07
CA GLN A 87 10.19 -7.97 1.18
C GLN A 87 8.87 -7.50 1.80
N PRO A 88 8.07 -6.77 0.97
CA PRO A 88 6.79 -6.27 1.43
C PRO A 88 5.76 -7.39 1.50
N GLU A 89 4.65 -7.11 2.19
CA GLU A 89 3.58 -8.07 2.34
C GLU A 89 2.71 -8.10 1.08
N LEU A 90 2.35 -9.30 0.66
CA LEU A 90 1.52 -9.48 -0.52
C LEU A 90 0.10 -9.84 -0.08
N LEU A 91 -0.79 -8.87 -0.21
CA LEU A 91 -2.19 -9.07 0.16
C LEU A 91 -3.08 -8.70 -1.02
N ASP A 92 -4.35 -9.07 -0.90
CA ASP A 92 -5.32 -8.78 -1.94
C ASP A 92 -6.03 -7.47 -1.61
N VAL A 93 -6.67 -6.90 -2.63
CA VAL A 93 -7.39 -5.66 -2.47
C VAL A 93 -8.36 -5.79 -1.28
N SER A 94 -8.76 -7.02 -1.02
CA SER A 94 -9.68 -7.29 0.07
C SER A 94 -9.14 -6.69 1.37
N TRP A 95 -7.93 -7.11 1.71
CA TRP A 95 -7.29 -6.62 2.93
C TRP A 95 -7.50 -5.10 3.00
N LEU A 96 -7.25 -4.45 1.87
CA LEU A 96 -7.41 -3.01 1.79
C LEU A 96 -8.85 -2.64 2.16
N ILE A 97 -9.78 -3.14 1.36
CA ILE A 97 -11.19 -2.87 1.60
C ILE A 97 -11.48 -2.98 3.09
N GLU A 98 -10.86 -3.98 3.71
CA GLU A 98 -11.05 -4.20 5.14
C GLU A 98 -10.30 -3.14 5.95
N CYS A 99 -9.02 -2.99 5.64
CA CYS A 99 -8.20 -2.03 6.33
C CYS A 99 -8.89 -0.67 6.25
N ILE A 100 -9.71 -0.50 5.23
CA ILE A 100 -10.44 0.74 5.04
C ILE A 100 -11.66 0.75 5.95
N GLY A 101 -12.55 -0.21 5.71
CA GLY A 101 -13.76 -0.32 6.49
C GLY A 101 -13.43 -0.54 7.98
N ALA A 102 -12.19 -0.93 8.22
CA ALA A 102 -11.75 -1.18 9.58
C ALA A 102 -10.98 0.04 10.10
N GLY A 103 -10.40 0.78 9.16
CA GLY A 103 -9.65 1.97 9.51
C GLY A 103 -8.34 1.60 10.21
N LYS A 104 -7.97 0.33 10.10
CA LYS A 104 -6.75 -0.16 10.72
C LYS A 104 -6.25 -1.38 9.94
N PRO A 105 -4.96 -1.74 10.19
CA PRO A 105 -4.36 -2.88 9.55
C PRO A 105 -4.88 -4.20 10.14
N VAL A 106 -6.02 -4.63 9.62
CA VAL A 106 -6.62 -5.86 10.10
C VAL A 106 -5.57 -6.97 10.13
N GLU A 107 -5.87 -8.02 10.87
CA GLU A 107 -4.96 -9.15 10.99
C GLU A 107 -4.77 -9.81 9.63
N MET A 108 -3.61 -10.45 9.48
CA MET A 108 -3.28 -11.13 8.24
C MET A 108 -3.49 -12.64 8.37
N THR A 109 -4.72 -13.01 8.69
CA THR A 109 -5.07 -14.42 8.85
C THR A 109 -4.34 -15.26 7.80
N GLY A 110 -4.69 -15.01 6.54
CA GLY A 110 -4.10 -15.74 5.44
C GLY A 110 -4.86 -15.49 4.14
N LYS A 111 -6.17 -15.40 4.27
CA LYS A 111 -7.02 -15.15 3.11
C LYS A 111 -6.71 -13.78 2.54
N HIS A 112 -5.97 -13.00 3.31
CA HIS A 112 -5.59 -11.65 2.88
C HIS A 112 -4.38 -11.74 1.94
N GLN A 113 -3.54 -12.72 2.22
CA GLN A 113 -2.34 -12.92 1.40
C GLN A 113 -2.70 -13.64 0.10
N LEU A 114 -2.28 -13.04 -1.00
CA LEU A 114 -2.54 -13.62 -2.31
C LEU A 114 -2.37 -15.14 -2.24
N SER A 115 -1.16 -15.54 -1.86
CA SER A 115 -0.85 -16.96 -1.75
C SER A 115 0.35 -17.15 -0.82
N GLY A 116 0.56 -18.41 -0.44
CA GLY A 116 1.67 -18.75 0.44
C GLY A 116 2.40 -19.99 -0.04
N PRO A 117 3.00 -20.72 0.93
CA PRO A 117 3.73 -21.94 0.61
C PRO A 117 2.77 -23.09 0.28
N SER A 118 3.25 -23.99 -0.57
CA SER A 118 2.45 -25.13 -0.97
C SER A 118 3.26 -26.04 -1.91
N SER A 119 3.01 -27.33 -1.80
CA SER A 119 3.70 -28.30 -2.62
C SER A 119 5.20 -28.33 -2.26
N GLY A 120 5.79 -29.49 -2.45
CA GLY A 120 7.20 -29.68 -2.14
C GLY A 120 7.65 -31.11 -2.45
N GLY A 1 -14.78 47.76 -17.17
CA GLY A 1 -15.10 49.06 -16.61
C GLY A 1 -13.89 49.70 -15.94
N SER A 2 -14.15 50.44 -14.88
CA SER A 2 -13.09 51.10 -14.14
C SER A 2 -13.35 50.98 -12.64
N SER A 3 -12.65 50.04 -12.03
CA SER A 3 -12.80 49.81 -10.60
C SER A 3 -11.81 48.74 -10.14
N GLY A 4 -11.57 48.71 -8.84
CA GLY A 4 -10.65 47.75 -8.26
C GLY A 4 -9.90 48.36 -7.06
N SER A 5 -10.26 47.88 -5.88
CA SER A 5 -9.64 48.36 -4.66
C SER A 5 -10.05 47.48 -3.48
N SER A 6 -9.22 46.47 -3.22
CA SER A 6 -9.48 45.55 -2.13
C SER A 6 -8.25 44.67 -1.89
N GLY A 7 -8.21 44.09 -0.70
CA GLY A 7 -7.10 43.21 -0.33
C GLY A 7 -7.46 42.35 0.87
N THR A 8 -8.44 41.48 0.67
CA THR A 8 -8.89 40.59 1.73
C THR A 8 -8.81 39.14 1.27
N GLY A 9 -8.44 38.27 2.21
CA GLY A 9 -8.33 36.85 1.92
C GLY A 9 -8.75 36.01 3.13
N ALA A 10 -9.33 34.86 2.84
CA ALA A 10 -9.76 33.96 3.89
C ALA A 10 -10.03 32.57 3.29
N LEU A 11 -8.95 31.91 2.89
CA LEU A 11 -9.05 30.60 2.31
C LEU A 11 -8.81 29.53 3.39
N MET A 12 -9.82 28.69 3.58
CA MET A 12 -9.73 27.63 4.58
C MET A 12 -8.96 26.42 4.03
N ALA A 13 -7.87 26.09 4.70
CA ALA A 13 -7.05 24.97 4.30
C ALA A 13 -7.81 23.67 4.55
N SER A 14 -7.40 22.63 3.85
CA SER A 14 -8.03 21.33 3.98
C SER A 14 -7.45 20.36 2.95
N SER A 15 -6.50 19.55 3.41
CA SER A 15 -5.87 18.57 2.55
C SER A 15 -5.71 17.25 3.29
N PRO A 16 -5.74 16.14 2.50
CA PRO A 16 -5.60 14.81 3.07
C PRO A 16 -4.15 14.53 3.45
N GLN A 17 -3.64 15.34 4.37
CA GLN A 17 -2.27 15.19 4.84
C GLN A 17 -2.23 15.00 6.35
N ASP A 18 -1.94 13.76 6.74
CA ASP A 18 -1.87 13.43 8.16
C ASP A 18 -1.75 11.90 8.31
N ILE A 19 -0.52 11.44 8.24
CA ILE A 19 -0.25 10.01 8.37
C ILE A 19 -0.38 9.60 9.83
N LYS A 20 -1.09 8.52 10.06
CA LYS A 20 -1.30 8.01 11.40
C LYS A 20 -0.35 6.85 11.65
N PHE A 21 -0.31 5.93 10.69
CA PHE A 21 0.56 4.77 10.80
C PHE A 21 1.91 5.03 10.15
N GLN A 22 2.93 5.13 10.99
CA GLN A 22 4.28 5.37 10.50
C GLN A 22 5.01 4.06 10.26
N ASP A 23 4.24 3.06 9.84
CA ASP A 23 4.79 1.75 9.56
C ASP A 23 3.72 0.86 8.93
N LEU A 24 2.99 1.45 8.00
CA LEU A 24 1.92 0.73 7.32
C LEU A 24 1.80 1.25 5.88
N VAL A 25 2.87 1.04 5.12
CA VAL A 25 2.88 1.48 3.74
C VAL A 25 2.16 0.46 2.86
N VAL A 26 1.09 0.92 2.23
CA VAL A 26 0.31 0.06 1.36
C VAL A 26 0.48 0.50 -0.08
N PHE A 27 0.91 -0.45 -0.91
CA PHE A 27 1.13 -0.18 -2.32
C PHE A 27 0.18 -1.01 -3.19
N ILE A 28 -0.74 -0.32 -3.84
CA ILE A 28 -1.70 -0.98 -4.70
C ILE A 28 -1.05 -1.27 -6.06
N LEU A 29 -1.36 -2.44 -6.59
CA LEU A 29 -0.82 -2.85 -7.87
C LEU A 29 -1.85 -2.58 -8.97
N GLU A 30 -1.56 -1.57 -9.78
CA GLU A 30 -2.46 -1.20 -10.87
C GLU A 30 -2.83 -2.45 -11.68
N LYS A 31 -1.83 -3.26 -11.95
CA LYS A 31 -2.04 -4.47 -12.72
C LYS A 31 -3.32 -5.16 -12.24
N LYS A 32 -4.16 -5.51 -13.21
CA LYS A 32 -5.42 -6.17 -12.90
C LYS A 32 -6.29 -5.24 -12.05
N MET A 33 -6.45 -4.02 -12.54
CA MET A 33 -7.25 -3.03 -11.85
C MET A 33 -7.29 -1.71 -12.63
N GLY A 34 -6.16 -1.02 -12.63
CA GLY A 34 -6.07 0.26 -13.33
C GLY A 34 -5.52 1.34 -12.42
N THR A 35 -5.56 2.57 -12.92
CA THR A 35 -5.06 3.71 -12.16
C THR A 35 -6.18 4.31 -11.30
N THR A 36 -7.30 4.58 -11.96
CA THR A 36 -8.45 5.15 -11.27
C THR A 36 -8.66 4.46 -9.92
N ARG A 37 -9.09 3.21 -9.99
CA ARG A 37 -9.33 2.43 -8.79
C ARG A 37 -8.08 2.41 -7.91
N ARG A 38 -6.99 1.97 -8.50
CA ARG A 38 -5.72 1.91 -7.79
C ARG A 38 -5.52 3.17 -6.94
N ALA A 39 -5.48 4.30 -7.64
CA ALA A 39 -5.29 5.58 -6.97
C ALA A 39 -6.42 5.79 -5.96
N LEU A 40 -7.64 5.65 -6.45
CA LEU A 40 -8.80 5.83 -5.59
C LEU A 40 -8.57 5.10 -4.27
N LEU A 41 -8.64 3.78 -4.33
CA LEU A 41 -8.45 2.95 -3.15
C LEU A 41 -7.28 3.51 -2.34
N MET A 42 -6.14 3.64 -3.01
CA MET A 42 -4.94 4.16 -2.37
C MET A 42 -5.25 5.43 -1.57
N GLU A 43 -6.06 6.29 -2.18
CA GLU A 43 -6.44 7.54 -1.54
C GLU A 43 -7.38 7.27 -0.36
N LEU A 44 -8.25 6.30 -0.56
CA LEU A 44 -9.21 5.93 0.47
C LEU A 44 -8.45 5.51 1.74
N ALA A 45 -7.45 4.67 1.53
CA ALA A 45 -6.64 4.19 2.65
C ALA A 45 -6.01 5.38 3.37
N ARG A 46 -5.40 6.26 2.57
CA ARG A 46 -4.75 7.44 3.12
C ARG A 46 -5.69 8.15 4.10
N ARG A 47 -6.93 8.34 3.66
CA ARG A 47 -7.92 9.00 4.49
C ARG A 47 -8.01 8.32 5.86
N LYS A 48 -7.61 7.06 5.89
CA LYS A 48 -7.64 6.29 7.12
C LYS A 48 -6.38 6.61 7.94
N GLY A 49 -5.34 7.01 7.23
CA GLY A 49 -4.08 7.34 7.87
C GLY A 49 -2.92 6.59 7.24
N PHE A 50 -3.23 5.41 6.70
CA PHE A 50 -2.22 4.59 6.07
C PHE A 50 -1.35 5.42 5.13
N ARG A 51 -0.10 4.99 5.00
CA ARG A 51 0.85 5.69 4.14
C ARG A 51 0.92 5.01 2.77
N VAL A 52 -0.02 5.39 1.91
CA VAL A 52 -0.08 4.83 0.58
C VAL A 52 0.97 5.53 -0.30
N GLU A 53 1.45 4.79 -1.29
CA GLU A 53 2.45 5.31 -2.20
C GLU A 53 2.05 5.01 -3.65
N ASN A 54 2.33 5.98 -4.52
CA ASN A 54 2.02 5.83 -5.93
C ASN A 54 3.10 4.99 -6.61
N GLU A 55 4.29 5.03 -6.02
CA GLU A 55 5.42 4.28 -6.55
C GLU A 55 6.02 3.40 -5.47
N LEU A 56 6.59 2.28 -5.90
CA LEU A 56 7.21 1.34 -4.98
C LEU A 56 8.36 2.03 -4.24
N SER A 57 8.67 1.50 -3.07
CA SER A 57 9.74 2.06 -2.26
C SER A 57 10.11 1.09 -1.14
N ASP A 58 11.24 1.36 -0.51
CA ASP A 58 11.71 0.53 0.58
C ASP A 58 10.76 0.67 1.77
N SER A 59 9.88 1.64 1.67
CA SER A 59 8.91 1.89 2.73
C SER A 59 7.70 0.98 2.56
N VAL A 60 7.55 0.47 1.34
CA VAL A 60 6.44 -0.42 1.04
C VAL A 60 6.57 -1.69 1.88
N THR A 61 5.67 -1.83 2.83
CA THR A 61 5.68 -2.99 3.71
C THR A 61 4.49 -3.90 3.39
N HIS A 62 3.64 -3.41 2.51
CA HIS A 62 2.46 -4.17 2.11
C HIS A 62 2.06 -3.79 0.69
N ILE A 63 1.91 -4.82 -0.15
CA ILE A 63 1.53 -4.60 -1.53
C ILE A 63 0.12 -5.15 -1.77
N VAL A 64 -0.74 -4.27 -2.26
CA VAL A 64 -2.11 -4.66 -2.54
C VAL A 64 -2.28 -4.90 -4.03
N ALA A 65 -3.05 -5.92 -4.35
CA ALA A 65 -3.31 -6.28 -5.74
C ALA A 65 -4.66 -7.00 -5.85
N GLU A 66 -5.21 -6.97 -7.05
CA GLU A 66 -6.48 -7.62 -7.30
C GLU A 66 -6.37 -8.59 -8.47
N ASN A 67 -6.91 -9.79 -8.27
CA ASN A 67 -6.87 -10.81 -9.30
C ASN A 67 -5.42 -11.15 -9.63
N ASN A 68 -4.63 -11.29 -8.57
CA ASN A 68 -3.21 -11.60 -8.74
C ASN A 68 -2.79 -12.61 -7.67
N SER A 69 -1.76 -13.38 -8.00
CA SER A 69 -1.26 -14.39 -7.07
C SER A 69 0.04 -13.90 -6.43
N GLY A 70 0.18 -14.22 -5.15
CA GLY A 70 1.36 -13.81 -4.41
C GLY A 70 2.63 -14.03 -5.24
N SER A 71 2.60 -15.10 -6.04
CA SER A 71 3.74 -15.43 -6.89
C SER A 71 3.87 -14.39 -8.01
N ASP A 72 2.72 -14.04 -8.58
CA ASP A 72 2.70 -13.07 -9.67
C ASP A 72 3.28 -11.73 -9.17
N VAL A 73 2.80 -11.32 -8.01
CA VAL A 73 3.25 -10.08 -7.41
C VAL A 73 4.75 -10.19 -7.07
N LEU A 74 5.10 -11.35 -6.53
CA LEU A 74 6.48 -11.60 -6.15
C LEU A 74 7.38 -11.41 -7.38
N GLU A 75 7.12 -12.22 -8.39
CA GLU A 75 7.89 -12.16 -9.61
C GLU A 75 8.10 -10.70 -10.04
N TRP A 76 7.03 -9.92 -9.89
CA TRP A 76 7.07 -8.52 -10.25
C TRP A 76 8.04 -7.81 -9.30
N LEU A 77 7.95 -8.18 -8.03
CA LEU A 77 8.80 -7.59 -7.01
C LEU A 77 10.27 -7.69 -7.47
N GLN A 78 10.67 -8.91 -7.79
CA GLN A 78 12.03 -9.15 -8.23
C GLN A 78 12.29 -8.43 -9.55
N ALA A 79 11.22 -8.29 -10.34
CA ALA A 79 11.34 -7.63 -11.62
C ALA A 79 11.71 -6.16 -11.41
N GLN A 80 11.26 -5.62 -10.28
CA GLN A 80 11.54 -4.23 -9.94
C GLN A 80 13.05 -4.00 -9.91
N LYS A 81 13.42 -2.73 -9.78
CA LYS A 81 14.81 -2.36 -9.73
C LYS A 81 15.10 -1.61 -8.42
N VAL A 82 14.07 -1.53 -7.59
CA VAL A 82 14.19 -0.85 -6.31
C VAL A 82 14.60 -1.86 -5.24
N GLN A 83 15.09 -1.32 -4.14
CA GLN A 83 15.52 -2.16 -3.03
C GLN A 83 14.64 -1.92 -1.81
N VAL A 84 14.18 -3.01 -1.21
CA VAL A 84 13.32 -2.94 -0.04
C VAL A 84 14.05 -3.56 1.16
N SER A 85 13.98 -2.85 2.28
CA SER A 85 14.63 -3.33 3.49
C SER A 85 13.97 -4.62 3.97
N SER A 86 12.66 -4.70 3.75
CA SER A 86 11.90 -5.86 4.15
C SER A 86 10.78 -6.14 3.14
N GLN A 87 10.89 -7.28 2.47
CA GLN A 87 9.90 -7.65 1.48
C GLN A 87 8.49 -7.31 1.97
N PRO A 88 7.74 -6.60 1.11
CA PRO A 88 6.38 -6.19 1.44
C PRO A 88 5.42 -7.38 1.36
N GLU A 89 4.37 -7.31 2.16
CA GLU A 89 3.37 -8.37 2.19
C GLU A 89 2.44 -8.25 0.97
N LEU A 90 2.13 -9.40 0.39
CA LEU A 90 1.26 -9.44 -0.77
C LEU A 90 -0.14 -9.89 -0.33
N LEU A 91 -1.09 -8.97 -0.42
CA LEU A 91 -2.46 -9.26 -0.05
C LEU A 91 -3.40 -8.73 -1.13
N ASP A 92 -4.62 -9.24 -1.10
CA ASP A 92 -5.62 -8.82 -2.07
C ASP A 92 -6.24 -7.50 -1.62
N VAL A 93 -6.88 -6.83 -2.58
CA VAL A 93 -7.52 -5.55 -2.30
C VAL A 93 -8.45 -5.70 -1.09
N SER A 94 -8.84 -6.95 -0.84
CA SER A 94 -9.73 -7.24 0.27
C SER A 94 -9.17 -6.63 1.56
N TRP A 95 -7.99 -7.10 1.94
CA TRP A 95 -7.34 -6.62 3.14
C TRP A 95 -7.44 -5.09 3.15
N LEU A 96 -7.04 -4.50 2.03
CA LEU A 96 -7.08 -3.05 1.91
C LEU A 96 -8.50 -2.56 2.17
N ILE A 97 -9.45 -3.15 1.45
CA ILE A 97 -10.85 -2.78 1.59
C ILE A 97 -11.23 -2.85 3.07
N GLU A 98 -10.77 -3.91 3.73
CA GLU A 98 -11.06 -4.10 5.14
C GLU A 98 -10.33 -3.06 5.98
N CYS A 99 -9.05 -2.90 5.69
CA CYS A 99 -8.23 -1.93 6.41
C CYS A 99 -8.91 -0.56 6.32
N ILE A 100 -9.71 -0.41 5.28
CA ILE A 100 -10.43 0.85 5.07
C ILE A 100 -11.64 0.90 6.01
N GLY A 101 -12.57 -0.01 5.77
CA GLY A 101 -13.78 -0.07 6.58
C GLY A 101 -13.45 -0.42 8.03
N ALA A 102 -12.20 -0.83 8.24
CA ALA A 102 -11.74 -1.20 9.57
C ALA A 102 -10.94 -0.03 10.17
N GLY A 103 -10.32 0.73 9.29
CA GLY A 103 -9.52 1.87 9.71
C GLY A 103 -8.27 1.41 10.46
N LYS A 104 -7.81 0.22 10.10
CA LYS A 104 -6.63 -0.34 10.74
C LYS A 104 -6.20 -1.60 9.99
N PRO A 105 -4.94 -2.04 10.26
CA PRO A 105 -4.41 -3.23 9.62
C PRO A 105 -5.02 -4.50 10.21
N VAL A 106 -6.15 -4.90 9.66
CA VAL A 106 -6.85 -6.09 10.13
C VAL A 106 -5.85 -7.25 10.22
N GLU A 107 -6.35 -8.38 10.70
CA GLU A 107 -5.52 -9.56 10.84
C GLU A 107 -5.43 -10.30 9.50
N MET A 108 -4.48 -11.23 9.45
CA MET A 108 -4.27 -12.02 8.24
C MET A 108 -4.63 -13.48 8.47
N THR A 109 -5.72 -13.90 7.84
CA THR A 109 -6.17 -15.27 7.97
C THR A 109 -5.83 -16.07 6.71
N GLY A 110 -4.95 -15.49 5.91
CA GLY A 110 -4.52 -16.15 4.68
C GLY A 110 -5.32 -15.63 3.49
N LYS A 111 -6.63 -15.63 3.65
CA LYS A 111 -7.52 -15.17 2.59
C LYS A 111 -7.04 -13.81 2.08
N HIS A 112 -6.33 -13.11 2.96
CA HIS A 112 -5.81 -11.79 2.61
C HIS A 112 -4.58 -11.95 1.72
N GLN A 113 -3.76 -12.93 2.06
CA GLN A 113 -2.55 -13.20 1.29
C GLN A 113 -2.89 -13.94 0.00
N LEU A 114 -2.53 -13.33 -1.11
CA LEU A 114 -2.79 -13.92 -2.41
C LEU A 114 -2.44 -15.41 -2.37
N SER A 115 -1.15 -15.68 -2.17
CA SER A 115 -0.67 -17.05 -2.11
C SER A 115 0.82 -17.06 -1.77
N GLY A 116 1.30 -18.25 -1.41
CA GLY A 116 2.70 -18.41 -1.07
C GLY A 116 2.91 -19.67 -0.23
N PRO A 117 4.16 -19.81 0.29
CA PRO A 117 4.51 -20.97 1.10
C PRO A 117 3.90 -20.86 2.50
N SER A 118 2.57 -20.95 2.54
CA SER A 118 1.86 -20.87 3.81
C SER A 118 0.70 -21.86 3.82
N SER A 119 0.24 -22.18 5.02
CA SER A 119 -0.86 -23.12 5.18
C SER A 119 -1.84 -22.58 6.22
N GLY A 120 -1.34 -22.38 7.43
CA GLY A 120 -2.15 -21.87 8.51
C GLY A 120 -3.13 -20.81 8.00
N GLY A 1 0.00 30.06 -22.40
CA GLY A 1 -0.80 30.89 -21.51
C GLY A 1 -0.08 31.10 -20.17
N SER A 2 -0.88 31.14 -19.11
CA SER A 2 -0.34 31.33 -17.78
C SER A 2 -0.83 30.22 -16.85
N SER A 3 -0.10 30.07 -15.74
CA SER A 3 -0.45 29.04 -14.77
C SER A 3 0.12 29.41 -13.40
N GLY A 4 -0.78 29.79 -12.51
CA GLY A 4 -0.39 30.17 -11.16
C GLY A 4 -1.29 29.51 -10.12
N SER A 5 -0.81 29.48 -8.89
CA SER A 5 -1.55 28.90 -7.80
C SER A 5 -1.26 29.64 -6.50
N SER A 6 -2.14 29.43 -5.52
CA SER A 6 -1.98 30.07 -4.22
C SER A 6 -2.62 29.22 -3.13
N GLY A 7 -2.02 29.27 -1.96
CA GLY A 7 -2.52 28.51 -0.82
C GLY A 7 -2.90 29.43 0.33
N THR A 8 -4.15 29.33 0.75
CA THR A 8 -4.65 30.14 1.85
C THR A 8 -5.53 29.31 2.78
N GLY A 9 -5.52 29.68 4.04
CA GLY A 9 -6.31 28.98 5.05
C GLY A 9 -5.63 27.68 5.46
N ALA A 10 -5.11 27.67 6.68
CA ALA A 10 -4.44 26.50 7.21
C ALA A 10 -4.07 26.75 8.68
N LEU A 11 -4.57 25.87 9.53
CA LEU A 11 -4.31 25.98 10.95
C LEU A 11 -3.01 25.24 11.30
N MET A 12 -2.22 25.86 12.14
CA MET A 12 -0.95 25.28 12.56
C MET A 12 -1.16 23.86 13.09
N ALA A 13 -2.02 23.75 14.08
CA ALA A 13 -2.30 22.45 14.68
C ALA A 13 -1.01 21.85 15.24
N SER A 14 -1.17 20.73 15.92
CA SER A 14 -0.02 20.05 16.52
C SER A 14 0.75 19.29 15.43
N SER A 15 1.39 20.06 14.56
CA SER A 15 2.16 19.48 13.48
C SER A 15 1.41 18.29 12.88
N PRO A 16 0.43 18.61 11.99
CA PRO A 16 -0.37 17.58 11.35
C PRO A 16 0.44 16.87 10.26
N GLN A 17 1.37 16.04 10.69
CA GLN A 17 2.21 15.30 9.77
C GLN A 17 2.78 14.05 10.46
N ASP A 18 1.87 13.19 10.90
CA ASP A 18 2.28 11.97 11.57
C ASP A 18 1.32 10.85 11.18
N ILE A 19 1.71 10.10 10.16
CA ILE A 19 0.89 8.99 9.68
C ILE A 19 0.40 8.18 10.88
N LYS A 20 -0.90 7.98 10.94
CA LYS A 20 -1.50 7.23 12.02
C LYS A 20 -0.63 6.01 12.32
N PHE A 21 -0.49 5.15 11.32
CA PHE A 21 0.32 3.96 11.46
C PHE A 21 1.79 4.25 11.18
N GLN A 22 2.03 4.86 10.03
CA GLN A 22 3.39 5.21 9.63
C GLN A 22 4.12 3.96 9.13
N ASP A 23 4.12 2.93 9.97
CA ASP A 23 4.79 1.69 9.62
C ASP A 23 3.77 0.75 8.95
N LEU A 24 2.90 1.34 8.16
CA LEU A 24 1.89 0.58 7.46
C LEU A 24 1.73 1.12 6.03
N VAL A 25 2.81 1.02 5.28
CA VAL A 25 2.81 1.50 3.90
C VAL A 25 2.10 0.48 3.01
N VAL A 26 1.04 0.93 2.37
CA VAL A 26 0.27 0.07 1.50
C VAL A 26 0.45 0.53 0.04
N PHE A 27 0.79 -0.43 -0.80
CA PHE A 27 1.00 -0.14 -2.21
C PHE A 27 0.10 -1.02 -3.09
N ILE A 28 -0.85 -0.36 -3.73
CA ILE A 28 -1.79 -1.06 -4.60
C ILE A 28 -1.10 -1.36 -5.93
N LEU A 29 -1.45 -2.50 -6.51
CA LEU A 29 -0.88 -2.91 -7.79
C LEU A 29 -1.89 -2.62 -8.90
N GLU A 30 -1.62 -1.55 -9.64
CA GLU A 30 -2.48 -1.16 -10.74
C GLU A 30 -2.96 -2.40 -11.51
N LYS A 31 -1.99 -3.26 -11.82
CA LYS A 31 -2.30 -4.47 -12.56
C LYS A 31 -3.61 -5.06 -12.04
N LYS A 32 -4.47 -5.42 -12.98
CA LYS A 32 -5.76 -6.00 -12.64
C LYS A 32 -6.55 -4.99 -11.79
N MET A 33 -6.64 -3.78 -12.31
CA MET A 33 -7.37 -2.72 -11.62
C MET A 33 -7.36 -1.42 -12.42
N GLY A 34 -6.17 -0.83 -12.50
CA GLY A 34 -6.01 0.42 -13.23
C GLY A 34 -5.46 1.53 -12.32
N THR A 35 -5.51 2.74 -12.83
CA THR A 35 -5.04 3.89 -12.08
C THR A 35 -6.15 4.45 -11.20
N THR A 36 -7.27 4.77 -11.84
CA THR A 36 -8.41 5.32 -11.14
C THR A 36 -8.62 4.58 -9.81
N ARG A 37 -9.06 3.33 -9.94
CA ARG A 37 -9.30 2.51 -8.77
C ARG A 37 -8.08 2.51 -7.84
N ARG A 38 -6.97 2.03 -8.38
CA ARG A 38 -5.73 1.98 -7.63
C ARG A 38 -5.55 3.27 -6.81
N ALA A 39 -5.47 4.38 -7.53
CA ALA A 39 -5.30 5.68 -6.91
C ALA A 39 -6.43 5.91 -5.90
N LEU A 40 -7.64 5.60 -6.33
CA LEU A 40 -8.81 5.77 -5.48
C LEU A 40 -8.58 5.00 -4.17
N LEU A 41 -8.66 3.68 -4.28
CA LEU A 41 -8.47 2.82 -3.12
C LEU A 41 -7.26 3.32 -2.32
N MET A 42 -6.20 3.64 -3.04
CA MET A 42 -4.99 4.13 -2.41
C MET A 42 -5.27 5.39 -1.59
N GLU A 43 -6.04 6.28 -2.19
CA GLU A 43 -6.39 7.53 -1.52
C GLU A 43 -7.31 7.26 -0.34
N LEU A 44 -8.21 6.31 -0.53
CA LEU A 44 -9.15 5.95 0.52
C LEU A 44 -8.38 5.53 1.78
N ALA A 45 -7.38 4.69 1.56
CA ALA A 45 -6.57 4.21 2.65
C ALA A 45 -5.91 5.40 3.36
N ARG A 46 -5.32 6.27 2.57
CA ARG A 46 -4.67 7.45 3.11
C ARG A 46 -5.59 8.18 4.08
N ARG A 47 -6.83 8.38 3.63
CA ARG A 47 -7.82 9.05 4.45
C ARG A 47 -7.96 8.35 5.80
N LYS A 48 -7.54 7.11 5.84
CA LYS A 48 -7.61 6.32 7.06
C LYS A 48 -6.35 6.56 7.89
N GLY A 49 -5.29 6.98 7.19
CA GLY A 49 -4.02 7.24 7.84
C GLY A 49 -2.93 6.31 7.32
N PHE A 50 -3.30 5.52 6.32
CA PHE A 50 -2.36 4.58 5.72
C PHE A 50 -1.39 5.31 4.78
N ARG A 51 -0.12 5.02 4.95
CA ARG A 51 0.91 5.63 4.13
C ARG A 51 0.98 4.94 2.77
N VAL A 52 0.06 5.33 1.90
CA VAL A 52 0.00 4.75 0.56
C VAL A 52 1.05 5.42 -0.33
N GLU A 53 1.47 4.69 -1.35
CA GLU A 53 2.47 5.19 -2.27
C GLU A 53 2.01 4.99 -3.71
N ASN A 54 2.51 5.86 -4.58
CA ASN A 54 2.15 5.79 -5.99
C ASN A 54 3.18 4.92 -6.73
N GLU A 55 4.21 4.53 -5.99
CA GLU A 55 5.26 3.70 -6.56
C GLU A 55 5.93 2.87 -5.46
N LEU A 56 6.38 1.68 -5.84
CA LEU A 56 7.04 0.79 -4.89
C LEU A 56 8.24 1.52 -4.28
N SER A 57 8.38 1.37 -2.97
CA SER A 57 9.47 1.99 -2.26
C SER A 57 9.89 1.12 -1.07
N ASP A 58 11.11 1.36 -0.61
CA ASP A 58 11.64 0.60 0.52
C ASP A 58 10.75 0.81 1.74
N SER A 59 9.91 1.82 1.65
CA SER A 59 9.00 2.14 2.74
C SER A 59 7.75 1.27 2.63
N VAL A 60 7.60 0.61 1.49
CA VAL A 60 6.46 -0.25 1.26
C VAL A 60 6.63 -1.53 2.07
N THR A 61 5.71 -1.74 3.01
CA THR A 61 5.75 -2.91 3.86
C THR A 61 4.61 -3.87 3.49
N HIS A 62 3.61 -3.31 2.81
CA HIS A 62 2.46 -4.10 2.40
C HIS A 62 2.07 -3.72 0.98
N ILE A 63 1.99 -4.72 0.12
CA ILE A 63 1.62 -4.51 -1.26
C ILE A 63 0.26 -5.17 -1.54
N VAL A 64 -0.62 -4.38 -2.14
CA VAL A 64 -1.95 -4.87 -2.47
C VAL A 64 -2.02 -5.19 -3.96
N ALA A 65 -2.72 -6.28 -4.27
CA ALA A 65 -2.87 -6.72 -5.65
C ALA A 65 -4.22 -7.40 -5.82
N GLU A 66 -5.04 -6.85 -6.71
CA GLU A 66 -6.36 -7.40 -6.97
C GLU A 66 -6.28 -8.43 -8.09
N ASN A 67 -6.80 -9.61 -7.80
CA ASN A 67 -6.80 -10.70 -8.78
C ASN A 67 -5.35 -11.03 -9.16
N ASN A 68 -4.52 -11.16 -8.14
CA ASN A 68 -3.12 -11.48 -8.36
C ASN A 68 -2.63 -12.37 -7.22
N SER A 69 -1.88 -13.40 -7.61
CA SER A 69 -1.35 -14.35 -6.64
C SER A 69 0.03 -13.87 -6.17
N GLY A 70 0.36 -14.25 -4.94
CA GLY A 70 1.63 -13.88 -4.35
C GLY A 70 2.77 -14.01 -5.37
N SER A 71 2.64 -15.03 -6.21
CA SER A 71 3.65 -15.28 -7.24
C SER A 71 3.63 -14.15 -8.26
N ASP A 72 2.44 -13.77 -8.68
CA ASP A 72 2.30 -12.70 -9.65
C ASP A 72 2.97 -11.44 -9.12
N VAL A 73 2.64 -11.10 -7.88
CA VAL A 73 3.22 -9.92 -7.25
C VAL A 73 4.72 -10.12 -7.08
N LEU A 74 5.08 -11.30 -6.59
CA LEU A 74 6.48 -11.61 -6.37
C LEU A 74 7.24 -11.45 -7.68
N GLU A 75 6.85 -12.24 -8.67
CA GLU A 75 7.48 -12.18 -9.97
C GLU A 75 7.71 -10.73 -10.39
N TRP A 76 6.71 -9.91 -10.12
CA TRP A 76 6.80 -8.50 -10.47
C TRP A 76 7.80 -7.84 -9.51
N LEU A 77 7.64 -8.14 -8.24
CA LEU A 77 8.52 -7.59 -7.22
C LEU A 77 9.98 -7.74 -7.67
N GLN A 78 10.37 -8.99 -7.89
CA GLN A 78 11.72 -9.29 -8.32
C GLN A 78 12.04 -8.54 -9.61
N ALA A 79 11.00 -8.32 -10.40
CA ALA A 79 11.16 -7.62 -11.67
C ALA A 79 11.44 -6.14 -11.40
N GLN A 80 10.79 -5.62 -10.37
CA GLN A 80 10.96 -4.23 -9.99
C GLN A 80 12.37 -4.00 -9.44
N LYS A 81 12.87 -2.80 -9.69
CA LYS A 81 14.20 -2.44 -9.22
C LYS A 81 14.11 -1.80 -7.84
N VAL A 82 12.92 -1.29 -7.54
CA VAL A 82 12.67 -0.66 -6.25
C VAL A 82 13.31 -1.51 -5.15
N GLN A 83 14.38 -0.98 -4.58
CA GLN A 83 15.08 -1.67 -3.51
C GLN A 83 14.26 -1.63 -2.23
N VAL A 84 13.92 -2.82 -1.75
CA VAL A 84 13.14 -2.94 -0.53
C VAL A 84 13.98 -3.60 0.55
N SER A 85 14.23 -2.85 1.61
CA SER A 85 15.03 -3.34 2.72
C SER A 85 14.55 -4.75 3.12
N SER A 86 13.25 -4.94 3.00
CA SER A 86 12.66 -6.23 3.33
C SER A 86 11.36 -6.43 2.54
N GLN A 87 11.30 -7.56 1.85
CA GLN A 87 10.14 -7.89 1.05
C GLN A 87 8.86 -7.45 1.78
N PRO A 88 7.98 -6.73 1.03
CA PRO A 88 6.73 -6.26 1.59
C PRO A 88 5.72 -7.40 1.74
N GLU A 89 4.61 -7.09 2.37
CA GLU A 89 3.56 -8.08 2.58
C GLU A 89 2.59 -8.08 1.39
N LEU A 90 2.50 -9.24 0.74
CA LEU A 90 1.62 -9.39 -0.41
C LEU A 90 0.23 -9.80 0.08
N LEU A 91 -0.72 -8.89 -0.11
CA LEU A 91 -2.09 -9.14 0.30
C LEU A 91 -3.04 -8.80 -0.86
N ASP A 92 -4.27 -9.26 -0.72
CA ASP A 92 -5.28 -9.02 -1.74
C ASP A 92 -6.03 -7.74 -1.42
N VAL A 93 -6.57 -7.12 -2.47
CA VAL A 93 -7.31 -5.88 -2.32
C VAL A 93 -8.31 -6.03 -1.16
N SER A 94 -8.86 -7.23 -1.04
CA SER A 94 -9.81 -7.52 0.01
C SER A 94 -9.29 -7.00 1.35
N TRP A 95 -7.97 -6.96 1.45
CA TRP A 95 -7.33 -6.49 2.68
C TRP A 95 -7.41 -4.97 2.69
N LEU A 96 -7.01 -4.37 1.58
CA LEU A 96 -7.03 -2.92 1.46
C LEU A 96 -8.45 -2.42 1.67
N ILE A 97 -9.41 -3.19 1.17
CA ILE A 97 -10.80 -2.84 1.29
C ILE A 97 -11.19 -2.85 2.77
N GLU A 98 -10.85 -3.93 3.43
CA GLU A 98 -11.17 -4.08 4.85
C GLU A 98 -10.36 -3.07 5.67
N CYS A 99 -9.08 -2.98 5.35
CA CYS A 99 -8.19 -2.06 6.05
C CYS A 99 -8.87 -0.70 6.11
N ILE A 100 -9.70 -0.45 5.11
CA ILE A 100 -10.43 0.82 5.03
C ILE A 100 -11.63 0.78 5.96
N GLY A 101 -12.56 -0.11 5.63
CA GLY A 101 -13.76 -0.27 6.43
C GLY A 101 -13.43 -0.53 7.90
N ALA A 102 -12.18 -0.94 8.12
CA ALA A 102 -11.71 -1.23 9.47
C ALA A 102 -10.95 -0.02 10.01
N GLY A 103 -10.53 0.83 9.08
CA GLY A 103 -9.79 2.02 9.45
C GLY A 103 -8.47 1.65 10.15
N LYS A 104 -8.05 0.42 9.92
CA LYS A 104 -6.81 -0.06 10.51
C LYS A 104 -6.30 -1.27 9.71
N PRO A 105 -5.04 -1.66 10.02
CA PRO A 105 -4.43 -2.79 9.33
C PRO A 105 -5.00 -4.12 9.83
N VAL A 106 -6.15 -4.48 9.27
CA VAL A 106 -6.82 -5.72 9.65
C VAL A 106 -5.77 -6.81 9.83
N GLU A 107 -6.16 -7.85 10.56
CA GLU A 107 -5.28 -8.97 10.81
C GLU A 107 -5.15 -9.83 9.55
N MET A 108 -4.02 -10.51 9.45
CA MET A 108 -3.76 -11.38 8.31
C MET A 108 -4.12 -12.83 8.62
N THR A 109 -5.29 -13.23 8.14
CA THR A 109 -5.77 -14.58 8.35
C THR A 109 -5.53 -15.44 7.11
N GLY A 110 -4.47 -15.10 6.39
CA GLY A 110 -4.12 -15.83 5.18
C GLY A 110 -4.97 -15.36 3.99
N LYS A 111 -6.28 -15.43 4.18
CA LYS A 111 -7.21 -15.02 3.15
C LYS A 111 -6.72 -13.70 2.52
N HIS A 112 -6.29 -12.81 3.39
CA HIS A 112 -5.80 -11.50 2.94
C HIS A 112 -4.56 -11.71 2.08
N GLN A 113 -3.71 -12.63 2.53
CA GLN A 113 -2.48 -12.92 1.80
C GLN A 113 -2.78 -13.78 0.57
N LEU A 114 -2.22 -13.36 -0.55
CA LEU A 114 -2.42 -14.09 -1.80
C LEU A 114 -2.04 -15.56 -1.59
N SER A 115 -0.76 -15.78 -1.36
CA SER A 115 -0.27 -17.13 -1.15
C SER A 115 -0.54 -17.99 -2.38
N GLY A 116 0.47 -18.11 -3.23
CA GLY A 116 0.35 -18.90 -4.44
C GLY A 116 1.42 -19.99 -4.50
N PRO A 117 1.41 -20.74 -5.63
CA PRO A 117 2.38 -21.82 -5.82
C PRO A 117 3.77 -21.26 -6.15
N SER A 118 4.78 -22.02 -5.77
CA SER A 118 6.15 -21.62 -6.03
C SER A 118 6.71 -22.36 -7.24
N SER A 119 7.02 -21.59 -8.28
CA SER A 119 7.55 -22.17 -9.49
C SER A 119 8.64 -21.26 -10.07
N GLY A 120 9.88 -21.71 -9.93
CA GLY A 120 11.00 -20.94 -10.44
C GLY A 120 11.98 -20.59 -9.30
N GLY A 1 -22.66 46.72 16.28
CA GLY A 1 -21.46 45.99 15.98
C GLY A 1 -21.28 44.81 16.95
N SER A 2 -20.50 43.83 16.51
CA SER A 2 -20.25 42.65 17.33
C SER A 2 -18.78 42.26 17.24
N SER A 3 -18.35 41.44 18.17
CA SER A 3 -16.98 40.98 18.22
C SER A 3 -16.84 39.80 19.19
N GLY A 4 -15.70 39.13 19.09
CA GLY A 4 -15.44 37.98 19.94
C GLY A 4 -14.90 36.81 19.12
N SER A 5 -13.71 36.36 19.51
CA SER A 5 -13.08 35.24 18.83
C SER A 5 -11.79 34.85 19.55
N SER A 6 -11.88 33.75 20.30
CA SER A 6 -10.72 33.26 21.04
C SER A 6 -10.55 31.76 20.80
N GLY A 7 -9.31 31.38 20.52
CA GLY A 7 -9.00 29.99 20.27
C GLY A 7 -7.52 29.70 20.54
N THR A 8 -7.28 28.60 21.25
CA THR A 8 -5.91 28.23 21.58
C THR A 8 -5.68 26.76 21.22
N GLY A 9 -4.63 26.53 20.45
CA GLY A 9 -4.29 25.18 20.03
C GLY A 9 -2.77 24.96 20.06
N ALA A 10 -2.15 25.19 18.91
CA ALA A 10 -0.71 25.02 18.79
C ALA A 10 -0.27 25.41 17.38
N LEU A 11 -0.39 26.71 17.11
CA LEU A 11 0.00 27.23 15.81
C LEU A 11 -0.57 26.32 14.71
N MET A 12 -1.89 26.23 14.70
CA MET A 12 -2.56 25.40 13.71
C MET A 12 -4.08 25.50 13.85
N ALA A 13 -4.77 25.26 12.74
CA ALA A 13 -6.22 25.31 12.73
C ALA A 13 -6.79 23.91 12.52
N SER A 14 -6.41 23.31 11.40
CA SER A 14 -6.87 21.98 11.07
C SER A 14 -5.96 21.37 9.99
N SER A 15 -4.99 20.60 10.45
CA SER A 15 -4.06 19.96 9.54
C SER A 15 -3.23 18.91 10.28
N PRO A 16 -3.85 17.71 10.48
CA PRO A 16 -3.17 16.63 11.17
C PRO A 16 -2.10 15.99 10.29
N GLN A 17 -0.87 16.43 10.47
CA GLN A 17 0.24 15.92 9.69
C GLN A 17 0.97 14.83 10.48
N ASP A 18 0.19 13.85 10.94
CA ASP A 18 0.75 12.75 11.70
C ASP A 18 0.10 11.44 11.26
N ILE A 19 0.77 10.77 10.35
CA ILE A 19 0.26 9.51 9.83
C ILE A 19 -0.11 8.59 11.00
N LYS A 20 -1.28 7.96 10.86
CA LYS A 20 -1.77 7.07 11.89
C LYS A 20 -0.68 6.03 12.21
N PHE A 21 -0.26 5.33 11.18
CA PHE A 21 0.77 4.30 11.33
C PHE A 21 2.05 4.71 10.61
N GLN A 22 3.13 4.77 11.38
CA GLN A 22 4.42 5.14 10.83
C GLN A 22 5.20 3.89 10.41
N ASP A 23 4.45 2.83 10.12
CA ASP A 23 5.06 1.58 9.72
C ASP A 23 4.00 0.70 9.06
N LEU A 24 3.13 1.35 8.30
CA LEU A 24 2.06 0.64 7.62
C LEU A 24 1.97 1.13 6.17
N VAL A 25 3.07 0.99 5.47
CA VAL A 25 3.13 1.43 4.07
C VAL A 25 2.37 0.41 3.20
N VAL A 26 1.31 0.90 2.59
CA VAL A 26 0.49 0.06 1.73
C VAL A 26 0.65 0.51 0.27
N PHE A 27 1.07 -0.43 -0.56
CA PHE A 27 1.28 -0.15 -1.98
C PHE A 27 0.33 -0.98 -2.84
N ILE A 28 -0.56 -0.28 -3.52
CA ILE A 28 -1.52 -0.94 -4.39
C ILE A 28 -0.85 -1.26 -5.73
N LEU A 29 -1.28 -2.37 -6.32
CA LEU A 29 -0.74 -2.79 -7.60
C LEU A 29 -1.80 -2.59 -8.69
N GLU A 30 -1.49 -1.67 -9.59
CA GLU A 30 -2.40 -1.37 -10.69
C GLU A 30 -2.82 -2.67 -11.39
N LYS A 31 -1.82 -3.39 -11.88
CA LYS A 31 -2.08 -4.64 -12.58
C LYS A 31 -3.55 -4.70 -12.96
N LYS A 32 -4.22 -5.72 -12.44
CA LYS A 32 -5.64 -5.91 -12.72
C LYS A 32 -6.47 -4.95 -11.87
N MET A 33 -6.32 -3.67 -12.16
CA MET A 33 -7.04 -2.64 -11.42
C MET A 33 -7.19 -1.37 -12.26
N GLY A 34 -6.06 -0.71 -12.46
CA GLY A 34 -6.05 0.53 -13.24
C GLY A 34 -5.70 1.72 -12.35
N THR A 35 -5.45 2.85 -13.01
CA THR A 35 -5.10 4.07 -12.30
C THR A 35 -6.25 4.49 -11.37
N THR A 36 -7.41 4.71 -11.98
CA THR A 36 -8.58 5.11 -11.22
C THR A 36 -8.64 4.37 -9.90
N ARG A 37 -8.93 3.08 -9.99
CA ARG A 37 -9.02 2.25 -8.80
C ARG A 37 -7.74 2.35 -7.98
N ARG A 38 -6.64 1.96 -8.60
CA ARG A 38 -5.34 2.01 -7.94
C ARG A 38 -5.22 3.29 -7.11
N ALA A 39 -5.35 4.41 -7.79
CA ALA A 39 -5.25 5.69 -7.13
C ALA A 39 -6.38 5.83 -6.10
N LEU A 40 -7.60 5.67 -6.60
CA LEU A 40 -8.77 5.76 -5.74
C LEU A 40 -8.49 5.03 -4.42
N LEU A 41 -8.43 3.71 -4.52
CA LEU A 41 -8.17 2.89 -3.34
C LEU A 41 -7.02 3.51 -2.54
N MET A 42 -5.90 3.70 -3.22
CA MET A 42 -4.72 4.27 -2.58
C MET A 42 -5.08 5.55 -1.83
N GLU A 43 -5.96 6.33 -2.44
CA GLU A 43 -6.39 7.59 -1.84
C GLU A 43 -7.34 7.31 -0.67
N LEU A 44 -8.17 6.29 -0.85
CA LEU A 44 -9.13 5.92 0.18
C LEU A 44 -8.37 5.50 1.45
N ALA A 45 -7.36 4.67 1.25
CA ALA A 45 -6.56 4.19 2.37
C ALA A 45 -5.96 5.39 3.09
N ARG A 46 -5.41 6.31 2.31
CA ARG A 46 -4.80 7.50 2.86
C ARG A 46 -5.80 8.28 3.72
N ARG A 47 -7.03 8.35 3.22
CA ARG A 47 -8.08 9.05 3.92
C ARG A 47 -8.30 8.43 5.31
N LYS A 48 -7.87 7.17 5.43
CA LYS A 48 -8.01 6.46 6.69
C LYS A 48 -6.86 6.85 7.62
N GLY A 49 -5.76 7.26 7.01
CA GLY A 49 -4.59 7.66 7.78
C GLY A 49 -3.39 6.77 7.44
N PHE A 50 -3.62 5.82 6.54
CA PHE A 50 -2.57 4.90 6.12
C PHE A 50 -1.52 5.63 5.28
N ARG A 51 -0.34 5.02 5.21
CA ARG A 51 0.74 5.59 4.43
C ARG A 51 0.86 4.90 3.08
N VAL A 52 -0.04 5.26 2.18
CA VAL A 52 -0.06 4.68 0.85
C VAL A 52 1.01 5.36 -0.01
N GLU A 53 1.48 4.63 -1.00
CA GLU A 53 2.49 5.15 -1.91
C GLU A 53 2.03 5.03 -3.36
N ASN A 54 2.77 5.69 -4.24
CA ASN A 54 2.44 5.67 -5.66
C ASN A 54 3.48 4.82 -6.39
N GLU A 55 4.60 4.59 -5.73
CA GLU A 55 5.67 3.80 -6.31
C GLU A 55 6.24 2.83 -5.27
N LEU A 56 6.65 1.66 -5.76
CA LEU A 56 7.20 0.64 -4.88
C LEU A 56 8.53 1.13 -4.33
N SER A 57 8.60 1.16 -3.01
CA SER A 57 9.82 1.60 -2.34
C SER A 57 10.22 0.61 -1.25
N ASP A 58 11.32 0.91 -0.58
CA ASP A 58 11.82 0.04 0.48
C ASP A 58 10.99 0.26 1.74
N SER A 59 10.16 1.31 1.69
CA SER A 59 9.31 1.63 2.82
C SER A 59 8.01 0.83 2.75
N VAL A 60 7.78 0.25 1.58
CA VAL A 60 6.58 -0.54 1.37
C VAL A 60 6.67 -1.83 2.19
N THR A 61 5.75 -1.97 3.13
CA THR A 61 5.72 -3.15 3.98
C THR A 61 4.54 -4.06 3.59
N HIS A 62 3.59 -3.46 2.88
CA HIS A 62 2.42 -4.20 2.46
C HIS A 62 2.06 -3.80 1.02
N ILE A 63 1.97 -4.80 0.17
CA ILE A 63 1.63 -4.57 -1.24
C ILE A 63 0.25 -5.16 -1.53
N VAL A 64 -0.65 -4.29 -1.98
CA VAL A 64 -1.99 -4.71 -2.31
C VAL A 64 -2.07 -5.04 -3.79
N ALA A 65 -2.83 -6.09 -4.10
CA ALA A 65 -3.00 -6.52 -5.48
C ALA A 65 -4.37 -7.19 -5.63
N GLU A 66 -4.89 -7.12 -6.86
CA GLU A 66 -6.18 -7.71 -7.15
C GLU A 66 -6.09 -8.61 -8.37
N ASN A 67 -6.81 -9.72 -8.32
CA ASN A 67 -6.82 -10.66 -9.42
C ASN A 67 -5.39 -11.14 -9.67
N ASN A 68 -4.56 -11.02 -8.65
CA ASN A 68 -3.17 -11.43 -8.75
C ASN A 68 -2.81 -12.30 -7.55
N SER A 69 -1.96 -13.28 -7.80
CA SER A 69 -1.51 -14.18 -6.76
C SER A 69 -0.17 -13.73 -6.19
N GLY A 70 0.03 -13.98 -4.91
CA GLY A 70 1.27 -13.61 -4.25
C GLY A 70 2.47 -13.85 -5.16
N SER A 71 2.33 -14.84 -6.03
CA SER A 71 3.39 -15.20 -6.95
C SER A 71 3.51 -14.11 -8.04
N ASP A 72 2.38 -13.79 -8.63
CA ASP A 72 2.33 -12.78 -9.67
C ASP A 72 2.94 -11.48 -9.14
N VAL A 73 2.65 -11.19 -7.89
CA VAL A 73 3.17 -9.99 -7.25
C VAL A 73 4.67 -10.15 -7.02
N LEU A 74 5.05 -11.36 -6.65
CA LEU A 74 6.46 -11.65 -6.38
C LEU A 74 7.27 -11.42 -7.65
N GLU A 75 6.96 -12.23 -8.67
CA GLU A 75 7.65 -12.12 -9.94
C GLU A 75 7.81 -10.65 -10.34
N TRP A 76 6.76 -9.88 -10.08
CA TRP A 76 6.76 -8.47 -10.40
C TRP A 76 7.76 -7.77 -9.47
N LEU A 77 7.70 -8.14 -8.21
CA LEU A 77 8.60 -7.57 -7.22
C LEU A 77 10.03 -7.56 -7.76
N GLN A 78 10.46 -8.73 -8.22
CA GLN A 78 11.79 -8.86 -8.78
C GLN A 78 11.90 -8.12 -10.10
N ALA A 79 10.77 -8.04 -10.79
CA ALA A 79 10.72 -7.36 -12.08
C ALA A 79 10.99 -5.87 -11.87
N GLN A 80 10.45 -5.35 -10.78
CA GLN A 80 10.63 -3.94 -10.45
C GLN A 80 12.11 -3.58 -10.41
N LYS A 81 12.38 -2.30 -10.26
CA LYS A 81 13.75 -1.82 -10.20
C LYS A 81 14.04 -1.30 -8.78
N VAL A 82 13.01 -1.33 -7.96
CA VAL A 82 13.14 -0.87 -6.58
C VAL A 82 13.63 -2.03 -5.70
N GLN A 83 14.28 -1.67 -4.61
CA GLN A 83 14.81 -2.65 -3.69
C GLN A 83 14.17 -2.48 -2.30
N VAL A 84 13.75 -3.59 -1.74
CA VAL A 84 13.13 -3.57 -0.41
C VAL A 84 14.01 -4.34 0.57
N SER A 85 14.44 -3.62 1.61
CA SER A 85 15.29 -4.23 2.62
C SER A 85 14.59 -5.45 3.23
N SER A 86 13.26 -5.39 3.23
CA SER A 86 12.47 -6.48 3.77
C SER A 86 11.22 -6.70 2.92
N GLN A 87 11.22 -7.79 2.19
CA GLN A 87 10.10 -8.13 1.33
C GLN A 87 8.78 -7.68 1.99
N PRO A 88 7.97 -6.95 1.19
CA PRO A 88 6.69 -6.46 1.68
C PRO A 88 5.66 -7.59 1.74
N GLU A 89 4.50 -7.26 2.29
CA GLU A 89 3.43 -8.24 2.42
C GLU A 89 2.58 -8.26 1.16
N LEU A 90 2.24 -9.46 0.73
CA LEU A 90 1.43 -9.65 -0.47
C LEU A 90 0.03 -10.10 -0.07
N LEU A 91 -0.91 -9.17 -0.16
CA LEU A 91 -2.29 -9.46 0.19
C LEU A 91 -3.21 -8.97 -0.94
N ASP A 92 -4.42 -9.53 -0.96
CA ASP A 92 -5.39 -9.16 -1.97
C ASP A 92 -5.97 -7.79 -1.63
N VAL A 93 -6.64 -7.21 -2.62
CA VAL A 93 -7.25 -5.90 -2.44
C VAL A 93 -8.25 -5.96 -1.28
N SER A 94 -8.63 -7.19 -0.93
CA SER A 94 -9.57 -7.40 0.15
C SER A 94 -9.02 -6.79 1.45
N TRP A 95 -7.81 -7.20 1.79
CA TRP A 95 -7.17 -6.70 3.00
C TRP A 95 -7.41 -5.19 3.08
N LEU A 96 -7.06 -4.51 2.00
CA LEU A 96 -7.23 -3.07 1.92
C LEU A 96 -8.69 -2.71 2.24
N ILE A 97 -9.57 -3.22 1.40
CA ILE A 97 -11.00 -2.97 1.58
C ILE A 97 -11.34 -3.03 3.07
N GLU A 98 -10.83 -4.06 3.71
CA GLU A 98 -11.07 -4.24 5.13
C GLU A 98 -10.29 -3.21 5.95
N CYS A 99 -9.03 -3.04 5.57
CA CYS A 99 -8.16 -2.10 6.25
C CYS A 99 -8.83 -0.73 6.23
N ILE A 100 -9.61 -0.49 5.19
CA ILE A 100 -10.32 0.77 5.03
C ILE A 100 -11.51 0.79 5.99
N GLY A 101 -12.48 -0.06 5.71
CA GLY A 101 -13.67 -0.15 6.52
C GLY A 101 -13.31 -0.43 7.98
N ALA A 102 -12.08 -0.88 8.18
CA ALA A 102 -11.60 -1.20 9.52
C ALA A 102 -10.78 -0.01 10.05
N GLY A 103 -10.35 0.83 9.13
CA GLY A 103 -9.56 1.99 9.50
C GLY A 103 -8.29 1.59 10.23
N LYS A 104 -7.93 0.32 10.07
CA LYS A 104 -6.73 -0.20 10.71
C LYS A 104 -6.22 -1.41 9.92
N PRO A 105 -4.94 -1.78 10.20
CA PRO A 105 -4.33 -2.91 9.52
C PRO A 105 -4.87 -4.24 10.06
N VAL A 106 -6.00 -4.64 9.51
CA VAL A 106 -6.64 -5.89 9.92
C VAL A 106 -5.57 -6.99 10.02
N GLU A 107 -5.89 -7.99 10.81
CA GLU A 107 -4.97 -9.11 10.99
C GLU A 107 -4.95 -9.98 9.74
N MET A 108 -3.77 -10.53 9.47
CA MET A 108 -3.60 -11.40 8.31
C MET A 108 -3.57 -12.87 8.71
N THR A 109 -4.70 -13.53 8.51
CA THR A 109 -4.81 -14.94 8.84
C THR A 109 -4.40 -15.81 7.65
N GLY A 110 -4.91 -15.45 6.48
CA GLY A 110 -4.60 -16.17 5.27
C GLY A 110 -5.36 -15.60 4.07
N LYS A 111 -6.67 -15.51 4.22
CA LYS A 111 -7.51 -14.98 3.16
C LYS A 111 -6.88 -13.70 2.61
N HIS A 112 -6.53 -12.80 3.52
CA HIS A 112 -5.93 -11.54 3.14
C HIS A 112 -4.67 -11.82 2.29
N GLN A 113 -3.85 -12.72 2.78
CA GLN A 113 -2.62 -13.08 2.09
C GLN A 113 -2.95 -13.74 0.75
N LEU A 114 -2.22 -13.33 -0.28
CA LEU A 114 -2.43 -13.87 -1.61
C LEU A 114 -1.86 -15.29 -1.67
N SER A 115 -0.57 -15.40 -1.38
CA SER A 115 0.10 -16.69 -1.40
C SER A 115 1.53 -16.54 -0.89
N GLY A 116 2.19 -17.68 -0.74
CA GLY A 116 3.57 -17.69 -0.26
C GLY A 116 4.19 -19.08 -0.42
N PRO A 117 5.23 -19.34 0.42
CA PRO A 117 5.91 -20.63 0.38
C PRO A 117 5.06 -21.73 1.02
N SER A 118 4.56 -22.61 0.18
CA SER A 118 3.73 -23.70 0.66
C SER A 118 4.49 -25.03 0.51
N SER A 119 4.05 -26.01 1.28
CA SER A 119 4.67 -27.32 1.25
C SER A 119 4.16 -28.12 0.05
N GLY A 120 2.85 -28.30 0.01
CA GLY A 120 2.22 -29.03 -1.07
C GLY A 120 1.07 -29.89 -0.55
N GLY A 1 23.60 31.72 -6.33
CA GLY A 1 23.77 30.94 -7.55
C GLY A 1 22.82 29.75 -7.57
N SER A 2 21.57 30.04 -7.89
CA SER A 2 20.55 29.01 -7.95
C SER A 2 20.48 28.26 -6.62
N SER A 3 19.76 28.86 -5.69
CA SER A 3 19.61 28.25 -4.37
C SER A 3 19.15 26.81 -4.51
N GLY A 4 19.40 26.03 -3.45
CA GLY A 4 19.02 24.63 -3.45
C GLY A 4 19.98 23.81 -2.59
N SER A 5 19.53 23.50 -1.39
CA SER A 5 20.34 22.72 -0.46
C SER A 5 19.45 22.09 0.61
N SER A 6 19.38 20.76 0.58
CA SER A 6 18.57 20.03 1.53
C SER A 6 19.40 18.91 2.17
N GLY A 7 20.17 19.29 3.18
CA GLY A 7 21.02 18.34 3.88
C GLY A 7 20.34 17.86 5.16
N THR A 8 19.88 16.61 5.12
CA THR A 8 19.22 16.02 6.27
C THR A 8 19.89 14.71 6.65
N GLY A 9 19.71 14.33 7.91
CA GLY A 9 20.29 13.10 8.41
C GLY A 9 20.03 12.94 9.91
N ALA A 10 18.79 12.60 10.23
CA ALA A 10 18.41 12.42 11.62
C ALA A 10 17.24 11.42 11.70
N LEU A 11 17.09 10.84 12.87
CA LEU A 11 16.03 9.86 13.10
C LEU A 11 14.68 10.51 12.75
N MET A 12 14.24 11.40 13.63
CA MET A 12 12.98 12.09 13.44
C MET A 12 13.20 13.56 13.14
N ALA A 13 12.64 14.00 12.03
CA ALA A 13 12.77 15.39 11.61
C ALA A 13 11.96 15.61 10.33
N SER A 14 12.33 14.88 9.29
CA SER A 14 11.65 15.00 8.02
C SER A 14 10.49 13.98 7.95
N SER A 15 9.31 14.51 7.69
CA SER A 15 8.13 13.67 7.59
C SER A 15 7.06 14.37 6.75
N PRO A 16 6.26 13.53 6.03
CA PRO A 16 5.20 14.05 5.18
C PRO A 16 4.01 14.53 6.02
N GLN A 17 3.63 13.68 6.97
CA GLN A 17 2.50 14.00 7.84
C GLN A 17 2.44 13.00 9.00
N ASP A 18 1.67 13.37 10.01
CA ASP A 18 1.50 12.52 11.18
C ASP A 18 0.88 11.20 10.75
N ILE A 19 1.72 10.30 10.27
CA ILE A 19 1.27 8.99 9.83
C ILE A 19 0.53 8.30 10.98
N LYS A 20 -0.70 7.91 10.70
CA LYS A 20 -1.52 7.24 11.69
C LYS A 20 -0.85 5.93 12.11
N PHE A 21 -0.69 5.06 11.13
CA PHE A 21 -0.06 3.76 11.38
C PHE A 21 1.40 3.78 10.94
N GLN A 22 2.26 3.36 11.87
CA GLN A 22 3.69 3.32 11.59
C GLN A 22 4.05 2.06 10.80
N ASP A 23 5.11 2.17 10.02
CA ASP A 23 5.56 1.04 9.22
C ASP A 23 4.35 0.31 8.64
N LEU A 24 3.54 1.06 7.90
CA LEU A 24 2.35 0.50 7.28
C LEU A 24 2.18 1.09 5.88
N VAL A 25 3.22 0.95 5.08
CA VAL A 25 3.20 1.47 3.71
C VAL A 25 2.45 0.49 2.82
N VAL A 26 1.26 0.90 2.39
CA VAL A 26 0.45 0.07 1.53
C VAL A 26 0.61 0.53 0.08
N PHE A 27 1.12 -0.38 -0.73
CA PHE A 27 1.34 -0.09 -2.15
C PHE A 27 0.34 -0.85 -3.02
N ILE A 28 -0.55 -0.09 -3.64
CA ILE A 28 -1.56 -0.69 -4.51
C ILE A 28 -0.94 -0.97 -5.88
N LEU A 29 -1.22 -2.18 -6.38
CA LEU A 29 -0.69 -2.59 -7.67
C LEU A 29 -1.73 -2.26 -8.75
N GLU A 30 -1.31 -1.46 -9.72
CA GLU A 30 -2.18 -1.08 -10.82
C GLU A 30 -2.67 -2.32 -11.57
N LYS A 31 -1.73 -3.19 -11.88
CA LYS A 31 -2.06 -4.42 -12.59
C LYS A 31 -3.40 -4.96 -12.09
N LYS A 32 -4.29 -5.23 -13.04
CA LYS A 32 -5.60 -5.74 -12.71
C LYS A 32 -6.36 -4.69 -11.89
N MET A 33 -6.43 -3.48 -12.45
CA MET A 33 -7.12 -2.39 -11.78
C MET A 33 -7.11 -1.13 -12.65
N GLY A 34 -5.94 -0.54 -12.78
CA GLY A 34 -5.79 0.66 -13.58
C GLY A 34 -5.27 1.82 -12.73
N THR A 35 -5.50 3.04 -13.24
CA THR A 35 -5.07 4.24 -12.53
C THR A 35 -6.16 4.71 -11.59
N THR A 36 -7.33 5.00 -12.17
CA THR A 36 -8.46 5.47 -11.39
C THR A 36 -8.57 4.68 -10.08
N ARG A 37 -8.95 3.42 -10.22
CA ARG A 37 -9.10 2.56 -9.06
C ARG A 37 -7.84 2.60 -8.19
N ARG A 38 -6.74 2.15 -8.79
CA ARG A 38 -5.46 2.14 -8.09
C ARG A 38 -5.33 3.38 -7.21
N ALA A 39 -5.40 4.54 -7.85
CA ALA A 39 -5.28 5.80 -7.15
C ALA A 39 -6.41 5.91 -6.12
N LEU A 40 -7.63 5.76 -6.63
CA LEU A 40 -8.81 5.84 -5.77
C LEU A 40 -8.54 5.09 -4.46
N LEU A 41 -8.50 3.77 -4.58
CA LEU A 41 -8.25 2.93 -3.43
C LEU A 41 -7.17 3.57 -2.55
N MET A 42 -6.00 3.74 -3.16
CA MET A 42 -4.88 4.34 -2.46
C MET A 42 -5.31 5.57 -1.66
N GLU A 43 -6.18 6.35 -2.28
CA GLU A 43 -6.69 7.55 -1.64
C GLU A 43 -7.63 7.19 -0.49
N LEU A 44 -8.44 6.17 -0.72
CA LEU A 44 -9.38 5.71 0.28
C LEU A 44 -8.62 5.26 1.52
N ALA A 45 -7.53 4.55 1.28
CA ALA A 45 -6.70 4.05 2.37
C ALA A 45 -6.06 5.23 3.10
N ARG A 46 -5.65 6.22 2.31
CA ARG A 46 -5.02 7.40 2.87
C ARG A 46 -5.95 8.07 3.89
N ARG A 47 -7.23 8.10 3.55
CA ARG A 47 -8.22 8.71 4.42
C ARG A 47 -8.14 8.09 5.82
N LYS A 48 -7.81 6.81 5.85
CA LYS A 48 -7.70 6.09 7.11
C LYS A 48 -6.43 6.54 7.83
N GLY A 49 -5.52 7.13 7.05
CA GLY A 49 -4.26 7.60 7.60
C GLY A 49 -3.11 6.67 7.23
N PHE A 50 -3.41 5.75 6.32
CA PHE A 50 -2.42 4.80 5.87
C PHE A 50 -1.41 5.47 4.92
N ARG A 51 -0.15 5.14 5.13
CA ARG A 51 0.92 5.70 4.32
C ARG A 51 0.97 4.99 2.95
N VAL A 52 0.02 5.35 2.10
CA VAL A 52 -0.06 4.76 0.78
C VAL A 52 0.97 5.43 -0.13
N GLU A 53 1.49 4.65 -1.06
CA GLU A 53 2.48 5.16 -2.00
C GLU A 53 2.06 4.84 -3.44
N ASN A 54 2.63 5.60 -4.37
CA ASN A 54 2.32 5.41 -5.78
C ASN A 54 3.34 4.44 -6.38
N GLU A 55 4.61 4.72 -6.12
CA GLU A 55 5.68 3.88 -6.64
C GLU A 55 6.26 3.02 -5.51
N LEU A 56 6.80 1.88 -5.91
CA LEU A 56 7.40 0.97 -4.96
C LEU A 56 8.57 1.65 -4.24
N SER A 57 8.99 1.04 -3.14
CA SER A 57 10.09 1.59 -2.36
C SER A 57 10.36 0.70 -1.15
N ASP A 58 11.45 1.01 -0.47
CA ASP A 58 11.84 0.24 0.71
C ASP A 58 10.79 0.45 1.80
N SER A 59 10.09 1.56 1.71
CA SER A 59 9.06 1.89 2.68
C SER A 59 7.87 0.95 2.51
N VAL A 60 7.66 0.53 1.27
CA VAL A 60 6.56 -0.37 0.97
C VAL A 60 6.68 -1.63 1.82
N THR A 61 5.74 -1.77 2.75
CA THR A 61 5.73 -2.92 3.63
C THR A 61 4.54 -3.84 3.31
N HIS A 62 3.65 -3.31 2.48
CA HIS A 62 2.46 -4.07 2.09
C HIS A 62 2.05 -3.67 0.67
N ILE A 63 2.00 -4.67 -0.19
CA ILE A 63 1.62 -4.44 -1.58
C ILE A 63 0.22 -5.02 -1.83
N VAL A 64 -0.68 -4.14 -2.24
CA VAL A 64 -2.05 -4.55 -2.52
C VAL A 64 -2.20 -4.85 -4.01
N ALA A 65 -2.94 -5.91 -4.30
CA ALA A 65 -3.17 -6.32 -5.68
C ALA A 65 -4.55 -6.96 -5.79
N GLU A 66 -5.05 -7.00 -7.02
CA GLU A 66 -6.36 -7.57 -7.29
C GLU A 66 -6.28 -8.56 -8.46
N ASN A 67 -6.79 -9.76 -8.22
CA ASN A 67 -6.78 -10.79 -9.23
C ASN A 67 -5.34 -11.18 -9.56
N ASN A 68 -4.51 -11.16 -8.52
CA ASN A 68 -3.11 -11.50 -8.68
C ASN A 68 -2.65 -12.34 -7.50
N SER A 69 -2.02 -13.47 -7.81
CA SER A 69 -1.54 -14.38 -6.78
C SER A 69 -0.21 -13.87 -6.23
N GLY A 70 0.04 -14.22 -4.97
CA GLY A 70 1.27 -13.81 -4.31
C GLY A 70 2.45 -13.79 -5.30
N SER A 71 2.59 -14.89 -6.02
CA SER A 71 3.66 -15.02 -6.99
C SER A 71 3.58 -13.88 -8.01
N ASP A 72 2.38 -13.69 -8.53
CA ASP A 72 2.15 -12.64 -9.52
C ASP A 72 2.75 -11.33 -9.01
N VAL A 73 2.75 -11.19 -7.69
CA VAL A 73 3.29 -9.99 -7.06
C VAL A 73 4.75 -10.24 -6.67
N LEU A 74 5.04 -11.50 -6.38
CA LEU A 74 6.40 -11.87 -6.00
C LEU A 74 7.32 -11.78 -7.21
N GLU A 75 6.85 -12.37 -8.31
CA GLU A 75 7.61 -12.36 -9.55
C GLU A 75 7.87 -10.92 -10.01
N TRP A 76 6.83 -10.10 -9.88
CA TRP A 76 6.93 -8.70 -10.27
C TRP A 76 7.93 -8.02 -9.35
N LEU A 77 7.86 -8.38 -8.07
CA LEU A 77 8.77 -7.81 -7.08
C LEU A 77 10.20 -7.89 -7.60
N GLN A 78 10.59 -9.10 -7.97
CA GLN A 78 11.94 -9.33 -8.48
C GLN A 78 12.16 -8.53 -9.76
N ALA A 79 11.06 -8.29 -10.47
CA ALA A 79 11.11 -7.54 -11.71
C ALA A 79 11.44 -6.08 -11.41
N GLN A 80 11.11 -5.67 -10.20
CA GLN A 80 11.35 -4.30 -9.77
C GLN A 80 12.85 -4.06 -9.61
N LYS A 81 13.25 -2.81 -9.80
CA LYS A 81 14.64 -2.43 -9.69
C LYS A 81 14.87 -1.70 -8.36
N VAL A 82 13.75 -1.40 -7.70
CA VAL A 82 13.81 -0.72 -6.42
C VAL A 82 14.23 -1.70 -5.34
N GLN A 83 15.39 -1.43 -4.75
CA GLN A 83 15.92 -2.29 -3.70
C GLN A 83 15.21 -1.99 -2.37
N VAL A 84 14.30 -2.88 -2.01
CA VAL A 84 13.55 -2.73 -0.78
C VAL A 84 14.38 -3.26 0.39
N SER A 85 14.18 -2.65 1.55
CA SER A 85 14.90 -3.05 2.75
C SER A 85 14.41 -4.42 3.22
N SER A 86 13.32 -4.87 2.61
CA SER A 86 12.74 -6.16 2.95
C SER A 86 11.48 -6.41 2.12
N GLN A 87 11.44 -7.59 1.52
CA GLN A 87 10.29 -7.95 0.70
C GLN A 87 8.99 -7.57 1.39
N PRO A 88 8.15 -6.79 0.66
CA PRO A 88 6.87 -6.35 1.20
C PRO A 88 5.85 -7.49 1.19
N GLU A 89 4.77 -7.27 1.92
CA GLU A 89 3.72 -8.27 2.01
C GLU A 89 2.70 -8.07 0.88
N LEU A 90 2.33 -9.18 0.27
CA LEU A 90 1.37 -9.15 -0.82
C LEU A 90 0.01 -9.63 -0.32
N LEU A 91 -0.94 -8.70 -0.26
CA LEU A 91 -2.27 -9.03 0.19
C LEU A 91 -3.29 -8.64 -0.89
N ASP A 92 -4.44 -9.30 -0.84
CA ASP A 92 -5.49 -9.05 -1.80
C ASP A 92 -6.18 -7.73 -1.45
N VAL A 93 -6.64 -7.04 -2.49
CA VAL A 93 -7.32 -5.77 -2.31
C VAL A 93 -8.27 -5.87 -1.12
N SER A 94 -8.75 -7.09 -0.90
CA SER A 94 -9.67 -7.34 0.20
C SER A 94 -9.12 -6.75 1.49
N TRP A 95 -7.88 -7.12 1.80
CA TRP A 95 -7.22 -6.64 3.00
C TRP A 95 -7.49 -5.13 3.11
N LEU A 96 -7.18 -4.43 2.03
CA LEU A 96 -7.38 -3.00 1.98
C LEU A 96 -8.82 -2.67 2.35
N ILE A 97 -9.73 -3.19 1.53
CA ILE A 97 -11.15 -2.96 1.76
C ILE A 97 -11.44 -3.05 3.26
N GLU A 98 -10.90 -4.09 3.87
CA GLU A 98 -11.09 -4.30 5.30
C GLU A 98 -10.30 -3.26 6.11
N CYS A 99 -9.06 -3.08 5.72
CA CYS A 99 -8.19 -2.13 6.39
C CYS A 99 -8.90 -0.76 6.39
N ILE A 100 -9.80 -0.59 5.43
CA ILE A 100 -10.54 0.64 5.32
C ILE A 100 -11.76 0.60 6.24
N GLY A 101 -12.62 -0.38 5.99
CA GLY A 101 -13.81 -0.55 6.78
C GLY A 101 -13.47 -0.80 8.25
N ALA A 102 -12.21 -1.14 8.48
CA ALA A 102 -11.74 -1.42 9.83
C ALA A 102 -11.06 -0.17 10.38
N GLY A 103 -10.56 0.66 9.46
CA GLY A 103 -9.88 1.88 9.85
C GLY A 103 -8.55 1.58 10.52
N LYS A 104 -8.05 0.38 10.26
CA LYS A 104 -6.78 -0.05 10.83
C LYS A 104 -6.23 -1.22 10.02
N PRO A 105 -4.95 -1.57 10.31
CA PRO A 105 -4.29 -2.66 9.61
C PRO A 105 -4.80 -4.02 10.12
N VAL A 106 -5.93 -4.43 9.56
CA VAL A 106 -6.54 -5.69 9.95
C VAL A 106 -5.45 -6.77 10.03
N GLU A 107 -5.77 -7.85 10.73
CA GLU A 107 -4.83 -8.95 10.89
C GLU A 107 -4.73 -9.74 9.59
N MET A 108 -3.67 -10.52 9.50
CA MET A 108 -3.44 -11.35 8.32
C MET A 108 -3.68 -12.83 8.62
N THR A 109 -4.92 -13.24 8.40
CA THR A 109 -5.30 -14.63 8.65
C THR A 109 -4.85 -15.52 7.49
N GLY A 110 -4.15 -14.89 6.55
CA GLY A 110 -3.66 -15.62 5.39
C GLY A 110 -4.52 -15.32 4.15
N LYS A 111 -5.82 -15.48 4.32
CA LYS A 111 -6.74 -15.23 3.22
C LYS A 111 -6.42 -13.88 2.59
N HIS A 112 -5.90 -12.98 3.41
CA HIS A 112 -5.55 -11.66 2.93
C HIS A 112 -4.37 -11.74 1.97
N GLN A 113 -3.47 -12.67 2.28
CA GLN A 113 -2.28 -12.87 1.45
C GLN A 113 -2.66 -13.62 0.18
N LEU A 114 -2.32 -13.03 -0.96
CA LEU A 114 -2.60 -13.64 -2.24
C LEU A 114 -2.36 -15.15 -2.16
N SER A 115 -1.09 -15.50 -1.99
CA SER A 115 -0.71 -16.90 -1.89
C SER A 115 -1.20 -17.66 -3.12
N GLY A 116 -0.88 -18.94 -3.15
CA GLY A 116 -1.28 -19.79 -4.26
C GLY A 116 -0.75 -21.21 -4.09
N PRO A 117 -1.12 -22.09 -5.06
CA PRO A 117 -0.69 -23.48 -5.01
C PRO A 117 0.79 -23.62 -5.40
N SER A 118 1.43 -24.62 -4.83
CA SER A 118 2.83 -24.87 -5.11
C SER A 118 3.17 -26.33 -4.83
N SER A 119 3.52 -27.03 -5.90
CA SER A 119 3.87 -28.44 -5.79
C SER A 119 4.27 -28.99 -7.17
N GLY A 120 5.54 -29.35 -7.28
CA GLY A 120 6.06 -29.90 -8.52
C GLY A 120 6.25 -28.79 -9.56
N GLY A 1 15.02 8.16 -9.04
CA GLY A 1 14.99 8.65 -7.68
C GLY A 1 15.52 10.09 -7.60
N SER A 2 14.63 10.99 -7.22
CA SER A 2 14.99 12.40 -7.11
C SER A 2 14.19 13.06 -5.99
N SER A 3 14.69 12.90 -4.78
CA SER A 3 14.03 13.47 -3.61
C SER A 3 14.96 14.46 -2.92
N GLY A 4 14.40 15.62 -2.58
CA GLY A 4 15.17 16.66 -1.92
C GLY A 4 14.28 17.49 -0.99
N SER A 5 14.64 17.51 0.27
CA SER A 5 13.89 18.26 1.26
C SER A 5 14.84 18.86 2.31
N SER A 6 14.34 19.86 3.03
CA SER A 6 15.14 20.51 4.04
C SER A 6 14.30 21.60 4.73
N GLY A 7 14.53 21.74 6.03
CA GLY A 7 13.81 22.74 6.82
C GLY A 7 14.08 22.57 8.30
N THR A 8 14.67 23.61 8.89
CA THR A 8 14.99 23.58 10.30
C THR A 8 15.11 25.01 10.84
N GLY A 9 14.74 25.16 12.11
CA GLY A 9 14.80 26.45 12.76
C GLY A 9 13.84 26.52 13.95
N ALA A 10 14.09 25.65 14.92
CA ALA A 10 13.27 25.59 16.11
C ALA A 10 14.01 24.82 17.20
N LEU A 11 13.43 24.85 18.39
CA LEU A 11 14.03 24.17 19.53
C LEU A 11 13.24 22.88 19.81
N MET A 12 13.40 21.92 18.92
CA MET A 12 12.72 20.64 19.06
C MET A 12 11.27 20.84 19.50
N ALA A 13 10.40 21.05 18.52
CA ALA A 13 8.99 21.26 18.80
C ALA A 13 8.22 21.30 17.48
N SER A 14 6.90 21.14 17.60
CA SER A 14 6.04 21.16 16.44
C SER A 14 6.50 20.10 15.43
N SER A 15 5.67 19.89 14.41
CA SER A 15 5.98 18.91 13.39
C SER A 15 5.99 17.50 13.98
N PRO A 16 4.79 16.87 13.97
CA PRO A 16 4.65 15.53 14.51
C PRO A 16 5.24 14.49 13.55
N GLN A 17 5.00 14.71 12.27
CA GLN A 17 5.50 13.81 11.25
C GLN A 17 5.39 12.35 11.72
N ASP A 18 4.16 11.96 12.03
CA ASP A 18 3.90 10.61 12.50
C ASP A 18 2.63 10.08 11.84
N ILE A 19 2.82 9.36 10.74
CA ILE A 19 1.71 8.80 10.01
C ILE A 19 0.71 8.19 11.01
N LYS A 20 -0.57 8.43 10.74
CA LYS A 20 -1.62 7.91 11.59
C LYS A 20 -1.25 6.49 12.05
N PHE A 21 -1.06 5.62 11.06
CA PHE A 21 -0.70 4.24 11.35
C PHE A 21 0.81 4.08 11.44
N GLN A 22 1.50 4.60 10.43
CA GLN A 22 2.95 4.51 10.38
C GLN A 22 3.39 3.07 10.13
N ASP A 23 4.59 2.93 9.59
CA ASP A 23 5.13 1.62 9.29
C ASP A 23 4.05 0.76 8.64
N LEU A 24 3.12 1.43 7.99
CA LEU A 24 2.01 0.73 7.33
C LEU A 24 1.89 1.26 5.90
N VAL A 25 2.98 1.13 5.15
CA VAL A 25 3.00 1.59 3.77
C VAL A 25 2.24 0.58 2.89
N VAL A 26 1.16 1.06 2.30
CA VAL A 26 0.35 0.22 1.44
C VAL A 26 0.55 0.65 -0.02
N PHE A 27 0.96 -0.31 -0.83
CA PHE A 27 1.18 -0.04 -2.25
C PHE A 27 0.28 -0.91 -3.12
N ILE A 28 -0.61 -0.25 -3.85
CA ILE A 28 -1.54 -0.94 -4.72
C ILE A 28 -0.84 -1.27 -6.04
N LEU A 29 -1.26 -2.37 -6.64
CA LEU A 29 -0.69 -2.81 -7.90
C LEU A 29 -1.64 -2.44 -9.04
N GLU A 30 -1.31 -1.37 -9.74
CA GLU A 30 -2.13 -0.90 -10.84
C GLU A 30 -2.61 -2.09 -11.67
N LYS A 31 -1.67 -2.95 -12.04
CA LYS A 31 -1.99 -4.13 -12.83
C LYS A 31 -3.30 -4.73 -12.33
N LYS A 32 -4.20 -4.97 -13.27
CA LYS A 32 -5.50 -5.54 -12.94
C LYS A 32 -6.27 -4.56 -12.04
N MET A 33 -6.36 -3.33 -12.52
CA MET A 33 -7.06 -2.30 -11.77
C MET A 33 -7.08 -0.97 -12.54
N GLY A 34 -5.89 -0.38 -12.64
CA GLY A 34 -5.75 0.88 -13.35
C GLY A 34 -5.24 1.98 -12.40
N THR A 35 -5.36 3.21 -12.87
CA THR A 35 -4.91 4.36 -12.08
C THR A 35 -6.05 4.88 -11.21
N THR A 36 -7.26 4.75 -11.74
CA THR A 36 -8.45 5.20 -11.03
C THR A 36 -8.62 4.41 -9.73
N ARG A 37 -8.97 3.13 -9.90
CA ARG A 37 -9.16 2.25 -8.76
C ARG A 37 -7.93 2.27 -7.85
N ARG A 38 -6.78 2.11 -8.48
CA ARG A 38 -5.53 2.11 -7.74
C ARG A 38 -5.41 3.37 -6.88
N ALA A 39 -5.34 4.50 -7.55
CA ALA A 39 -5.23 5.78 -6.85
C ALA A 39 -6.41 5.92 -5.88
N LEU A 40 -7.59 5.59 -6.38
CA LEU A 40 -8.80 5.68 -5.57
C LEU A 40 -8.59 4.91 -4.26
N LEU A 41 -8.58 3.59 -4.39
CA LEU A 41 -8.39 2.73 -3.24
C LEU A 41 -7.24 3.27 -2.39
N MET A 42 -6.21 3.74 -3.07
CA MET A 42 -5.05 4.28 -2.40
C MET A 42 -5.41 5.55 -1.61
N GLU A 43 -6.22 6.38 -2.24
CA GLU A 43 -6.65 7.62 -1.61
C GLU A 43 -7.61 7.34 -0.46
N LEU A 44 -8.41 6.29 -0.65
CA LEU A 44 -9.38 5.89 0.36
C LEU A 44 -8.64 5.52 1.65
N ALA A 45 -7.56 4.78 1.48
CA ALA A 45 -6.77 4.35 2.62
C ALA A 45 -6.15 5.57 3.30
N ARG A 46 -5.65 6.48 2.47
CA ARG A 46 -5.04 7.69 2.96
C ARG A 46 -5.94 8.35 4.02
N ARG A 47 -7.20 8.50 3.66
CA ARG A 47 -8.17 9.10 4.55
C ARG A 47 -8.13 8.41 5.93
N LYS A 48 -7.74 7.15 5.91
CA LYS A 48 -7.66 6.37 7.13
C LYS A 48 -6.38 6.76 7.89
N GLY A 49 -5.40 7.24 7.13
CA GLY A 49 -4.14 7.64 7.71
C GLY A 49 -3.01 6.68 7.31
N PHE A 50 -3.31 5.86 6.32
CA PHE A 50 -2.34 4.89 5.84
C PHE A 50 -1.32 5.55 4.92
N ARG A 51 -0.09 5.04 4.98
CA ARG A 51 0.97 5.57 4.15
C ARG A 51 0.93 4.95 2.75
N VAL A 52 0.01 5.47 1.94
CA VAL A 52 -0.15 4.97 0.59
C VAL A 52 0.93 5.60 -0.31
N GLU A 53 1.39 4.80 -1.27
CA GLU A 53 2.41 5.27 -2.19
C GLU A 53 1.99 4.98 -3.63
N ASN A 54 2.39 5.88 -4.51
CA ASN A 54 2.07 5.74 -5.93
C ASN A 54 2.98 4.69 -6.56
N GLU A 55 4.25 4.78 -6.20
CA GLU A 55 5.24 3.84 -6.73
C GLU A 55 5.90 3.08 -5.59
N LEU A 56 6.37 1.88 -5.91
CA LEU A 56 7.03 1.05 -4.92
C LEU A 56 8.20 1.81 -4.30
N SER A 57 8.56 1.42 -3.09
CA SER A 57 9.66 2.06 -2.38
C SER A 57 10.17 1.15 -1.26
N ASP A 58 11.23 1.59 -0.62
CA ASP A 58 11.83 0.84 0.47
C ASP A 58 10.96 0.99 1.72
N SER A 59 9.92 1.80 1.58
CA SER A 59 9.01 2.04 2.69
C SER A 59 7.78 1.13 2.57
N VAL A 60 7.59 0.61 1.36
CA VAL A 60 6.46 -0.27 1.10
C VAL A 60 6.61 -1.54 1.95
N THR A 61 5.66 -1.71 2.86
CA THR A 61 5.67 -2.87 3.74
C THR A 61 4.49 -3.79 3.41
N HIS A 62 3.54 -3.24 2.68
CA HIS A 62 2.36 -4.00 2.29
C HIS A 62 1.97 -3.65 0.86
N ILE A 63 1.94 -4.68 0.01
CA ILE A 63 1.60 -4.49 -1.38
C ILE A 63 0.20 -5.08 -1.63
N VAL A 64 -0.65 -4.26 -2.22
CA VAL A 64 -2.02 -4.68 -2.53
C VAL A 64 -2.10 -5.06 -4.01
N ALA A 65 -2.84 -6.13 -4.27
CA ALA A 65 -3.02 -6.60 -5.63
C ALA A 65 -4.45 -7.13 -5.80
N GLU A 66 -4.98 -6.90 -6.99
CA GLU A 66 -6.34 -7.35 -7.29
C GLU A 66 -6.32 -8.33 -8.47
N ASN A 67 -6.97 -9.46 -8.27
CA ASN A 67 -7.04 -10.48 -9.30
C ASN A 67 -5.63 -10.97 -9.63
N ASN A 68 -4.73 -10.79 -8.67
CA ASN A 68 -3.35 -11.20 -8.84
C ASN A 68 -2.95 -12.14 -7.70
N SER A 69 -2.25 -13.20 -8.07
CA SER A 69 -1.80 -14.18 -7.09
C SER A 69 -0.47 -13.74 -6.48
N GLY A 70 -0.23 -14.21 -5.28
CA GLY A 70 1.01 -13.88 -4.58
C GLY A 70 2.19 -13.82 -5.54
N SER A 71 2.35 -14.89 -6.31
CA SER A 71 3.43 -14.97 -7.27
C SER A 71 3.38 -13.77 -8.21
N ASP A 72 2.23 -13.60 -8.85
CA ASP A 72 2.05 -12.50 -9.77
C ASP A 72 2.66 -11.23 -9.18
N VAL A 73 2.65 -11.17 -7.85
CA VAL A 73 3.19 -10.01 -7.15
C VAL A 73 4.64 -10.33 -6.74
N LEU A 74 4.87 -11.58 -6.40
CA LEU A 74 6.19 -12.01 -5.98
C LEU A 74 7.16 -11.87 -7.15
N GLU A 75 6.70 -12.29 -8.32
CA GLU A 75 7.51 -12.21 -9.52
C GLU A 75 7.75 -10.75 -9.90
N TRP A 76 6.67 -9.99 -9.90
CA TRP A 76 6.74 -8.58 -10.26
C TRP A 76 7.76 -7.92 -9.33
N LEU A 77 7.76 -8.37 -8.08
CA LEU A 77 8.68 -7.82 -7.09
C LEU A 77 10.12 -7.99 -7.60
N GLN A 78 10.48 -9.25 -7.86
CA GLN A 78 11.81 -9.56 -8.33
C GLN A 78 12.12 -8.75 -9.60
N ALA A 79 11.06 -8.43 -10.33
CA ALA A 79 11.21 -7.67 -11.56
C ALA A 79 11.64 -6.24 -11.22
N GLN A 80 11.07 -5.74 -10.13
CA GLN A 80 11.38 -4.40 -9.68
C GLN A 80 12.90 -4.22 -9.54
N LYS A 81 13.35 -3.01 -9.85
CA LYS A 81 14.77 -2.70 -9.77
C LYS A 81 15.01 -1.80 -8.55
N VAL A 82 13.96 -1.59 -7.78
CA VAL A 82 14.04 -0.76 -6.59
C VAL A 82 14.36 -1.64 -5.39
N GLN A 83 15.54 -1.41 -4.83
CA GLN A 83 15.98 -2.17 -3.67
C GLN A 83 15.20 -1.75 -2.43
N VAL A 84 14.27 -2.60 -2.04
CA VAL A 84 13.44 -2.33 -0.87
C VAL A 84 14.21 -2.73 0.39
N SER A 85 13.90 -2.04 1.47
CA SER A 85 14.55 -2.30 2.75
C SER A 85 14.19 -3.71 3.23
N SER A 86 13.20 -4.29 2.57
CA SER A 86 12.75 -5.63 2.91
C SER A 86 11.52 -6.01 2.10
N GLN A 87 11.39 -7.29 1.83
CA GLN A 87 10.26 -7.79 1.06
C GLN A 87 8.94 -7.38 1.73
N PRO A 88 8.11 -6.64 0.95
CA PRO A 88 6.82 -6.19 1.44
C PRO A 88 5.81 -7.33 1.49
N GLU A 89 4.72 -7.09 2.20
CA GLU A 89 3.68 -8.09 2.33
C GLU A 89 2.80 -8.10 1.09
N LEU A 90 2.42 -9.31 0.69
CA LEU A 90 1.57 -9.48 -0.49
C LEU A 90 0.20 -9.98 -0.06
N LEU A 91 -0.79 -9.09 -0.18
CA LEU A 91 -2.15 -9.43 0.19
C LEU A 91 -3.11 -8.94 -0.89
N ASP A 92 -4.27 -9.56 -0.93
CA ASP A 92 -5.28 -9.21 -1.91
C ASP A 92 -5.96 -7.90 -1.49
N VAL A 93 -6.49 -7.20 -2.48
CA VAL A 93 -7.17 -5.94 -2.23
C VAL A 93 -8.12 -6.10 -1.05
N SER A 94 -8.60 -7.33 -0.88
CA SER A 94 -9.53 -7.63 0.19
C SER A 94 -9.00 -7.06 1.51
N TRP A 95 -7.70 -7.21 1.70
CA TRP A 95 -7.05 -6.72 2.91
C TRP A 95 -7.24 -5.20 2.95
N LEU A 96 -6.66 -4.53 1.96
CA LEU A 96 -6.75 -3.08 1.87
C LEU A 96 -8.21 -2.66 2.06
N ILE A 97 -9.10 -3.35 1.36
CA ILE A 97 -10.51 -3.06 1.43
C ILE A 97 -10.96 -3.07 2.89
N GLU A 98 -10.60 -4.15 3.58
CA GLU A 98 -10.95 -4.29 4.98
C GLU A 98 -10.19 -3.27 5.83
N CYS A 99 -8.93 -3.07 5.47
CA CYS A 99 -8.09 -2.13 6.19
C CYS A 99 -8.77 -0.76 6.15
N ILE A 100 -9.62 -0.58 5.15
CA ILE A 100 -10.33 0.67 4.98
C ILE A 100 -11.56 0.67 5.89
N GLY A 101 -12.44 -0.29 5.63
CA GLY A 101 -13.67 -0.42 6.41
C GLY A 101 -13.36 -0.79 7.86
N ALA A 102 -12.09 -1.10 8.11
CA ALA A 102 -11.66 -1.46 9.44
C ALA A 102 -10.84 -0.32 10.03
N GLY A 103 -10.67 0.73 9.24
CA GLY A 103 -9.92 1.90 9.67
C GLY A 103 -8.68 1.47 10.46
N LYS A 104 -8.08 0.37 10.02
CA LYS A 104 -6.89 -0.14 10.69
C LYS A 104 -6.34 -1.31 9.88
N PRO A 105 -5.02 -1.60 10.10
CA PRO A 105 -4.36 -2.69 9.40
C PRO A 105 -4.80 -4.04 9.97
N VAL A 106 -5.92 -4.53 9.45
CA VAL A 106 -6.45 -5.81 9.89
C VAL A 106 -5.31 -6.83 9.96
N GLU A 107 -5.51 -7.84 10.80
CA GLU A 107 -4.52 -8.88 10.97
C GLU A 107 -4.43 -9.75 9.71
N MET A 108 -3.27 -10.34 9.50
CA MET A 108 -3.05 -11.19 8.35
C MET A 108 -3.36 -12.65 8.69
N THR A 109 -4.65 -12.95 8.73
CA THR A 109 -5.09 -14.31 9.03
C THR A 109 -4.65 -15.27 7.92
N GLY A 110 -5.08 -14.96 6.71
CA GLY A 110 -4.73 -15.79 5.56
C GLY A 110 -5.42 -15.28 4.30
N LYS A 111 -6.75 -15.25 4.35
CA LYS A 111 -7.53 -14.78 3.21
C LYS A 111 -6.88 -13.52 2.64
N HIS A 112 -6.33 -12.71 3.53
CA HIS A 112 -5.69 -11.47 3.14
C HIS A 112 -4.49 -11.79 2.23
N GLN A 113 -3.63 -12.66 2.73
CA GLN A 113 -2.45 -13.06 1.98
C GLN A 113 -2.86 -13.62 0.61
N LEU A 114 -2.01 -13.34 -0.38
CA LEU A 114 -2.27 -13.81 -1.73
C LEU A 114 -1.73 -15.24 -1.88
N SER A 115 -0.44 -15.39 -1.62
CA SER A 115 0.20 -16.68 -1.71
C SER A 115 0.10 -17.20 -3.15
N GLY A 116 1.02 -18.10 -3.49
CA GLY A 116 1.05 -18.68 -4.82
C GLY A 116 -0.28 -19.37 -5.14
N PRO A 117 -0.46 -19.68 -6.45
CA PRO A 117 -1.68 -20.34 -6.90
C PRO A 117 -1.67 -21.82 -6.52
N SER A 118 -2.77 -22.49 -6.84
CA SER A 118 -2.90 -23.90 -6.53
C SER A 118 -3.93 -24.55 -7.47
N SER A 119 -3.64 -25.78 -7.85
CA SER A 119 -4.53 -26.51 -8.73
C SER A 119 -4.26 -28.01 -8.63
N GLY A 120 -5.03 -28.66 -7.77
CA GLY A 120 -4.88 -30.10 -7.56
C GLY A 120 -5.71 -30.88 -8.57
N GLY A 1 8.69 -10.12 -17.89
CA GLY A 1 9.70 -9.13 -17.55
C GLY A 1 9.10 -7.72 -17.57
N SER A 2 9.77 -6.81 -16.88
CA SER A 2 9.31 -5.43 -16.81
C SER A 2 10.37 -4.57 -16.12
N SER A 3 10.23 -3.26 -16.28
CA SER A 3 11.15 -2.32 -15.67
C SER A 3 10.47 -0.96 -15.47
N GLY A 4 11.15 -0.08 -14.76
CA GLY A 4 10.63 1.24 -14.48
C GLY A 4 11.72 2.17 -13.96
N SER A 5 11.36 3.43 -13.82
CA SER A 5 12.30 4.43 -13.32
C SER A 5 11.56 5.48 -12.50
N SER A 6 12.33 6.28 -11.78
CA SER A 6 11.77 7.32 -10.94
C SER A 6 12.89 8.11 -10.25
N GLY A 7 12.51 9.25 -9.69
CA GLY A 7 13.47 10.10 -9.02
C GLY A 7 12.81 10.85 -7.86
N THR A 8 13.32 10.59 -6.65
CA THR A 8 12.80 11.23 -5.46
C THR A 8 12.80 12.75 -5.62
N GLY A 9 12.51 13.43 -4.53
CA GLY A 9 12.47 14.89 -4.53
C GLY A 9 11.86 15.43 -3.25
N ALA A 10 12.16 16.69 -2.96
CA ALA A 10 11.64 17.33 -1.77
C ALA A 10 11.33 18.79 -2.08
N LEU A 11 10.75 19.47 -1.09
CA LEU A 11 10.40 20.87 -1.24
C LEU A 11 9.71 21.36 0.02
N MET A 12 9.31 22.62 -0.01
CA MET A 12 8.64 23.22 1.14
C MET A 12 9.56 23.28 2.35
N ALA A 13 9.36 24.31 3.16
CA ALA A 13 10.17 24.50 4.35
C ALA A 13 9.51 23.79 5.54
N SER A 14 9.23 22.51 5.34
CA SER A 14 8.59 21.72 6.37
C SER A 14 8.57 20.24 5.96
N SER A 15 8.11 19.41 6.89
CA SER A 15 8.03 17.99 6.63
C SER A 15 6.77 17.41 7.30
N PRO A 16 5.61 17.70 6.65
CA PRO A 16 4.33 17.22 7.16
C PRO A 16 4.14 15.73 6.86
N GLN A 17 5.06 14.94 7.42
CA GLN A 17 5.01 13.50 7.22
C GLN A 17 4.77 12.79 8.56
N ASP A 18 3.52 12.84 9.00
CA ASP A 18 3.15 12.20 10.25
C ASP A 18 2.03 11.19 9.99
N ILE A 19 2.44 9.95 9.77
CA ILE A 19 1.50 8.88 9.51
C ILE A 19 0.87 8.43 10.83
N LYS A 20 -0.25 7.74 10.72
CA LYS A 20 -0.96 7.24 11.89
C LYS A 20 -0.22 6.00 12.42
N PHE A 21 0.03 5.07 11.51
CA PHE A 21 0.71 3.83 11.87
C PHE A 21 2.23 3.98 11.73
N GLN A 22 2.63 5.09 11.09
CA GLN A 22 4.04 5.36 10.88
C GLN A 22 4.81 4.06 10.66
N ASP A 23 4.17 3.16 9.93
CA ASP A 23 4.79 1.87 9.63
C ASP A 23 3.74 0.94 9.01
N LEU A 24 3.03 1.49 8.03
CA LEU A 24 2.00 0.72 7.34
C LEU A 24 1.90 1.19 5.89
N VAL A 25 3.02 1.08 5.19
CA VAL A 25 3.08 1.49 3.80
C VAL A 25 2.37 0.44 2.94
N VAL A 26 1.28 0.87 2.32
CA VAL A 26 0.51 -0.01 1.47
C VAL A 26 0.59 0.47 0.02
N PHE A 27 1.23 -0.35 -0.81
CA PHE A 27 1.39 -0.02 -2.21
C PHE A 27 0.45 -0.85 -3.09
N ILE A 28 -0.52 -0.17 -3.68
CA ILE A 28 -1.49 -0.84 -4.53
C ILE A 28 -0.85 -1.12 -5.89
N LEU A 29 -1.27 -2.22 -6.50
CA LEU A 29 -0.76 -2.61 -7.80
C LEU A 29 -1.81 -2.33 -8.86
N GLU A 30 -1.49 -1.40 -9.74
CA GLU A 30 -2.40 -1.04 -10.82
C GLU A 30 -2.83 -2.28 -11.59
N LYS A 31 -1.84 -3.07 -12.00
CA LYS A 31 -2.10 -4.29 -12.74
C LYS A 31 -3.39 -4.93 -12.22
N LYS A 32 -4.29 -5.21 -13.14
CA LYS A 32 -5.57 -5.82 -12.79
C LYS A 32 -6.36 -4.87 -11.91
N MET A 33 -6.54 -3.65 -12.41
CA MET A 33 -7.27 -2.64 -11.67
C MET A 33 -7.38 -1.35 -12.48
N GLY A 34 -6.23 -0.69 -12.64
CA GLY A 34 -6.18 0.56 -13.38
C GLY A 34 -5.70 1.71 -12.49
N THR A 35 -5.63 2.88 -13.08
CA THR A 35 -5.19 4.06 -12.36
C THR A 35 -6.31 4.57 -11.43
N THR A 36 -7.46 4.83 -12.03
CA THR A 36 -8.60 5.32 -11.27
C THR A 36 -8.70 4.59 -9.94
N ARG A 37 -9.05 3.32 -10.01
CA ARG A 37 -9.18 2.50 -8.82
C ARG A 37 -7.91 2.58 -7.98
N ARG A 38 -6.82 2.13 -8.58
CA ARG A 38 -5.53 2.14 -7.90
C ARG A 38 -5.38 3.42 -7.07
N ALA A 39 -5.45 4.55 -7.77
CA ALA A 39 -5.33 5.83 -7.11
C ALA A 39 -6.44 5.99 -6.07
N LEU A 40 -7.65 5.65 -6.48
CA LEU A 40 -8.80 5.75 -5.61
C LEU A 40 -8.50 4.99 -4.31
N LEU A 41 -8.44 3.68 -4.42
CA LEU A 41 -8.16 2.83 -3.27
C LEU A 41 -6.98 3.41 -2.49
N MET A 42 -5.95 3.78 -3.23
CA MET A 42 -4.76 4.35 -2.63
C MET A 42 -5.10 5.61 -1.82
N GLU A 43 -5.98 6.41 -2.39
CA GLU A 43 -6.39 7.65 -1.73
C GLU A 43 -7.37 7.34 -0.59
N LEU A 44 -8.21 6.34 -0.83
CA LEU A 44 -9.20 5.94 0.16
C LEU A 44 -8.47 5.47 1.42
N ALA A 45 -7.48 4.62 1.21
CA ALA A 45 -6.70 4.10 2.33
C ALA A 45 -6.06 5.25 3.09
N ARG A 46 -5.33 6.07 2.34
CA ARG A 46 -4.65 7.21 2.93
C ARG A 46 -5.60 7.99 3.84
N ARG A 47 -6.82 8.18 3.34
CA ARG A 47 -7.83 8.89 4.10
C ARG A 47 -8.06 8.21 5.46
N LYS A 48 -7.73 6.93 5.50
CA LYS A 48 -7.90 6.16 6.72
C LYS A 48 -6.65 6.33 7.60
N GLY A 49 -5.84 7.29 7.23
CA GLY A 49 -4.63 7.57 7.97
C GLY A 49 -3.50 6.63 7.54
N PHE A 50 -3.87 5.66 6.72
CA PHE A 50 -2.90 4.68 6.24
C PHE A 50 -1.84 5.36 5.36
N ARG A 51 -0.79 4.62 5.08
CA ARG A 51 0.31 5.12 4.26
C ARG A 51 0.40 4.34 2.96
N VAL A 52 0.17 5.04 1.86
CA VAL A 52 0.24 4.42 0.55
C VAL A 52 1.16 5.23 -0.35
N GLU A 53 1.67 4.56 -1.37
CA GLU A 53 2.57 5.20 -2.32
C GLU A 53 2.18 4.87 -3.75
N ASN A 54 2.54 5.76 -4.67
CA ASN A 54 2.23 5.57 -6.07
C ASN A 54 3.26 4.62 -6.70
N GLU A 55 4.49 4.75 -6.21
CA GLU A 55 5.57 3.91 -6.71
C GLU A 55 6.17 3.09 -5.57
N LEU A 56 6.65 1.90 -5.92
CA LEU A 56 7.26 1.02 -4.95
C LEU A 56 8.40 1.75 -4.24
N SER A 57 8.82 1.19 -3.11
CA SER A 57 9.90 1.78 -2.35
C SER A 57 10.31 0.84 -1.21
N ASP A 58 11.29 1.29 -0.43
CA ASP A 58 11.78 0.49 0.68
C ASP A 58 10.79 0.59 1.85
N SER A 59 9.99 1.64 1.82
CA SER A 59 9.01 1.87 2.87
C SER A 59 7.81 0.93 2.67
N VAL A 60 7.64 0.51 1.42
CA VAL A 60 6.54 -0.39 1.08
C VAL A 60 6.67 -1.68 1.91
N THR A 61 5.75 -1.83 2.85
CA THR A 61 5.75 -3.00 3.71
C THR A 61 4.61 -3.95 3.32
N HIS A 62 3.66 -3.40 2.57
CA HIS A 62 2.51 -4.17 2.13
C HIS A 62 2.13 -3.76 0.71
N ILE A 63 1.99 -4.75 -0.15
CA ILE A 63 1.63 -4.50 -1.54
C ILE A 63 0.24 -5.09 -1.81
N VAL A 64 -0.66 -4.23 -2.26
CA VAL A 64 -2.02 -4.65 -2.56
C VAL A 64 -2.11 -5.01 -4.05
N ALA A 65 -2.86 -6.06 -4.33
CA ALA A 65 -3.05 -6.51 -5.70
C ALA A 65 -4.37 -7.27 -5.80
N GLU A 66 -5.14 -6.93 -6.82
CA GLU A 66 -6.41 -7.58 -7.05
C GLU A 66 -6.34 -8.49 -8.27
N ASN A 67 -6.87 -9.70 -8.11
CA ASN A 67 -6.87 -10.67 -9.18
C ASN A 67 -5.44 -11.15 -9.42
N ASN A 68 -4.56 -10.76 -8.52
CA ASN A 68 -3.16 -11.15 -8.63
C ASN A 68 -2.84 -12.19 -7.54
N SER A 69 -1.86 -13.03 -7.85
CA SER A 69 -1.45 -14.07 -6.92
C SER A 69 -0.11 -13.70 -6.29
N GLY A 70 0.05 -14.08 -5.03
CA GLY A 70 1.27 -13.81 -4.31
C GLY A 70 2.49 -14.05 -5.19
N SER A 71 2.38 -15.04 -6.07
CA SER A 71 3.45 -15.38 -6.97
C SER A 71 3.63 -14.28 -8.01
N ASP A 72 2.49 -13.85 -8.55
CA ASP A 72 2.51 -12.80 -9.57
C ASP A 72 3.21 -11.56 -9.01
N VAL A 73 2.74 -11.13 -7.85
CA VAL A 73 3.31 -9.97 -7.19
C VAL A 73 4.80 -10.20 -6.95
N LEU A 74 5.11 -11.39 -6.47
CA LEU A 74 6.49 -11.76 -6.20
C LEU A 74 7.33 -11.54 -7.45
N GLU A 75 7.01 -12.32 -8.48
CA GLU A 75 7.73 -12.22 -9.74
C GLU A 75 7.90 -10.75 -10.15
N TRP A 76 6.84 -9.98 -9.93
CA TRP A 76 6.85 -8.57 -10.27
C TRP A 76 7.83 -7.87 -9.32
N LEU A 77 7.79 -8.27 -8.06
CA LEU A 77 8.65 -7.70 -7.05
C LEU A 77 10.11 -7.76 -7.54
N GLN A 78 10.50 -8.96 -7.93
CA GLN A 78 11.87 -9.17 -8.42
C GLN A 78 12.10 -8.35 -9.69
N ALA A 79 11.03 -8.15 -10.43
CA ALA A 79 11.11 -7.40 -11.67
C ALA A 79 11.44 -5.93 -11.34
N GLN A 80 10.92 -5.48 -10.22
CA GLN A 80 11.14 -4.11 -9.78
C GLN A 80 12.64 -3.84 -9.63
N LYS A 81 13.04 -2.64 -10.00
CA LYS A 81 14.44 -2.25 -9.90
C LYS A 81 14.68 -1.54 -8.57
N VAL A 82 13.62 -1.44 -7.78
CA VAL A 82 13.71 -0.79 -6.48
C VAL A 82 14.13 -1.82 -5.43
N GLN A 83 15.26 -1.54 -4.81
CA GLN A 83 15.78 -2.44 -3.78
C GLN A 83 15.14 -2.11 -2.43
N VAL A 84 14.04 -2.80 -2.15
CA VAL A 84 13.33 -2.60 -0.90
C VAL A 84 14.20 -3.10 0.26
N SER A 85 14.00 -2.47 1.41
CA SER A 85 14.75 -2.83 2.60
C SER A 85 14.37 -4.25 3.04
N SER A 86 13.22 -4.70 2.56
CA SER A 86 12.74 -6.03 2.90
C SER A 86 11.49 -6.35 2.08
N GLN A 87 11.34 -7.63 1.75
CA GLN A 87 10.20 -8.08 0.98
C GLN A 87 8.89 -7.65 1.66
N PRO A 88 8.08 -6.88 0.89
CA PRO A 88 6.80 -6.40 1.41
C PRO A 88 5.77 -7.53 1.44
N GLU A 89 4.67 -7.26 2.14
CA GLU A 89 3.61 -8.25 2.26
C GLU A 89 2.69 -8.18 1.03
N LEU A 90 2.30 -9.36 0.56
CA LEU A 90 1.43 -9.45 -0.60
C LEU A 90 0.02 -9.81 -0.14
N LEU A 91 -0.86 -8.82 -0.22
CA LEU A 91 -2.24 -9.02 0.19
C LEU A 91 -3.17 -8.62 -0.97
N ASP A 92 -4.40 -9.09 -0.89
CA ASP A 92 -5.39 -8.79 -1.92
C ASP A 92 -6.05 -7.46 -1.60
N VAL A 93 -6.72 -6.92 -2.61
CA VAL A 93 -7.40 -5.64 -2.46
C VAL A 93 -8.44 -5.75 -1.33
N SER A 94 -8.74 -6.99 -0.98
CA SER A 94 -9.72 -7.25 0.08
C SER A 94 -9.19 -6.70 1.41
N TRP A 95 -7.98 -7.13 1.75
CA TRP A 95 -7.36 -6.69 2.99
C TRP A 95 -7.58 -5.18 3.12
N LEU A 96 -7.20 -4.46 2.07
CA LEU A 96 -7.35 -3.02 2.06
C LEU A 96 -8.79 -2.65 2.41
N ILE A 97 -9.71 -3.14 1.58
CA ILE A 97 -11.12 -2.88 1.79
C ILE A 97 -11.43 -2.95 3.29
N GLU A 98 -11.01 -4.06 3.89
CA GLU A 98 -11.23 -4.26 5.31
C GLU A 98 -10.43 -3.25 6.13
N CYS A 99 -9.16 -3.12 5.78
CA CYS A 99 -8.29 -2.19 6.47
C CYS A 99 -8.96 -0.81 6.49
N ILE A 100 -9.65 -0.52 5.41
CA ILE A 100 -10.35 0.76 5.28
C ILE A 100 -11.52 0.79 6.26
N GLY A 101 -12.52 -0.02 5.97
CA GLY A 101 -13.70 -0.08 6.81
C GLY A 101 -13.32 -0.36 8.27
N ALA A 102 -12.10 -0.87 8.44
CA ALA A 102 -11.60 -1.19 9.77
C ALA A 102 -10.79 0.00 10.29
N GLY A 103 -10.22 0.75 9.36
CA GLY A 103 -9.42 1.90 9.71
C GLY A 103 -8.10 1.48 10.36
N LYS A 104 -7.88 0.17 10.35
CA LYS A 104 -6.65 -0.38 10.93
C LYS A 104 -6.19 -1.56 10.08
N PRO A 105 -4.89 -1.95 10.30
CA PRO A 105 -4.32 -3.06 9.56
C PRO A 105 -4.83 -4.39 10.10
N VAL A 106 -6.02 -4.76 9.63
CA VAL A 106 -6.64 -6.01 10.05
C VAL A 106 -5.58 -7.13 10.02
N GLU A 107 -5.76 -8.09 10.91
CA GLU A 107 -4.85 -9.21 11.00
C GLU A 107 -4.71 -9.89 9.63
N MET A 108 -3.62 -10.63 9.48
CA MET A 108 -3.36 -11.33 8.24
C MET A 108 -3.59 -12.84 8.39
N THR A 109 -4.82 -13.17 8.75
CA THR A 109 -5.19 -14.57 8.94
C THR A 109 -4.51 -15.44 7.87
N GLY A 110 -4.75 -15.09 6.62
CA GLY A 110 -4.17 -15.83 5.51
C GLY A 110 -4.88 -15.51 4.20
N LYS A 111 -6.21 -15.50 4.28
CA LYS A 111 -7.03 -15.20 3.10
C LYS A 111 -6.59 -13.86 2.51
N HIS A 112 -6.29 -12.92 3.40
CA HIS A 112 -5.87 -11.60 2.98
C HIS A 112 -4.71 -11.72 2.00
N GLN A 113 -3.81 -12.64 2.31
CA GLN A 113 -2.64 -12.87 1.46
C GLN A 113 -3.06 -13.57 0.17
N LEU A 114 -2.60 -13.02 -0.94
CA LEU A 114 -2.92 -13.59 -2.24
C LEU A 114 -2.89 -15.11 -2.15
N SER A 115 -1.77 -15.61 -1.64
CA SER A 115 -1.60 -17.05 -1.50
C SER A 115 -1.71 -17.73 -2.86
N GLY A 116 -0.58 -18.27 -3.32
CA GLY A 116 -0.53 -18.96 -4.60
C GLY A 116 -1.17 -20.34 -4.51
N PRO A 117 -0.54 -21.30 -5.23
CA PRO A 117 -1.03 -22.67 -5.24
C PRO A 117 -0.69 -23.38 -3.92
N SER A 118 -1.36 -24.50 -3.70
CA SER A 118 -1.14 -25.29 -2.49
C SER A 118 0.07 -26.21 -2.69
N SER A 119 -0.09 -27.15 -3.60
CA SER A 119 0.98 -28.09 -3.89
C SER A 119 1.23 -28.98 -2.67
N GLY A 120 0.69 -30.19 -2.73
CA GLY A 120 0.86 -31.13 -1.63
C GLY A 120 0.84 -32.57 -2.15
N GLY A 1 13.55 8.69 3.40
CA GLY A 1 14.60 9.28 4.20
C GLY A 1 14.52 10.80 4.18
N SER A 2 14.37 11.38 5.38
CA SER A 2 14.27 12.81 5.51
C SER A 2 15.50 13.48 4.88
N SER A 3 15.23 14.33 3.90
CA SER A 3 16.30 15.04 3.21
C SER A 3 15.89 16.49 2.95
N GLY A 4 16.49 17.38 3.71
CA GLY A 4 16.20 18.80 3.57
C GLY A 4 17.34 19.66 4.13
N SER A 5 17.17 20.07 5.38
CA SER A 5 18.18 20.88 6.03
C SER A 5 17.89 20.97 7.53
N SER A 6 18.96 20.95 8.32
CA SER A 6 18.83 21.03 9.76
C SER A 6 18.98 22.48 10.23
N GLY A 7 17.84 23.16 10.31
CA GLY A 7 17.82 24.55 10.73
C GLY A 7 18.14 24.66 12.23
N THR A 8 18.56 25.86 12.61
CA THR A 8 18.90 26.12 14.01
C THR A 8 17.64 26.20 14.86
N GLY A 9 17.04 25.03 15.09
CA GLY A 9 15.82 24.95 15.88
C GLY A 9 14.59 24.84 14.99
N ALA A 10 13.97 23.66 15.04
CA ALA A 10 12.79 23.41 14.24
C ALA A 10 11.55 23.47 15.14
N LEU A 11 10.49 24.05 14.60
CA LEU A 11 9.25 24.18 15.35
C LEU A 11 8.31 23.03 14.96
N MET A 12 7.91 23.03 13.70
CA MET A 12 7.03 22.01 13.20
C MET A 12 5.96 21.64 14.22
N ALA A 13 4.85 22.38 14.17
CA ALA A 13 3.75 22.15 15.09
C ALA A 13 2.53 22.96 14.63
N SER A 14 1.75 22.34 13.77
CA SER A 14 0.56 22.98 13.25
C SER A 14 -0.22 22.01 12.37
N SER A 15 0.46 21.48 11.36
CA SER A 15 -0.15 20.55 10.44
C SER A 15 -0.12 19.13 11.04
N PRO A 16 -1.25 18.41 10.88
CA PRO A 16 -1.36 17.06 11.39
C PRO A 16 -0.57 16.07 10.52
N GLN A 17 0.71 16.37 10.36
CA GLN A 17 1.58 15.53 9.56
C GLN A 17 2.14 14.38 10.41
N ASP A 18 1.22 13.55 10.89
CA ASP A 18 1.62 12.41 11.71
C ASP A 18 0.78 11.19 11.31
N ILE A 19 1.34 10.39 10.42
CA ILE A 19 0.66 9.20 9.95
C ILE A 19 0.09 8.43 11.15
N LYS A 20 -1.20 8.14 11.06
CA LYS A 20 -1.87 7.42 12.12
C LYS A 20 -0.95 6.34 12.68
N PHE A 21 -0.56 5.43 11.80
CA PHE A 21 0.32 4.33 12.18
C PHE A 21 1.78 4.77 12.11
N GLN A 22 2.16 5.29 10.95
CA GLN A 22 3.52 5.74 10.74
C GLN A 22 4.47 4.55 10.58
N ASP A 23 3.86 3.36 10.50
CA ASP A 23 4.63 2.15 10.35
C ASP A 23 3.90 1.21 9.38
N LEU A 24 3.09 1.82 8.53
CA LEU A 24 2.32 1.05 7.55
C LEU A 24 2.44 1.72 6.18
N VAL A 25 2.74 0.90 5.19
CA VAL A 25 2.89 1.40 3.83
C VAL A 25 2.19 0.45 2.86
N VAL A 26 0.98 0.84 2.46
CA VAL A 26 0.20 0.04 1.54
C VAL A 26 0.48 0.50 0.11
N PHE A 27 0.82 -0.47 -0.73
CA PHE A 27 1.11 -0.18 -2.13
C PHE A 27 0.21 -1.00 -3.05
N ILE A 28 -0.69 -0.30 -3.73
CA ILE A 28 -1.61 -0.94 -4.65
C ILE A 28 -0.91 -1.18 -5.99
N LEU A 29 -1.15 -2.36 -6.55
CA LEU A 29 -0.56 -2.71 -7.82
C LEU A 29 -1.56 -2.44 -8.94
N GLU A 30 -1.28 -1.39 -9.70
CA GLU A 30 -2.14 -1.00 -10.81
C GLU A 30 -2.63 -2.25 -11.55
N LYS A 31 -1.67 -3.05 -12.00
CA LYS A 31 -1.99 -4.27 -12.73
C LYS A 31 -3.21 -4.93 -12.08
N LYS A 32 -4.16 -5.32 -12.92
CA LYS A 32 -5.36 -5.96 -12.45
C LYS A 32 -6.19 -4.96 -11.64
N MET A 33 -6.32 -3.76 -12.20
CA MET A 33 -7.08 -2.72 -11.56
C MET A 33 -7.15 -1.46 -12.43
N GLY A 34 -6.00 -0.82 -12.58
CA GLY A 34 -5.92 0.39 -13.39
C GLY A 34 -5.36 1.55 -12.57
N THR A 35 -5.61 2.75 -13.08
CA THR A 35 -5.16 3.95 -12.41
C THR A 35 -6.21 4.46 -11.44
N THR A 36 -7.34 4.86 -12.00
CA THR A 36 -8.44 5.37 -11.19
C THR A 36 -8.55 4.58 -9.89
N ARG A 37 -8.99 3.34 -10.02
CA ARG A 37 -9.14 2.47 -8.87
C ARG A 37 -7.86 2.47 -8.02
N ARG A 38 -6.76 2.17 -8.68
CA ARG A 38 -5.47 2.13 -8.01
C ARG A 38 -5.30 3.39 -7.14
N ALA A 39 -5.29 4.53 -7.80
CA ALA A 39 -5.12 5.79 -7.11
C ALA A 39 -6.24 5.96 -6.08
N LEU A 40 -7.46 5.77 -6.54
CA LEU A 40 -8.62 5.88 -5.67
C LEU A 40 -8.35 5.12 -4.37
N LEU A 41 -8.40 3.80 -4.48
CA LEU A 41 -8.16 2.95 -3.33
C LEU A 41 -6.99 3.50 -2.52
N MET A 42 -5.90 3.75 -3.22
CA MET A 42 -4.70 4.28 -2.58
C MET A 42 -5.01 5.56 -1.80
N GLU A 43 -5.87 6.38 -2.40
CA GLU A 43 -6.27 7.63 -1.77
C GLU A 43 -7.22 7.37 -0.60
N LEU A 44 -8.06 6.37 -0.79
CA LEU A 44 -9.02 6.00 0.23
C LEU A 44 -8.28 5.53 1.48
N ALA A 45 -7.28 4.69 1.25
CA ALA A 45 -6.48 4.16 2.34
C ALA A 45 -5.89 5.31 3.16
N ARG A 46 -5.08 6.12 2.48
CA ARG A 46 -4.46 7.27 3.12
C ARG A 46 -5.46 7.96 4.06
N ARG A 47 -6.62 8.27 3.51
CA ARG A 47 -7.66 8.93 4.28
C ARG A 47 -7.87 8.21 5.62
N LYS A 48 -7.81 6.89 5.56
CA LYS A 48 -7.99 6.08 6.75
C LYS A 48 -6.79 6.27 7.68
N GLY A 49 -5.66 6.58 7.06
CA GLY A 49 -4.43 6.78 7.82
C GLY A 49 -3.36 5.76 7.43
N PHE A 50 -3.39 5.39 6.16
CA PHE A 50 -2.43 4.42 5.65
C PHE A 50 -1.48 5.07 4.63
N ARG A 51 -0.21 5.16 5.01
CA ARG A 51 0.79 5.75 4.15
C ARG A 51 0.88 4.97 2.83
N VAL A 52 0.04 5.36 1.90
CA VAL A 52 0.02 4.72 0.59
C VAL A 52 1.07 5.36 -0.31
N GLU A 53 1.63 4.53 -1.18
CA GLU A 53 2.66 5.00 -2.10
C GLU A 53 2.23 4.74 -3.55
N ASN A 54 2.73 5.58 -4.45
CA ASN A 54 2.41 5.45 -5.86
C ASN A 54 3.40 4.49 -6.51
N GLU A 55 4.65 4.60 -6.10
CA GLU A 55 5.70 3.74 -6.64
C GLU A 55 6.19 2.77 -5.57
N LEU A 56 6.55 1.57 -6.02
CA LEU A 56 7.04 0.56 -5.11
C LEU A 56 8.36 1.01 -4.50
N SER A 57 8.39 1.06 -3.17
CA SER A 57 9.58 1.47 -2.46
C SER A 57 9.94 0.45 -1.39
N ASP A 58 11.01 0.72 -0.67
CA ASP A 58 11.47 -0.17 0.38
C ASP A 58 10.57 -0.01 1.60
N SER A 59 10.06 1.20 1.78
CA SER A 59 9.18 1.48 2.90
C SER A 59 7.89 0.67 2.77
N VAL A 60 7.64 0.19 1.56
CA VAL A 60 6.45 -0.60 1.30
C VAL A 60 6.51 -1.88 2.12
N THR A 61 5.59 -1.99 3.07
CA THR A 61 5.53 -3.16 3.93
C THR A 61 4.32 -4.01 3.56
N HIS A 62 3.40 -3.41 2.84
CA HIS A 62 2.20 -4.11 2.42
C HIS A 62 1.87 -3.74 0.97
N ILE A 63 1.84 -4.76 0.13
CA ILE A 63 1.55 -4.55 -1.28
C ILE A 63 0.17 -5.15 -1.60
N VAL A 64 -0.71 -4.29 -2.11
CA VAL A 64 -2.05 -4.71 -2.46
C VAL A 64 -2.10 -5.10 -3.94
N ALA A 65 -2.87 -6.13 -4.22
CA ALA A 65 -3.01 -6.61 -5.59
C ALA A 65 -4.30 -7.42 -5.72
N GLU A 66 -5.03 -7.16 -6.80
CA GLU A 66 -6.27 -7.84 -7.05
C GLU A 66 -6.05 -9.00 -8.03
N ASN A 67 -6.66 -10.13 -7.72
CA ASN A 67 -6.54 -11.31 -8.55
C ASN A 67 -5.11 -11.86 -8.46
N ASN A 68 -4.17 -11.02 -8.84
CA ASN A 68 -2.77 -11.40 -8.81
C ASN A 68 -2.47 -12.10 -7.47
N SER A 69 -1.73 -13.20 -7.58
CA SER A 69 -1.38 -13.97 -6.40
C SER A 69 0.00 -13.55 -5.90
N GLY A 70 0.24 -13.81 -4.61
CA GLY A 70 1.52 -13.46 -4.00
C GLY A 70 2.67 -13.67 -4.98
N SER A 71 2.64 -14.81 -5.66
CA SER A 71 3.67 -15.14 -6.63
C SER A 71 3.70 -14.09 -7.74
N ASP A 72 2.55 -13.91 -8.37
CA ASP A 72 2.42 -12.96 -9.45
C ASP A 72 3.08 -11.64 -9.04
N VAL A 73 2.67 -11.16 -7.87
CA VAL A 73 3.21 -9.92 -7.34
C VAL A 73 4.72 -10.04 -7.20
N LEU A 74 5.15 -11.17 -6.64
CA LEU A 74 6.56 -11.42 -6.44
C LEU A 74 7.31 -11.20 -7.76
N GLU A 75 6.99 -12.06 -8.72
CA GLU A 75 7.62 -11.98 -10.03
C GLU A 75 7.75 -10.52 -10.46
N TRP A 76 6.70 -9.75 -10.19
CA TRP A 76 6.69 -8.34 -10.55
C TRP A 76 7.71 -7.62 -9.66
N LEU A 77 7.63 -7.90 -8.37
CA LEU A 77 8.53 -7.29 -7.41
C LEU A 77 9.97 -7.40 -7.92
N GLN A 78 10.32 -8.62 -8.32
CA GLN A 78 11.66 -8.87 -8.84
C GLN A 78 11.85 -8.18 -10.18
N ALA A 79 10.75 -7.98 -10.88
CA ALA A 79 10.78 -7.32 -12.17
C ALA A 79 11.11 -5.84 -11.98
N GLN A 80 10.59 -5.29 -10.90
CA GLN A 80 10.81 -3.89 -10.58
C GLN A 80 12.28 -3.66 -10.22
N LYS A 81 12.77 -2.49 -10.58
CA LYS A 81 14.16 -2.13 -10.30
C LYS A 81 14.27 -1.68 -8.84
N VAL A 82 13.13 -1.65 -8.17
CA VAL A 82 13.10 -1.25 -6.78
C VAL A 82 13.27 -2.48 -5.89
N GLN A 83 14.14 -2.34 -4.90
CA GLN A 83 14.41 -3.43 -3.98
C GLN A 83 13.86 -3.09 -2.59
N VAL A 84 13.35 -4.12 -1.93
CA VAL A 84 12.79 -3.95 -0.60
C VAL A 84 13.67 -4.67 0.42
N SER A 85 14.18 -3.91 1.38
CA SER A 85 15.03 -4.47 2.41
C SER A 85 14.37 -5.69 3.04
N SER A 86 13.04 -5.62 3.12
CA SER A 86 12.27 -6.71 3.70
C SER A 86 10.99 -6.92 2.88
N GLN A 87 10.93 -8.09 2.24
CA GLN A 87 9.77 -8.43 1.43
C GLN A 87 8.48 -7.92 2.09
N PRO A 88 7.69 -7.17 1.29
CA PRO A 88 6.44 -6.61 1.78
C PRO A 88 5.36 -7.70 1.90
N GLU A 89 4.30 -7.36 2.60
CA GLU A 89 3.20 -8.29 2.80
C GLU A 89 2.29 -8.31 1.58
N LEU A 90 2.24 -9.46 0.93
CA LEU A 90 1.43 -9.62 -0.26
C LEU A 90 0.02 -10.03 0.16
N LEU A 91 -0.91 -9.09 0.00
CA LEU A 91 -2.30 -9.34 0.35
C LEU A 91 -3.21 -8.86 -0.79
N ASP A 92 -4.42 -9.40 -0.80
CA ASP A 92 -5.38 -9.02 -1.82
C ASP A 92 -6.05 -7.70 -1.45
N VAL A 93 -6.69 -7.11 -2.43
CA VAL A 93 -7.37 -5.83 -2.22
C VAL A 93 -8.32 -5.96 -1.02
N SER A 94 -8.69 -7.20 -0.73
CA SER A 94 -9.59 -7.47 0.38
C SER A 94 -9.06 -6.81 1.65
N TRP A 95 -7.82 -7.15 2.00
CA TRP A 95 -7.19 -6.60 3.17
C TRP A 95 -7.39 -5.08 3.16
N LEU A 96 -6.82 -4.45 2.14
CA LEU A 96 -6.93 -3.01 1.99
C LEU A 96 -8.38 -2.60 2.16
N ILE A 97 -9.25 -3.27 1.40
CA ILE A 97 -10.67 -2.97 1.46
C ILE A 97 -11.13 -2.95 2.92
N GLU A 98 -10.83 -4.03 3.62
CA GLU A 98 -11.21 -4.14 5.02
C GLU A 98 -10.46 -3.10 5.85
N CYS A 99 -9.16 -3.04 5.60
CA CYS A 99 -8.31 -2.09 6.33
C CYS A 99 -9.00 -0.73 6.31
N ILE A 100 -9.73 -0.48 5.24
CA ILE A 100 -10.45 0.78 5.10
C ILE A 100 -11.68 0.77 6.01
N GLY A 101 -12.61 -0.11 5.68
CA GLY A 101 -13.83 -0.23 6.45
C GLY A 101 -13.53 -0.49 7.92
N ALA A 102 -12.30 -0.90 8.18
CA ALA A 102 -11.87 -1.18 9.54
C ALA A 102 -11.07 0.00 10.07
N GLY A 103 -10.63 0.84 9.14
CA GLY A 103 -9.86 2.01 9.52
C GLY A 103 -8.57 1.62 10.26
N LYS A 104 -8.23 0.35 10.14
CA LYS A 104 -7.04 -0.17 10.80
C LYS A 104 -6.53 -1.39 10.03
N PRO A 105 -5.26 -1.76 10.32
CA PRO A 105 -4.64 -2.91 9.67
C PRO A 105 -5.19 -4.22 10.23
N VAL A 106 -6.27 -4.69 9.63
CA VAL A 106 -6.90 -5.92 10.07
C VAL A 106 -5.84 -7.03 10.12
N GLU A 107 -6.14 -8.05 10.92
CA GLU A 107 -5.23 -9.17 11.07
C GLU A 107 -5.23 -10.04 9.80
N MET A 108 -4.09 -10.65 9.55
CA MET A 108 -3.94 -11.50 8.38
C MET A 108 -4.30 -12.95 8.71
N THR A 109 -5.39 -13.41 8.09
CA THR A 109 -5.85 -14.77 8.32
C THR A 109 -5.79 -15.56 7.01
N GLY A 110 -4.63 -15.51 6.37
CA GLY A 110 -4.43 -16.23 5.12
C GLY A 110 -5.22 -15.56 3.98
N LYS A 111 -6.53 -15.57 4.13
CA LYS A 111 -7.40 -14.97 3.13
C LYS A 111 -6.78 -13.67 2.62
N HIS A 112 -6.56 -12.75 3.56
CA HIS A 112 -5.97 -11.47 3.23
C HIS A 112 -4.74 -11.68 2.33
N GLN A 113 -3.94 -12.67 2.71
CA GLN A 113 -2.74 -12.98 1.96
C GLN A 113 -3.10 -13.53 0.58
N LEU A 114 -2.23 -13.29 -0.37
CA LEU A 114 -2.44 -13.76 -1.73
C LEU A 114 -1.88 -15.17 -1.87
N SER A 115 -0.64 -15.33 -1.46
CA SER A 115 0.02 -16.62 -1.53
C SER A 115 1.16 -16.69 -0.51
N GLY A 116 1.52 -17.91 -0.15
CA GLY A 116 2.59 -18.13 0.80
C GLY A 116 3.95 -18.11 0.11
N PRO A 117 5.02 -18.07 0.96
CA PRO A 117 6.38 -18.05 0.44
C PRO A 117 6.79 -19.44 -0.06
N SER A 118 7.70 -19.43 -1.03
CA SER A 118 8.18 -20.67 -1.60
C SER A 118 7.01 -21.63 -1.85
N SER A 119 6.46 -21.55 -3.05
CA SER A 119 5.33 -22.39 -3.42
C SER A 119 5.54 -22.94 -4.83
N GLY A 120 5.34 -24.23 -4.97
CA GLY A 120 5.49 -24.90 -6.26
C GLY A 120 6.83 -24.52 -6.90
N GLY A 1 12.00 18.13 20.59
CA GLY A 1 12.49 19.37 20.05
C GLY A 1 11.74 19.76 18.77
N SER A 2 12.44 20.43 17.88
CA SER A 2 11.86 20.86 16.63
C SER A 2 12.87 20.69 15.49
N SER A 3 12.94 19.47 14.97
CA SER A 3 13.85 19.17 13.88
C SER A 3 13.28 19.67 12.55
N GLY A 4 14.17 20.07 11.66
CA GLY A 4 13.77 20.56 10.36
C GLY A 4 14.19 22.01 10.16
N SER A 5 13.79 22.56 9.02
CA SER A 5 14.12 23.94 8.70
C SER A 5 12.88 24.69 8.25
N SER A 6 12.86 25.98 8.53
CA SER A 6 11.73 26.82 8.16
C SER A 6 11.95 28.26 8.65
N GLY A 7 12.65 29.03 7.83
CA GLY A 7 12.94 30.40 8.16
C GLY A 7 11.78 31.32 7.78
N THR A 8 10.62 31.01 8.35
CA THR A 8 9.42 31.79 8.08
C THR A 8 8.70 32.13 9.38
N GLY A 9 8.29 33.39 9.50
CA GLY A 9 7.60 33.85 10.68
C GLY A 9 6.15 33.36 10.69
N ALA A 10 5.99 32.08 11.01
CA ALA A 10 4.66 31.48 11.06
C ALA A 10 4.63 30.41 12.15
N LEU A 11 3.44 30.17 12.66
CA LEU A 11 3.27 29.18 13.71
C LEU A 11 2.09 28.26 13.34
N MET A 12 2.44 27.05 12.92
CA MET A 12 1.43 26.08 12.54
C MET A 12 0.76 25.46 13.77
N ALA A 13 -0.55 25.33 13.69
CA ALA A 13 -1.32 24.76 14.79
C ALA A 13 -1.58 23.28 14.50
N SER A 14 -2.30 23.04 13.42
CA SER A 14 -2.63 21.68 13.02
C SER A 14 -2.87 21.61 11.52
N SER A 15 -2.98 20.39 11.02
CA SER A 15 -3.22 20.18 9.61
C SER A 15 -3.29 18.67 9.31
N PRO A 16 -3.94 18.35 8.15
CA PRO A 16 -4.08 16.96 7.75
C PRO A 16 -2.75 16.41 7.19
N GLN A 17 -1.74 16.43 8.05
CA GLN A 17 -0.43 15.94 7.67
C GLN A 17 0.23 15.20 8.85
N ASP A 18 -0.45 14.15 9.30
CA ASP A 18 0.05 13.37 10.40
C ASP A 18 -0.36 11.91 10.20
N ILE A 19 0.53 11.14 9.60
CA ILE A 19 0.29 9.73 9.34
C ILE A 19 -0.29 9.08 10.60
N LYS A 20 -1.47 8.52 10.45
CA LYS A 20 -2.12 7.86 11.57
C LYS A 20 -1.40 6.55 11.89
N PHE A 21 -1.41 5.64 10.92
CA PHE A 21 -0.76 4.36 11.09
C PHE A 21 0.73 4.46 10.75
N GLN A 22 1.55 4.09 11.73
CA GLN A 22 2.99 4.13 11.55
C GLN A 22 3.53 2.72 11.28
N ASP A 23 4.62 2.67 10.54
CA ASP A 23 5.24 1.40 10.19
C ASP A 23 4.32 0.62 9.26
N LEU A 24 3.50 1.37 8.54
CA LEU A 24 2.56 0.76 7.59
C LEU A 24 2.62 1.51 6.26
N VAL A 25 2.90 0.77 5.20
CA VAL A 25 2.98 1.36 3.88
C VAL A 25 2.26 0.44 2.88
N VAL A 26 1.01 0.79 2.61
CA VAL A 26 0.21 0.02 1.67
C VAL A 26 0.52 0.48 0.25
N PHE A 27 0.91 -0.49 -0.58
CA PHE A 27 1.24 -0.20 -1.96
C PHE A 27 0.32 -0.99 -2.90
N ILE A 28 -0.54 -0.25 -3.58
CA ILE A 28 -1.48 -0.86 -4.53
C ILE A 28 -0.74 -1.16 -5.84
N LEU A 29 -1.03 -2.34 -6.37
CA LEU A 29 -0.41 -2.78 -7.61
C LEU A 29 -1.39 -2.54 -8.77
N GLU A 30 -1.08 -1.54 -9.58
CA GLU A 30 -1.90 -1.21 -10.72
C GLU A 30 -2.40 -2.49 -11.39
N LYS A 31 -1.46 -3.36 -11.75
CA LYS A 31 -1.78 -4.60 -12.40
C LYS A 31 -3.09 -5.15 -11.82
N LYS A 32 -4.05 -5.35 -12.72
CA LYS A 32 -5.35 -5.87 -12.32
C LYS A 32 -6.11 -4.77 -11.56
N MET A 33 -6.23 -3.63 -12.21
CA MET A 33 -6.93 -2.51 -11.62
C MET A 33 -6.87 -1.28 -12.53
N GLY A 34 -5.68 -0.71 -12.65
CA GLY A 34 -5.48 0.45 -13.49
C GLY A 34 -4.97 1.64 -12.66
N THR A 35 -5.18 2.83 -13.22
CA THR A 35 -4.75 4.04 -12.54
C THR A 35 -5.87 4.59 -11.66
N THR A 36 -7.03 4.74 -12.28
CA THR A 36 -8.20 5.26 -11.58
C THR A 36 -8.34 4.56 -10.21
N ARG A 37 -8.74 3.29 -10.29
CA ARG A 37 -8.92 2.50 -9.08
C ARG A 37 -7.66 2.57 -8.21
N ARG A 38 -6.56 2.13 -8.78
CA ARG A 38 -5.29 2.13 -8.07
C ARG A 38 -5.16 3.40 -7.23
N ALA A 39 -5.24 4.54 -7.90
CA ALA A 39 -5.14 5.83 -7.24
C ALA A 39 -6.27 5.96 -6.23
N LEU A 40 -7.49 5.77 -6.71
CA LEU A 40 -8.66 5.87 -5.87
C LEU A 40 -8.41 5.13 -4.55
N LEU A 41 -8.38 3.82 -4.64
CA LEU A 41 -8.14 2.98 -3.48
C LEU A 41 -7.04 3.61 -2.63
N MET A 42 -5.88 3.79 -3.24
CA MET A 42 -4.74 4.38 -2.55
C MET A 42 -5.16 5.65 -1.79
N GLU A 43 -6.04 6.42 -2.43
CA GLU A 43 -6.53 7.65 -1.82
C GLU A 43 -7.48 7.33 -0.67
N LEU A 44 -8.25 6.28 -0.85
CA LEU A 44 -9.20 5.85 0.17
C LEU A 44 -8.44 5.41 1.42
N ALA A 45 -7.36 4.67 1.19
CA ALA A 45 -6.55 4.18 2.28
C ALA A 45 -5.96 5.37 3.05
N ARG A 46 -5.30 6.24 2.29
CA ARG A 46 -4.67 7.41 2.88
C ARG A 46 -5.66 8.11 3.82
N ARG A 47 -6.88 8.26 3.34
CA ARG A 47 -7.92 8.91 4.13
C ARG A 47 -8.03 8.26 5.51
N LYS A 48 -7.57 7.02 5.58
CA LYS A 48 -7.61 6.27 6.83
C LYS A 48 -6.36 6.60 7.64
N GLY A 49 -5.30 6.96 6.93
CA GLY A 49 -4.04 7.30 7.57
C GLY A 49 -2.89 6.46 6.99
N PHE A 50 -3.26 5.30 6.47
CA PHE A 50 -2.27 4.41 5.88
C PHE A 50 -1.36 5.16 4.91
N ARG A 51 -0.06 4.99 5.12
CA ARG A 51 0.93 5.64 4.28
C ARG A 51 1.02 4.93 2.92
N VAL A 52 0.08 5.27 2.05
CA VAL A 52 0.05 4.69 0.72
C VAL A 52 1.08 5.38 -0.16
N GLU A 53 1.62 4.61 -1.09
CA GLU A 53 2.62 5.14 -2.02
C GLU A 53 2.20 4.87 -3.46
N ASN A 54 2.73 5.69 -4.36
CA ASN A 54 2.42 5.56 -5.77
C ASN A 54 3.44 4.61 -6.42
N GLU A 55 4.65 4.64 -5.88
CA GLU A 55 5.71 3.80 -6.41
C GLU A 55 6.30 2.94 -5.28
N LEU A 56 6.87 1.80 -5.68
CA LEU A 56 7.47 0.88 -4.72
C LEU A 56 8.55 1.62 -3.94
N SER A 57 8.60 1.32 -2.65
CA SER A 57 9.58 1.95 -1.78
C SER A 57 9.96 0.99 -0.64
N ASP A 58 11.21 1.09 -0.21
CA ASP A 58 11.71 0.24 0.85
C ASP A 58 10.78 0.35 2.05
N SER A 59 10.01 1.43 2.09
CA SER A 59 9.07 1.66 3.17
C SER A 59 7.84 0.76 2.99
N VAL A 60 7.61 0.38 1.75
CA VAL A 60 6.47 -0.47 1.43
C VAL A 60 6.57 -1.77 2.23
N THR A 61 5.64 -1.93 3.17
CA THR A 61 5.63 -3.11 4.01
C THR A 61 4.39 -3.96 3.70
N HIS A 62 3.49 -3.37 2.92
CA HIS A 62 2.27 -4.06 2.54
C HIS A 62 1.91 -3.71 1.09
N ILE A 63 1.96 -4.74 0.24
CA ILE A 63 1.65 -4.55 -1.17
C ILE A 63 0.25 -5.12 -1.45
N VAL A 64 -0.59 -4.28 -2.04
CA VAL A 64 -1.95 -4.69 -2.36
C VAL A 64 -2.01 -5.05 -3.84
N ALA A 65 -2.66 -6.18 -4.11
CA ALA A 65 -2.81 -6.65 -5.48
C ALA A 65 -4.16 -7.36 -5.62
N GLU A 66 -5.00 -6.81 -6.49
CA GLU A 66 -6.31 -7.38 -6.73
C GLU A 66 -6.25 -8.38 -7.88
N ASN A 67 -6.80 -9.56 -7.62
CA ASN A 67 -6.82 -10.61 -8.63
C ASN A 67 -5.38 -10.99 -8.98
N ASN A 68 -4.52 -10.94 -7.97
CA ASN A 68 -3.13 -11.28 -8.16
C ASN A 68 -2.65 -12.15 -7.00
N SER A 69 -2.18 -13.34 -7.35
CA SER A 69 -1.70 -14.28 -6.35
C SER A 69 -0.35 -13.79 -5.79
N GLY A 70 0.13 -14.53 -4.80
CA GLY A 70 1.40 -14.19 -4.17
C GLY A 70 2.52 -14.09 -5.21
N SER A 71 2.81 -15.23 -5.82
CA SER A 71 3.86 -15.29 -6.82
C SER A 71 3.62 -14.20 -7.87
N ASP A 72 2.37 -14.05 -8.27
CA ASP A 72 2.01 -13.06 -9.26
C ASP A 72 2.61 -11.71 -8.88
N VAL A 73 2.71 -11.50 -7.56
CA VAL A 73 3.26 -10.25 -7.05
C VAL A 73 4.78 -10.34 -7.06
N LEU A 74 5.29 -11.56 -6.93
CA LEU A 74 6.72 -11.79 -6.94
C LEU A 74 7.30 -11.40 -8.29
N GLU A 75 6.84 -12.12 -9.32
CA GLU A 75 7.30 -11.86 -10.68
C GLU A 75 7.37 -10.35 -10.93
N TRP A 76 6.39 -9.65 -10.40
CA TRP A 76 6.32 -8.20 -10.57
C TRP A 76 7.36 -7.57 -9.64
N LEU A 77 7.43 -8.11 -8.43
CA LEU A 77 8.37 -7.62 -7.44
C LEU A 77 9.77 -7.55 -8.07
N GLN A 78 10.25 -8.71 -8.50
CA GLN A 78 11.56 -8.78 -9.11
C GLN A 78 11.64 -7.85 -10.33
N ALA A 79 10.49 -7.64 -10.94
CA ALA A 79 10.41 -6.77 -12.10
C ALA A 79 10.65 -5.32 -11.67
N GLN A 80 10.11 -4.99 -10.50
CA GLN A 80 10.25 -3.64 -9.96
C GLN A 80 11.73 -3.32 -9.74
N LYS A 81 12.44 -4.29 -9.18
CA LYS A 81 13.86 -4.12 -8.90
C LYS A 81 14.03 -3.15 -7.74
N VAL A 82 12.91 -2.79 -7.14
CA VAL A 82 12.92 -1.88 -6.01
C VAL A 82 13.50 -2.58 -4.78
N GLN A 83 14.55 -2.01 -4.24
CA GLN A 83 15.20 -2.58 -3.07
C GLN A 83 14.36 -2.31 -1.81
N VAL A 84 13.98 -3.39 -1.15
CA VAL A 84 13.19 -3.29 0.06
C VAL A 84 13.92 -3.95 1.22
N SER A 85 14.34 -3.13 2.17
CA SER A 85 15.06 -3.63 3.34
C SER A 85 14.45 -4.94 3.79
N SER A 86 13.15 -5.09 3.55
CA SER A 86 12.44 -6.28 3.94
C SER A 86 11.21 -6.48 3.05
N GLN A 87 11.21 -7.59 2.32
CA GLN A 87 10.10 -7.89 1.43
C GLN A 87 8.78 -7.45 2.06
N PRO A 88 7.94 -6.77 1.23
CA PRO A 88 6.65 -6.30 1.68
C PRO A 88 5.66 -7.45 1.80
N GLU A 89 4.61 -7.21 2.59
CA GLU A 89 3.59 -8.21 2.79
C GLU A 89 2.60 -8.22 1.62
N LEU A 90 2.52 -9.36 0.96
CA LEU A 90 1.63 -9.51 -0.18
C LEU A 90 0.23 -9.90 0.32
N LEU A 91 -0.70 -8.96 0.17
CA LEU A 91 -2.07 -9.19 0.60
C LEU A 91 -3.02 -8.85 -0.55
N ASP A 92 -4.22 -9.39 -0.46
CA ASP A 92 -5.23 -9.14 -1.48
C ASP A 92 -5.96 -7.83 -1.16
N VAL A 93 -6.47 -7.22 -2.22
CA VAL A 93 -7.19 -5.96 -2.06
C VAL A 93 -8.17 -6.07 -0.91
N SER A 94 -8.62 -7.30 -0.67
CA SER A 94 -9.56 -7.55 0.40
C SER A 94 -9.05 -6.94 1.71
N TRP A 95 -7.74 -7.01 1.89
CA TRP A 95 -7.11 -6.47 3.08
C TRP A 95 -7.31 -4.95 3.08
N LEU A 96 -7.14 -4.37 1.89
CA LEU A 96 -7.29 -2.94 1.74
C LEU A 96 -8.75 -2.55 2.00
N ILE A 97 -9.64 -3.23 1.30
CA ILE A 97 -11.06 -2.96 1.44
C ILE A 97 -11.43 -3.04 2.93
N GLU A 98 -10.87 -4.03 3.60
CA GLU A 98 -11.13 -4.22 5.02
C GLU A 98 -10.38 -3.17 5.84
N CYS A 99 -9.09 -3.06 5.55
CA CYS A 99 -8.25 -2.11 6.26
C CYS A 99 -8.94 -0.75 6.24
N ILE A 100 -9.80 -0.57 5.25
CA ILE A 100 -10.53 0.68 5.11
C ILE A 100 -11.78 0.63 5.99
N GLY A 101 -12.70 -0.23 5.60
CA GLY A 101 -13.95 -0.39 6.34
C GLY A 101 -13.67 -0.72 7.81
N ALA A 102 -12.45 -1.15 8.06
CA ALA A 102 -12.04 -1.51 9.40
C ALA A 102 -11.30 -0.34 10.04
N GLY A 103 -10.90 0.59 9.20
CA GLY A 103 -10.18 1.77 9.66
C GLY A 103 -8.96 1.37 10.51
N LYS A 104 -8.33 0.28 10.10
CA LYS A 104 -7.16 -0.21 10.80
C LYS A 104 -6.59 -1.41 10.05
N PRO A 105 -5.31 -1.76 10.41
CA PRO A 105 -4.65 -2.88 9.77
C PRO A 105 -5.19 -4.20 10.29
N VAL A 106 -6.24 -4.67 9.64
CA VAL A 106 -6.86 -5.93 10.02
C VAL A 106 -5.79 -7.01 10.16
N GLU A 107 -6.08 -7.98 11.01
CA GLU A 107 -5.14 -9.07 11.25
C GLU A 107 -4.90 -9.85 9.96
N MET A 108 -3.70 -10.41 9.86
CA MET A 108 -3.33 -11.19 8.69
C MET A 108 -3.41 -12.69 8.96
N THR A 109 -4.64 -13.16 9.14
CA THR A 109 -4.86 -14.57 9.41
C THR A 109 -4.16 -15.43 8.37
N GLY A 110 -4.02 -14.87 7.18
CA GLY A 110 -3.37 -15.58 6.09
C GLY A 110 -4.18 -15.46 4.80
N LYS A 111 -5.50 -15.49 4.95
CA LYS A 111 -6.39 -15.39 3.82
C LYS A 111 -6.08 -14.11 3.04
N HIS A 112 -5.84 -13.04 3.79
CA HIS A 112 -5.53 -11.75 3.20
C HIS A 112 -4.31 -11.90 2.28
N GLN A 113 -3.41 -12.78 2.68
CA GLN A 113 -2.19 -13.02 1.91
C GLN A 113 -2.52 -13.81 0.64
N LEU A 114 -2.13 -13.24 -0.49
CA LEU A 114 -2.38 -13.87 -1.77
C LEU A 114 -2.16 -15.38 -1.64
N SER A 115 -0.91 -15.75 -1.42
CA SER A 115 -0.55 -17.15 -1.27
C SER A 115 -1.00 -17.93 -2.51
N GLY A 116 -0.02 -18.30 -3.32
CA GLY A 116 -0.30 -19.05 -4.54
C GLY A 116 -0.96 -20.40 -4.21
N PRO A 117 -1.56 -21.01 -5.26
CA PRO A 117 -2.22 -22.29 -5.10
C PRO A 117 -1.20 -23.43 -4.98
N SER A 118 -0.34 -23.30 -3.98
CA SER A 118 0.69 -24.30 -3.74
C SER A 118 1.73 -24.26 -4.86
N SER A 119 1.30 -24.68 -6.04
CA SER A 119 2.18 -24.69 -7.20
C SER A 119 3.35 -25.64 -6.96
N GLY A 120 3.86 -26.19 -8.05
CA GLY A 120 4.97 -27.13 -7.97
C GLY A 120 4.55 -28.43 -7.31
N GLY A 1 16.36 46.29 19.46
CA GLY A 1 15.00 46.74 19.72
C GLY A 1 14.40 47.39 18.47
N SER A 2 13.16 47.83 18.61
CA SER A 2 12.46 48.48 17.51
C SER A 2 11.08 48.94 17.95
N SER A 3 10.56 49.94 17.27
CA SER A 3 9.26 50.49 17.58
C SER A 3 8.16 49.57 17.03
N GLY A 4 7.82 48.56 17.82
CA GLY A 4 6.80 47.62 17.42
C GLY A 4 7.38 46.20 17.27
N SER A 5 7.00 45.55 16.18
CA SER A 5 7.48 44.21 15.92
C SER A 5 8.04 44.12 14.49
N SER A 6 9.13 43.39 14.36
CA SER A 6 9.77 43.22 13.07
C SER A 6 9.28 41.92 12.41
N GLY A 7 8.16 42.04 11.71
CA GLY A 7 7.58 40.89 11.04
C GLY A 7 7.40 39.72 12.00
N THR A 8 6.91 38.62 11.46
CA THR A 8 6.68 37.42 12.26
C THR A 8 7.65 36.31 11.85
N GLY A 9 7.95 36.28 10.56
CA GLY A 9 8.86 35.27 10.04
C GLY A 9 8.35 33.86 10.33
N ALA A 10 8.82 32.91 9.53
CA ALA A 10 8.42 31.53 9.69
C ALA A 10 6.92 31.40 9.41
N LEU A 11 6.39 30.23 9.74
CA LEU A 11 4.97 29.97 9.52
C LEU A 11 4.48 29.01 10.60
N MET A 12 5.02 27.80 10.57
CA MET A 12 4.63 26.78 11.54
C MET A 12 3.12 26.56 11.53
N ALA A 13 2.69 25.56 12.28
CA ALA A 13 1.27 25.23 12.36
C ALA A 13 0.76 24.85 10.97
N SER A 14 -0.36 24.16 10.96
CA SER A 14 -0.97 23.75 9.71
C SER A 14 0.02 22.90 8.91
N SER A 15 0.05 21.61 9.22
CA SER A 15 0.95 20.70 8.54
C SER A 15 0.79 19.29 9.11
N PRO A 16 -0.30 18.61 8.67
CA PRO A 16 -0.58 17.26 9.13
C PRO A 16 0.36 16.25 8.46
N GLN A 17 1.65 16.50 8.61
CA GLN A 17 2.64 15.62 8.02
C GLN A 17 3.18 14.65 9.08
N ASP A 18 2.28 13.84 9.60
CA ASP A 18 2.66 12.87 10.62
C ASP A 18 1.87 11.57 10.39
N ILE A 19 2.51 10.66 9.66
CA ILE A 19 1.89 9.38 9.36
C ILE A 19 1.31 8.78 10.65
N LYS A 20 0.03 8.43 10.57
CA LYS A 20 -0.65 7.85 11.72
C LYS A 20 -0.14 6.43 11.95
N PHE A 21 -0.19 5.63 10.88
CA PHE A 21 0.26 4.25 10.95
C PHE A 21 1.70 4.13 10.45
N GLN A 22 2.56 3.63 11.32
CA GLN A 22 3.96 3.46 10.98
C GLN A 22 4.19 2.07 10.38
N ASP A 23 5.30 1.94 9.68
CA ASP A 23 5.64 0.68 9.05
C ASP A 23 4.38 0.04 8.46
N LEU A 24 3.56 0.88 7.85
CA LEU A 24 2.32 0.41 7.26
C LEU A 24 2.19 1.00 5.84
N VAL A 25 3.27 0.92 5.10
CA VAL A 25 3.29 1.43 3.74
C VAL A 25 2.52 0.49 2.83
N VAL A 26 1.30 0.88 2.51
CA VAL A 26 0.45 0.08 1.64
C VAL A 26 0.69 0.48 0.19
N PHE A 27 0.95 -0.53 -0.64
CA PHE A 27 1.19 -0.29 -2.05
C PHE A 27 0.25 -1.13 -2.92
N ILE A 28 -0.64 -0.44 -3.60
CA ILE A 28 -1.60 -1.11 -4.47
C ILE A 28 -0.95 -1.41 -5.82
N LEU A 29 -1.37 -2.51 -6.42
CA LEU A 29 -0.83 -2.92 -7.71
C LEU A 29 -1.83 -2.55 -8.82
N GLU A 30 -1.40 -1.66 -9.69
CA GLU A 30 -2.23 -1.21 -10.79
C GLU A 30 -2.68 -2.40 -11.63
N LYS A 31 -1.72 -3.25 -11.98
CA LYS A 31 -2.00 -4.42 -12.78
C LYS A 31 -3.33 -5.03 -12.33
N LYS A 32 -4.24 -5.17 -13.28
CA LYS A 32 -5.55 -5.74 -12.99
C LYS A 32 -6.34 -4.76 -12.12
N MET A 33 -6.44 -3.53 -12.61
CA MET A 33 -7.16 -2.49 -11.90
C MET A 33 -7.12 -1.16 -12.65
N GLY A 34 -5.93 -0.58 -12.69
CA GLY A 34 -5.75 0.69 -13.38
C GLY A 34 -5.21 1.76 -12.42
N THR A 35 -5.25 3.00 -12.89
CA THR A 35 -4.78 4.11 -12.09
C THR A 35 -5.91 4.68 -11.24
N THR A 36 -7.08 4.79 -11.85
CA THR A 36 -8.25 5.31 -11.16
C THR A 36 -8.49 4.54 -9.87
N ARG A 37 -8.90 3.29 -10.02
CA ARG A 37 -9.18 2.44 -8.87
C ARG A 37 -7.96 2.42 -7.93
N ARG A 38 -6.84 1.99 -8.49
CA ARG A 38 -5.60 1.92 -7.71
C ARG A 38 -5.41 3.21 -6.90
N ALA A 39 -5.32 4.32 -7.62
CA ALA A 39 -5.13 5.61 -6.98
C ALA A 39 -6.27 5.86 -6.00
N LEU A 40 -7.48 5.56 -6.45
CA LEU A 40 -8.66 5.74 -5.62
C LEU A 40 -8.47 4.97 -4.31
N LEU A 41 -8.51 3.66 -4.41
CA LEU A 41 -8.35 2.81 -3.24
C LEU A 41 -7.18 3.31 -2.41
N MET A 42 -6.10 3.67 -3.10
CA MET A 42 -4.91 4.16 -2.44
C MET A 42 -5.22 5.43 -1.64
N GLU A 43 -6.02 6.30 -2.25
CA GLU A 43 -6.41 7.55 -1.62
C GLU A 43 -7.41 7.29 -0.50
N LEU A 44 -8.29 6.32 -0.75
CA LEU A 44 -9.31 5.97 0.22
C LEU A 44 -8.63 5.48 1.51
N ALA A 45 -7.65 4.61 1.32
CA ALA A 45 -6.91 4.06 2.45
C ALA A 45 -6.19 5.19 3.19
N ARG A 46 -5.62 6.09 2.40
CA ARG A 46 -4.90 7.22 2.96
C ARG A 46 -5.79 7.99 3.95
N ARG A 47 -7.04 8.17 3.54
CA ARG A 47 -8.00 8.89 4.37
C ARG A 47 -8.08 8.26 5.75
N LYS A 48 -7.62 7.01 5.83
CA LYS A 48 -7.63 6.29 7.09
C LYS A 48 -6.41 6.69 7.91
N GLY A 49 -5.41 7.20 7.22
CA GLY A 49 -4.18 7.62 7.88
C GLY A 49 -2.99 6.76 7.45
N PHE A 50 -3.30 5.77 6.63
CA PHE A 50 -2.27 4.86 6.15
C PHE A 50 -1.21 5.62 5.32
N ARG A 51 -0.15 4.90 4.99
CA ARG A 51 0.93 5.48 4.21
C ARG A 51 1.00 4.84 2.82
N VAL A 52 0.07 5.24 1.97
CA VAL A 52 0.02 4.70 0.61
C VAL A 52 1.08 5.40 -0.25
N GLU A 53 1.54 4.68 -1.25
CA GLU A 53 2.56 5.20 -2.16
C GLU A 53 2.15 4.97 -3.61
N ASN A 54 2.46 5.94 -4.45
CA ASN A 54 2.13 5.85 -5.86
C ASN A 54 3.19 4.99 -6.56
N GLU A 55 4.39 5.02 -6.01
CA GLU A 55 5.50 4.26 -6.57
C GLU A 55 6.09 3.32 -5.52
N LEU A 56 6.52 2.16 -5.98
CA LEU A 56 7.11 1.17 -5.10
C LEU A 56 8.39 1.74 -4.47
N SER A 57 8.62 1.35 -3.23
CA SER A 57 9.80 1.82 -2.52
C SER A 57 10.23 0.77 -1.49
N ASP A 58 11.35 1.05 -0.84
CA ASP A 58 11.88 0.14 0.17
C ASP A 58 11.07 0.30 1.46
N SER A 59 10.12 1.23 1.42
CA SER A 59 9.28 1.48 2.57
C SER A 59 8.01 0.64 2.48
N VAL A 60 7.71 0.20 1.27
CA VAL A 60 6.53 -0.61 1.03
C VAL A 60 6.61 -1.88 1.90
N THR A 61 5.71 -1.94 2.87
CA THR A 61 5.67 -3.09 3.77
C THR A 61 4.50 -4.01 3.39
N HIS A 62 3.51 -3.43 2.74
CA HIS A 62 2.35 -4.19 2.32
C HIS A 62 2.01 -3.85 0.87
N ILE A 63 1.86 -4.90 0.07
CA ILE A 63 1.54 -4.73 -1.34
C ILE A 63 0.15 -5.31 -1.62
N VAL A 64 -0.72 -4.45 -2.11
CA VAL A 64 -2.09 -4.87 -2.43
C VAL A 64 -2.19 -5.16 -3.93
N ALA A 65 -2.94 -6.21 -4.24
CA ALA A 65 -3.13 -6.60 -5.62
C ALA A 65 -4.55 -7.15 -5.80
N GLU A 66 -5.07 -6.98 -7.01
CA GLU A 66 -6.40 -7.46 -7.32
C GLU A 66 -6.35 -8.46 -8.47
N ASN A 67 -6.58 -9.72 -8.12
CA ASN A 67 -6.56 -10.79 -9.11
C ASN A 67 -5.12 -11.19 -9.40
N ASN A 68 -4.33 -11.25 -8.34
CA ASN A 68 -2.93 -11.63 -8.46
C ASN A 68 -2.53 -12.51 -7.27
N SER A 69 -1.64 -13.46 -7.56
CA SER A 69 -1.17 -14.37 -6.53
C SER A 69 0.13 -13.86 -5.93
N GLY A 70 0.30 -14.09 -4.64
CA GLY A 70 1.50 -13.68 -3.94
C GLY A 70 2.73 -13.84 -4.83
N SER A 71 2.70 -14.88 -5.64
CA SER A 71 3.81 -15.16 -6.55
C SER A 71 3.85 -14.12 -7.67
N ASP A 72 2.69 -13.96 -8.31
CA ASP A 72 2.58 -13.00 -9.40
C ASP A 72 3.17 -11.66 -8.97
N VAL A 73 2.84 -11.27 -7.75
CA VAL A 73 3.32 -10.02 -7.21
C VAL A 73 4.85 -10.08 -7.06
N LEU A 74 5.30 -11.20 -6.52
CA LEU A 74 6.72 -11.41 -6.31
C LEU A 74 7.46 -11.21 -7.65
N GLU A 75 7.11 -12.05 -8.61
CA GLU A 75 7.73 -11.99 -9.93
C GLU A 75 7.79 -10.54 -10.40
N TRP A 76 6.74 -9.79 -10.08
CA TRP A 76 6.68 -8.39 -10.47
C TRP A 76 7.71 -7.62 -9.66
N LEU A 77 7.70 -7.87 -8.36
CA LEU A 77 8.63 -7.21 -7.45
C LEU A 77 10.05 -7.36 -8.00
N GLN A 78 10.44 -8.62 -8.21
CA GLN A 78 11.76 -8.92 -8.73
C GLN A 78 12.01 -8.14 -10.02
N ALA A 79 10.94 -7.91 -10.75
CA ALA A 79 11.04 -7.19 -12.01
C ALA A 79 11.33 -5.71 -11.73
N GLN A 80 10.84 -5.26 -10.58
CA GLN A 80 11.06 -3.88 -10.18
C GLN A 80 12.54 -3.62 -9.91
N LYS A 81 12.96 -2.42 -10.28
CA LYS A 81 14.35 -2.03 -10.09
C LYS A 81 14.52 -1.39 -8.71
N VAL A 82 13.50 -1.57 -7.88
CA VAL A 82 13.52 -1.01 -6.54
C VAL A 82 14.02 -2.07 -5.56
N GLN A 83 14.70 -1.59 -4.52
CA GLN A 83 15.24 -2.48 -3.51
C GLN A 83 14.43 -2.36 -2.21
N VAL A 84 14.16 -3.51 -1.61
CA VAL A 84 13.41 -3.55 -0.36
C VAL A 84 14.27 -4.17 0.74
N SER A 85 14.21 -3.57 1.90
CA SER A 85 14.97 -4.05 3.04
C SER A 85 14.34 -5.33 3.60
N SER A 86 13.06 -5.48 3.33
CA SER A 86 12.32 -6.65 3.79
C SER A 86 11.11 -6.89 2.90
N GLN A 87 11.00 -8.12 2.41
CA GLN A 87 9.89 -8.49 1.55
C GLN A 87 8.57 -7.97 2.13
N PRO A 88 7.82 -7.23 1.27
CA PRO A 88 6.55 -6.67 1.68
C PRO A 88 5.47 -7.75 1.74
N GLU A 89 4.35 -7.40 2.36
CA GLU A 89 3.24 -8.32 2.48
C GLU A 89 2.42 -8.35 1.20
N LEU A 90 1.98 -9.55 0.84
CA LEU A 90 1.19 -9.72 -0.37
C LEU A 90 -0.24 -10.10 0.01
N LEU A 91 -1.13 -9.14 -0.16
CA LEU A 91 -2.54 -9.35 0.16
C LEU A 91 -3.40 -8.83 -0.98
N ASP A 92 -4.59 -9.41 -1.10
CA ASP A 92 -5.52 -9.01 -2.15
C ASP A 92 -6.17 -7.69 -1.75
N VAL A 93 -6.84 -7.08 -2.74
CA VAL A 93 -7.51 -5.81 -2.51
C VAL A 93 -8.49 -5.96 -1.35
N SER A 94 -8.83 -7.21 -1.05
CA SER A 94 -9.75 -7.50 0.03
C SER A 94 -9.25 -6.87 1.33
N TRP A 95 -7.98 -7.08 1.60
CA TRP A 95 -7.37 -6.54 2.81
C TRP A 95 -7.69 -5.04 2.86
N LEU A 96 -7.19 -4.33 1.87
CA LEU A 96 -7.40 -2.89 1.80
C LEU A 96 -8.87 -2.59 2.13
N ILE A 97 -9.76 -3.28 1.42
CA ILE A 97 -11.18 -3.09 1.62
C ILE A 97 -11.50 -3.14 3.11
N GLU A 98 -11.09 -4.24 3.74
CA GLU A 98 -11.31 -4.42 5.17
C GLU A 98 -10.57 -3.33 5.96
N CYS A 99 -9.29 -3.20 5.65
CA CYS A 99 -8.47 -2.21 6.32
C CYS A 99 -9.16 -0.85 6.24
N ILE A 100 -9.83 -0.64 5.11
CA ILE A 100 -10.54 0.62 4.89
C ILE A 100 -11.71 0.70 5.88
N GLY A 101 -12.59 -0.28 5.81
CA GLY A 101 -13.73 -0.32 6.69
C GLY A 101 -13.31 -0.35 8.16
N ALA A 102 -12.07 -0.77 8.37
CA ALA A 102 -11.53 -0.85 9.73
C ALA A 102 -10.83 0.47 10.06
N GLY A 103 -10.28 1.09 9.03
CA GLY A 103 -9.58 2.36 9.20
C GLY A 103 -8.24 2.15 9.91
N LYS A 104 -7.78 0.90 9.89
CA LYS A 104 -6.52 0.56 10.52
C LYS A 104 -5.91 -0.66 9.81
N PRO A 105 -4.72 -1.08 10.31
CA PRO A 105 -4.04 -2.23 9.75
C PRO A 105 -4.71 -3.53 10.16
N VAL A 106 -5.89 -3.76 9.60
CA VAL A 106 -6.66 -4.96 9.90
C VAL A 106 -5.72 -6.17 9.85
N GLU A 107 -6.30 -7.33 10.12
CA GLU A 107 -5.53 -8.57 10.11
C GLU A 107 -5.42 -9.11 8.68
N MET A 108 -4.67 -10.18 8.55
CA MET A 108 -4.47 -10.80 7.24
C MET A 108 -5.30 -12.09 7.12
N THR A 109 -5.81 -12.54 8.26
CA THR A 109 -6.61 -13.75 8.29
C THR A 109 -5.96 -14.85 7.45
N GLY A 110 -6.44 -14.97 6.22
CA GLY A 110 -5.92 -15.97 5.31
C GLY A 110 -6.28 -15.63 3.85
N LYS A 111 -7.53 -15.20 3.68
CA LYS A 111 -8.01 -14.84 2.35
C LYS A 111 -7.26 -13.60 1.86
N HIS A 112 -7.00 -12.70 2.81
CA HIS A 112 -6.29 -11.46 2.48
C HIS A 112 -5.01 -11.79 1.72
N GLN A 113 -4.28 -12.76 2.25
CA GLN A 113 -3.03 -13.17 1.63
C GLN A 113 -3.27 -13.63 0.19
N LEU A 114 -2.20 -13.58 -0.59
CA LEU A 114 -2.28 -13.98 -1.99
C LEU A 114 -1.55 -15.31 -2.17
N SER A 115 -0.33 -15.35 -1.67
CA SER A 115 0.48 -16.55 -1.78
C SER A 115 1.85 -16.31 -1.14
N GLY A 116 1.97 -16.76 0.10
CA GLY A 116 3.23 -16.60 0.83
C GLY A 116 3.24 -17.48 2.09
N PRO A 117 3.48 -16.82 3.25
CA PRO A 117 3.53 -17.52 4.52
C PRO A 117 2.13 -17.89 4.99
N SER A 118 1.54 -18.86 4.28
CA SER A 118 0.20 -19.32 4.62
C SER A 118 0.28 -20.43 5.67
N SER A 119 -0.62 -20.35 6.64
CA SER A 119 -0.67 -21.33 7.70
C SER A 119 -1.85 -21.04 8.63
N GLY A 120 -2.43 -22.11 9.16
CA GLY A 120 -3.56 -22.00 10.06
C GLY A 120 -4.04 -23.37 10.53
N GLY A 1 1.79 -1.26 -14.76
CA GLY A 1 2.75 -0.17 -14.68
C GLY A 1 2.37 0.79 -13.54
N SER A 2 3.27 1.74 -13.29
CA SER A 2 3.04 2.72 -12.24
C SER A 2 3.53 4.10 -12.71
N SER A 3 2.70 5.09 -12.47
CA SER A 3 3.04 6.45 -12.85
C SER A 3 3.39 7.27 -11.61
N GLY A 4 3.97 8.44 -11.85
CA GLY A 4 4.37 9.32 -10.76
C GLY A 4 3.42 10.52 -10.66
N SER A 5 3.46 11.16 -9.50
CA SER A 5 2.61 12.32 -9.26
C SER A 5 3.21 13.18 -8.14
N SER A 6 2.71 14.41 -8.06
CA SER A 6 3.18 15.34 -7.05
C SER A 6 2.23 15.33 -5.86
N GLY A 7 2.72 15.88 -4.74
CA GLY A 7 1.92 15.95 -3.54
C GLY A 7 2.52 16.97 -2.55
N THR A 8 1.71 17.31 -1.56
CA THR A 8 2.13 18.27 -0.54
C THR A 8 1.62 17.85 0.83
N GLY A 9 2.33 18.32 1.86
CA GLY A 9 1.95 18.01 3.23
C GLY A 9 2.82 18.78 4.22
N ALA A 10 2.16 19.44 5.15
CA ALA A 10 2.85 20.22 6.16
C ALA A 10 1.85 20.75 7.19
N LEU A 11 2.23 20.65 8.45
CA LEU A 11 1.36 21.11 9.53
C LEU A 11 2.18 21.97 10.50
N MET A 12 1.49 22.89 11.15
CA MET A 12 2.13 23.77 12.11
C MET A 12 2.06 23.20 13.52
N ALA A 13 3.16 22.58 13.93
CA ALA A 13 3.22 21.99 15.26
C ALA A 13 4.66 21.53 15.54
N SER A 14 4.88 21.10 16.77
CA SER A 14 6.20 20.63 17.17
C SER A 14 6.84 19.82 16.04
N SER A 15 6.20 18.71 15.72
CA SER A 15 6.69 17.84 14.66
C SER A 15 5.66 16.75 14.35
N PRO A 16 4.61 17.15 13.58
CA PRO A 16 3.56 16.23 13.21
C PRO A 16 4.04 15.26 12.12
N GLN A 17 5.09 14.52 12.45
CA GLN A 17 5.65 13.57 11.52
C GLN A 17 5.48 12.14 12.05
N ASP A 18 4.21 11.78 12.27
CA ASP A 18 3.90 10.46 12.78
C ASP A 18 2.62 9.95 12.09
N ILE A 19 2.83 9.19 11.02
CA ILE A 19 1.70 8.64 10.28
C ILE A 19 0.69 8.04 11.26
N LYS A 20 -0.58 8.27 10.95
CA LYS A 20 -1.66 7.77 11.80
C LYS A 20 -1.30 6.35 12.27
N PHE A 21 -1.06 5.48 11.30
CA PHE A 21 -0.71 4.10 11.61
C PHE A 21 0.81 3.93 11.69
N GLN A 22 1.48 4.47 10.68
CA GLN A 22 2.94 4.39 10.62
C GLN A 22 3.37 2.93 10.45
N ASP A 23 4.53 2.76 9.82
CA ASP A 23 5.05 1.43 9.60
C ASP A 23 4.00 0.57 8.90
N LEU A 24 3.05 1.24 8.28
CA LEU A 24 1.97 0.55 7.59
C LEU A 24 1.84 1.12 6.17
N VAL A 25 2.90 0.92 5.40
CA VAL A 25 2.92 1.40 4.03
C VAL A 25 2.19 0.39 3.12
N VAL A 26 1.14 0.88 2.47
CA VAL A 26 0.36 0.05 1.59
C VAL A 26 0.57 0.50 0.14
N PHE A 27 0.84 -0.48 -0.72
CA PHE A 27 1.07 -0.19 -2.12
C PHE A 27 0.18 -1.06 -3.01
N ILE A 28 -0.72 -0.41 -3.73
CA ILE A 28 -1.63 -1.12 -4.61
C ILE A 28 -0.93 -1.43 -5.93
N LEU A 29 -1.21 -2.60 -6.47
CA LEU A 29 -0.61 -3.01 -7.73
C LEU A 29 -1.59 -2.73 -8.86
N GLU A 30 -1.33 -1.61 -9.55
CA GLU A 30 -2.18 -1.22 -10.66
C GLU A 30 -2.60 -2.44 -11.47
N LYS A 31 -1.61 -3.26 -11.82
CA LYS A 31 -1.87 -4.46 -12.59
C LYS A 31 -3.18 -5.10 -12.11
N LYS A 32 -4.08 -5.29 -13.05
CA LYS A 32 -5.37 -5.89 -12.75
C LYS A 32 -6.20 -4.91 -11.91
N MET A 33 -6.32 -3.70 -12.42
CA MET A 33 -7.07 -2.67 -11.73
C MET A 33 -7.08 -1.36 -12.52
N GLY A 34 -5.92 -0.73 -12.57
CA GLY A 34 -5.77 0.52 -13.28
C GLY A 34 -5.27 1.64 -12.36
N THR A 35 -5.41 2.86 -12.83
CA THR A 35 -4.96 4.02 -12.07
C THR A 35 -6.09 4.52 -11.16
N THR A 36 -7.21 4.86 -11.81
CA THR A 36 -8.37 5.35 -11.08
C THR A 36 -8.55 4.57 -9.77
N ARG A 37 -8.95 3.33 -9.92
CA ARG A 37 -9.16 2.47 -8.76
C ARG A 37 -7.93 2.48 -7.85
N ARG A 38 -6.83 1.98 -8.40
CA ARG A 38 -5.58 1.92 -7.65
C ARG A 38 -5.41 3.20 -6.82
N ALA A 39 -5.40 4.33 -7.51
CA ALA A 39 -5.25 5.61 -6.85
C ALA A 39 -6.38 5.80 -5.85
N LEU A 40 -7.60 5.65 -6.35
CA LEU A 40 -8.78 5.81 -5.51
C LEU A 40 -8.56 5.06 -4.19
N LEU A 41 -8.58 3.74 -4.28
CA LEU A 41 -8.39 2.90 -3.11
C LEU A 41 -7.21 3.44 -2.29
N MET A 42 -6.10 3.65 -2.98
CA MET A 42 -4.91 4.15 -2.34
C MET A 42 -5.20 5.45 -1.57
N GLU A 43 -5.98 6.30 -2.20
CA GLU A 43 -6.35 7.58 -1.58
C GLU A 43 -7.30 7.34 -0.42
N LEU A 44 -8.17 6.36 -0.59
CA LEU A 44 -9.14 6.03 0.45
C LEU A 44 -8.39 5.62 1.72
N ALA A 45 -7.40 4.76 1.54
CA ALA A 45 -6.61 4.28 2.65
C ALA A 45 -5.92 5.47 3.33
N ARG A 46 -5.35 6.34 2.52
CA ARG A 46 -4.68 7.52 3.03
C ARG A 46 -5.57 8.26 4.02
N ARG A 47 -6.81 8.47 3.61
CA ARG A 47 -7.77 9.17 4.44
C ARG A 47 -7.86 8.49 5.82
N LYS A 48 -7.63 7.19 5.82
CA LYS A 48 -7.68 6.42 7.05
C LYS A 48 -6.43 6.71 7.88
N GLY A 49 -5.41 7.22 7.20
CA GLY A 49 -4.16 7.54 7.85
C GLY A 49 -3.03 6.62 7.38
N PHE A 50 -3.40 5.71 6.48
CA PHE A 50 -2.43 4.77 5.95
C PHE A 50 -1.42 5.47 5.04
N ARG A 51 -0.18 4.99 5.11
CA ARG A 51 0.88 5.56 4.29
C ARG A 51 0.94 4.87 2.93
N VAL A 52 0.04 5.28 2.05
CA VAL A 52 -0.02 4.71 0.72
C VAL A 52 1.09 5.35 -0.15
N GLU A 53 1.49 4.60 -1.17
CA GLU A 53 2.52 5.07 -2.07
C GLU A 53 2.13 4.78 -3.52
N ASN A 54 2.58 5.65 -4.41
CA ASN A 54 2.28 5.50 -5.83
C ASN A 54 3.25 4.48 -6.44
N GLU A 55 4.51 4.63 -6.08
CA GLU A 55 5.54 3.73 -6.58
C GLU A 55 6.10 2.87 -5.45
N LEU A 56 6.48 1.65 -5.81
CA LEU A 56 7.02 0.72 -4.84
C LEU A 56 8.33 1.28 -4.27
N SER A 57 8.35 1.44 -2.96
CA SER A 57 9.52 1.97 -2.29
C SER A 57 9.99 0.99 -1.21
N ASP A 58 11.10 1.34 -0.57
CA ASP A 58 11.67 0.50 0.47
C ASP A 58 10.83 0.65 1.74
N SER A 59 9.93 1.63 1.70
CA SER A 59 9.06 1.89 2.85
C SER A 59 7.79 1.04 2.74
N VAL A 60 7.62 0.44 1.57
CA VAL A 60 6.46 -0.40 1.33
C VAL A 60 6.60 -1.71 2.10
N THR A 61 5.68 -1.92 3.04
CA THR A 61 5.70 -3.13 3.85
C THR A 61 4.52 -4.02 3.50
N HIS A 62 3.56 -3.43 2.80
CA HIS A 62 2.36 -4.16 2.40
C HIS A 62 2.00 -3.80 0.96
N ILE A 63 2.02 -4.82 0.10
CA ILE A 63 1.69 -4.61 -1.29
C ILE A 63 0.33 -5.24 -1.60
N VAL A 64 -0.58 -4.40 -2.08
CA VAL A 64 -1.92 -4.85 -2.40
C VAL A 64 -1.98 -5.21 -3.88
N ALA A 65 -2.71 -6.29 -4.17
CA ALA A 65 -2.86 -6.75 -5.53
C ALA A 65 -4.23 -7.43 -5.69
N GLU A 66 -4.92 -7.03 -6.75
CA GLU A 66 -6.23 -7.59 -7.03
C GLU A 66 -6.16 -8.59 -8.18
N ASN A 67 -6.41 -9.85 -7.85
CA ASN A 67 -6.36 -10.91 -8.84
C ASN A 67 -4.91 -11.25 -9.16
N ASN A 68 -4.09 -11.21 -8.13
CA ASN A 68 -2.67 -11.51 -8.28
C ASN A 68 -2.20 -12.37 -7.11
N SER A 69 -1.82 -13.60 -7.44
CA SER A 69 -1.35 -14.52 -6.41
C SER A 69 -0.03 -14.03 -5.83
N GLY A 70 0.18 -14.37 -4.56
CA GLY A 70 1.40 -13.96 -3.87
C GLY A 70 2.60 -14.00 -4.81
N SER A 71 2.75 -15.12 -5.50
CA SER A 71 3.86 -15.30 -6.43
C SER A 71 3.72 -14.29 -7.58
N ASP A 72 2.50 -14.16 -8.07
CA ASP A 72 2.22 -13.23 -9.16
C ASP A 72 2.81 -11.86 -8.82
N VAL A 73 2.96 -11.62 -7.53
CA VAL A 73 3.51 -10.35 -7.06
C VAL A 73 5.04 -10.43 -7.09
N LEU A 74 5.55 -11.63 -6.84
CA LEU A 74 6.97 -11.85 -6.83
C LEU A 74 7.56 -11.47 -8.20
N GLU A 75 7.13 -12.21 -9.21
CA GLU A 75 7.59 -11.97 -10.56
C GLU A 75 7.71 -10.48 -10.83
N TRP A 76 6.73 -9.74 -10.32
CA TRP A 76 6.71 -8.29 -10.49
C TRP A 76 7.77 -7.69 -9.57
N LEU A 77 7.74 -8.15 -8.33
CA LEU A 77 8.68 -7.67 -7.33
C LEU A 77 10.08 -7.59 -7.94
N GLN A 78 10.52 -8.72 -8.47
CA GLN A 78 11.83 -8.79 -9.09
C GLN A 78 11.85 -7.97 -10.38
N ALA A 79 10.69 -7.87 -11.00
CA ALA A 79 10.56 -7.11 -12.24
C ALA A 79 10.85 -5.64 -11.97
N GLN A 80 10.39 -5.20 -10.80
CA GLN A 80 10.59 -3.81 -10.41
C GLN A 80 12.07 -3.51 -10.24
N LYS A 81 12.42 -2.25 -10.49
CA LYS A 81 13.81 -1.83 -10.37
C LYS A 81 14.07 -1.34 -8.95
N VAL A 82 12.99 -1.20 -8.19
CA VAL A 82 13.08 -0.74 -6.82
C VAL A 82 13.38 -1.94 -5.91
N GLN A 83 14.57 -1.90 -5.31
CA GLN A 83 14.98 -2.96 -4.42
C GLN A 83 14.51 -2.67 -2.98
N VAL A 84 13.23 -2.93 -2.76
CA VAL A 84 12.65 -2.69 -1.44
C VAL A 84 13.64 -3.13 -0.36
N SER A 85 13.56 -2.45 0.78
CA SER A 85 14.45 -2.76 1.88
C SER A 85 14.15 -4.16 2.42
N SER A 86 13.03 -4.71 1.96
CA SER A 86 12.62 -6.04 2.39
C SER A 86 11.28 -6.41 1.75
N GLN A 87 11.16 -7.68 1.42
CA GLN A 87 9.94 -8.17 0.79
C GLN A 87 8.71 -7.70 1.57
N PRO A 88 7.84 -6.94 0.87
CA PRO A 88 6.63 -6.41 1.49
C PRO A 88 5.58 -7.52 1.66
N GLU A 89 4.51 -7.18 2.35
CA GLU A 89 3.44 -8.13 2.59
C GLU A 89 2.46 -8.12 1.42
N LEU A 90 2.40 -9.26 0.74
CA LEU A 90 1.51 -9.40 -0.41
C LEU A 90 0.12 -9.82 0.08
N LEU A 91 -0.85 -8.97 -0.21
CA LEU A 91 -2.22 -9.25 0.20
C LEU A 91 -3.17 -8.81 -0.92
N ASP A 92 -4.36 -9.39 -0.90
CA ASP A 92 -5.37 -9.06 -1.91
C ASP A 92 -6.01 -7.72 -1.57
N VAL A 93 -6.62 -7.12 -2.57
CA VAL A 93 -7.28 -5.84 -2.40
C VAL A 93 -8.27 -5.93 -1.23
N SER A 94 -8.79 -7.13 -1.03
CA SER A 94 -9.74 -7.37 0.04
C SER A 94 -9.22 -6.78 1.35
N TRP A 95 -7.94 -7.07 1.62
CA TRP A 95 -7.32 -6.58 2.83
C TRP A 95 -7.45 -5.05 2.86
N LEU A 96 -6.86 -4.42 1.85
CA LEU A 96 -6.90 -2.97 1.74
C LEU A 96 -8.35 -2.50 1.93
N ILE A 97 -9.24 -3.16 1.22
CA ILE A 97 -10.66 -2.83 1.29
C ILE A 97 -11.10 -2.82 2.76
N GLU A 98 -10.81 -3.92 3.43
CA GLU A 98 -11.17 -4.05 4.84
C GLU A 98 -10.41 -3.02 5.68
N CYS A 99 -9.13 -2.88 5.36
CA CYS A 99 -8.28 -1.94 6.07
C CYS A 99 -8.97 -0.57 6.08
N ILE A 100 -9.79 -0.35 5.06
CA ILE A 100 -10.51 0.90 4.93
C ILE A 100 -11.78 0.84 5.80
N GLY A 101 -12.68 -0.04 5.39
CA GLY A 101 -13.93 -0.21 6.12
C GLY A 101 -13.67 -0.48 7.60
N ALA A 102 -12.45 -0.89 7.90
CA ALA A 102 -12.07 -1.19 9.26
C ALA A 102 -11.35 0.03 9.86
N GLY A 103 -10.82 0.86 8.98
CA GLY A 103 -10.12 2.05 9.40
C GLY A 103 -8.86 1.68 10.22
N LYS A 104 -8.29 0.54 9.87
CA LYS A 104 -7.10 0.08 10.55
C LYS A 104 -6.53 -1.12 9.80
N PRO A 105 -5.26 -1.48 10.16
CA PRO A 105 -4.59 -2.61 9.52
C PRO A 105 -5.14 -3.93 10.04
N VAL A 106 -6.25 -4.35 9.45
CA VAL A 106 -6.89 -5.59 9.85
C VAL A 106 -5.82 -6.67 10.03
N GLU A 107 -6.22 -7.74 10.71
CA GLU A 107 -5.30 -8.85 10.95
C GLU A 107 -5.28 -9.79 9.75
N MET A 108 -4.11 -10.36 9.51
CA MET A 108 -3.94 -11.29 8.40
C MET A 108 -4.41 -12.70 8.78
N THR A 109 -5.53 -13.10 8.20
CA THR A 109 -6.09 -14.41 8.47
C THR A 109 -6.02 -15.29 7.23
N GLY A 110 -4.88 -15.19 6.54
CA GLY A 110 -4.66 -15.97 5.33
C GLY A 110 -5.40 -15.35 4.15
N LYS A 111 -6.72 -15.33 4.25
CA LYS A 111 -7.55 -14.76 3.19
C LYS A 111 -6.89 -13.49 2.67
N HIS A 112 -6.65 -12.56 3.58
CA HIS A 112 -6.02 -11.30 3.21
C HIS A 112 -4.76 -11.57 2.41
N GLN A 113 -3.99 -12.55 2.86
CA GLN A 113 -2.76 -12.92 2.18
C GLN A 113 -3.07 -13.52 0.81
N LEU A 114 -2.10 -13.40 -0.08
CA LEU A 114 -2.25 -13.93 -1.43
C LEU A 114 -1.68 -15.35 -1.48
N SER A 115 -0.59 -15.54 -0.77
CA SER A 115 0.07 -16.83 -0.72
C SER A 115 0.88 -16.97 0.57
N GLY A 116 1.12 -18.20 0.96
CA GLY A 116 1.89 -18.48 2.16
C GLY A 116 3.29 -18.96 1.82
N PRO A 117 3.98 -19.52 2.86
CA PRO A 117 5.33 -20.01 2.67
C PRO A 117 5.34 -21.33 1.90
N SER A 118 4.76 -21.29 0.71
CA SER A 118 4.69 -22.47 -0.12
C SER A 118 3.89 -23.57 0.58
N SER A 119 3.25 -24.40 -0.23
CA SER A 119 2.44 -25.49 0.29
C SER A 119 2.90 -26.81 -0.31
N GLY A 120 3.19 -27.75 0.58
CA GLY A 120 3.64 -29.07 0.15
C GLY A 120 2.94 -30.17 0.94
N GLY A 1 -4.58 47.33 -11.12
CA GLY A 1 -4.90 47.04 -9.74
C GLY A 1 -4.21 45.75 -9.28
N SER A 2 -4.55 45.34 -8.06
CA SER A 2 -3.98 44.13 -7.50
C SER A 2 -4.94 43.52 -6.47
N SER A 3 -4.69 42.27 -6.16
CA SER A 3 -5.53 41.56 -5.19
C SER A 3 -4.66 40.71 -4.26
N GLY A 4 -4.99 40.75 -2.98
CA GLY A 4 -4.26 40.00 -1.99
C GLY A 4 -4.93 40.09 -0.62
N SER A 5 -5.08 38.93 0.02
CA SER A 5 -5.69 38.87 1.33
C SER A 5 -5.05 37.75 2.16
N SER A 6 -5.10 37.95 3.47
CA SER A 6 -4.52 36.97 4.39
C SER A 6 -4.67 37.46 5.82
N GLY A 7 -4.65 36.49 6.74
CA GLY A 7 -4.78 36.81 8.16
C GLY A 7 -5.39 35.63 8.92
N THR A 8 -4.51 34.73 9.34
CA THR A 8 -4.94 33.56 10.08
C THR A 8 -3.82 33.09 11.02
N GLY A 9 -4.24 32.66 12.20
CA GLY A 9 -3.29 32.18 13.19
C GLY A 9 -4.01 31.47 14.34
N ALA A 10 -4.11 30.15 14.22
CA ALA A 10 -4.77 29.36 15.24
C ALA A 10 -4.01 28.04 15.42
N LEU A 11 -3.75 27.72 16.68
CA LEU A 11 -3.03 26.49 17.00
C LEU A 11 -3.78 25.29 16.40
N MET A 12 -5.01 25.12 16.87
CA MET A 12 -5.84 24.03 16.39
C MET A 12 -5.16 22.68 16.64
N ALA A 13 -5.93 21.62 16.44
CA ALA A 13 -5.41 20.27 16.63
C ALA A 13 -5.98 19.35 15.55
N SER A 14 -5.30 19.33 14.41
CA SER A 14 -5.73 18.51 13.29
C SER A 14 -4.51 17.86 12.63
N SER A 15 -3.61 18.71 12.14
CA SER A 15 -2.41 18.22 11.49
C SER A 15 -2.75 17.13 10.47
N PRO A 16 -2.97 17.57 9.21
CA PRO A 16 -3.32 16.65 8.14
C PRO A 16 -2.09 15.86 7.69
N GLN A 17 -0.95 16.52 7.72
CA GLN A 17 0.30 15.89 7.32
C GLN A 17 0.94 15.17 8.52
N ASP A 18 0.18 14.24 9.07
CA ASP A 18 0.65 13.48 10.22
C ASP A 18 0.25 12.01 10.05
N ILE A 19 1.16 11.23 9.50
CA ILE A 19 0.91 9.81 9.28
C ILE A 19 0.35 9.20 10.56
N LYS A 20 -0.80 8.55 10.41
CA LYS A 20 -1.45 7.91 11.54
C LYS A 20 -0.87 6.51 11.74
N PHE A 21 -0.86 5.76 10.65
CA PHE A 21 -0.34 4.39 10.69
C PHE A 21 1.15 4.37 10.35
N GLN A 22 1.93 3.86 11.28
CA GLN A 22 3.37 3.76 11.10
C GLN A 22 3.74 2.44 10.43
N ASP A 23 4.88 2.45 9.75
CA ASP A 23 5.35 1.27 9.07
C ASP A 23 4.17 0.55 8.42
N LEU A 24 3.27 1.34 7.85
CA LEU A 24 2.10 0.81 7.19
C LEU A 24 1.98 1.40 5.79
N VAL A 25 2.99 1.13 4.98
CA VAL A 25 3.01 1.63 3.62
C VAL A 25 2.28 0.66 2.70
N VAL A 26 1.09 1.06 2.29
CA VAL A 26 0.28 0.22 1.41
C VAL A 26 0.51 0.64 -0.04
N PHE A 27 0.88 -0.35 -0.85
CA PHE A 27 1.14 -0.10 -2.26
C PHE A 27 0.23 -0.96 -3.14
N ILE A 28 -0.67 -0.29 -3.83
CA ILE A 28 -1.61 -0.98 -4.71
C ILE A 28 -0.91 -1.28 -6.05
N LEU A 29 -1.16 -2.47 -6.55
CA LEU A 29 -0.58 -2.89 -7.81
C LEU A 29 -1.56 -2.60 -8.95
N GLU A 30 -1.24 -1.54 -9.70
CA GLU A 30 -2.08 -1.15 -10.82
C GLU A 30 -2.54 -2.39 -11.60
N LYS A 31 -1.59 -3.28 -11.85
CA LYS A 31 -1.88 -4.50 -12.57
C LYS A 31 -3.25 -5.04 -12.14
N LYS A 32 -4.12 -5.21 -13.12
CA LYS A 32 -5.45 -5.72 -12.85
C LYS A 32 -6.23 -4.69 -12.03
N MET A 33 -6.31 -3.48 -12.59
CA MET A 33 -7.02 -2.40 -11.93
C MET A 33 -6.93 -1.11 -12.73
N GLY A 34 -5.73 -0.56 -12.78
CA GLY A 34 -5.50 0.68 -13.52
C GLY A 34 -4.99 1.78 -12.60
N THR A 35 -5.11 3.01 -13.07
CA THR A 35 -4.68 4.17 -12.30
C THR A 35 -5.81 4.67 -11.41
N THR A 36 -6.90 5.08 -12.06
CA THR A 36 -8.06 5.59 -11.34
C THR A 36 -8.33 4.73 -10.11
N ARG A 37 -8.79 3.52 -10.36
CA ARG A 37 -9.10 2.60 -9.28
C ARG A 37 -7.94 2.52 -8.29
N ARG A 38 -6.80 2.07 -8.80
CA ARG A 38 -5.61 1.95 -7.97
C ARG A 38 -5.46 3.18 -7.07
N ALA A 39 -5.31 4.33 -7.71
CA ALA A 39 -5.15 5.58 -6.99
C ALA A 39 -6.33 5.76 -6.03
N LEU A 40 -7.52 5.50 -6.56
CA LEU A 40 -8.74 5.63 -5.78
C LEU A 40 -8.56 4.88 -4.45
N LEU A 41 -8.56 3.56 -4.55
CA LEU A 41 -8.40 2.71 -3.38
C LEU A 41 -7.29 3.27 -2.50
N MET A 42 -6.17 3.57 -3.14
CA MET A 42 -5.02 4.11 -2.43
C MET A 42 -5.39 5.39 -1.68
N GLU A 43 -6.17 6.23 -2.35
CA GLU A 43 -6.61 7.48 -1.76
C GLU A 43 -7.61 7.22 -0.63
N LEU A 44 -8.44 6.21 -0.86
CA LEU A 44 -9.45 5.85 0.12
C LEU A 44 -8.77 5.45 1.43
N ALA A 45 -7.72 4.65 1.29
CA ALA A 45 -6.96 4.19 2.45
C ALA A 45 -6.31 5.39 3.13
N ARG A 46 -5.80 6.30 2.31
CA ARG A 46 -5.14 7.48 2.83
C ARG A 46 -6.04 8.20 3.84
N ARG A 47 -7.31 8.28 3.48
CA ARG A 47 -8.28 8.94 4.34
C ARG A 47 -8.19 8.38 5.76
N LYS A 48 -7.88 7.09 5.84
CA LYS A 48 -7.76 6.44 7.13
C LYS A 48 -6.50 6.94 7.84
N GLY A 49 -5.54 7.37 7.03
CA GLY A 49 -4.29 7.88 7.57
C GLY A 49 -3.11 7.03 7.10
N PHE A 50 -3.44 5.94 6.42
CA PHE A 50 -2.41 5.04 5.91
C PHE A 50 -1.44 5.78 5.00
N ARG A 51 -0.22 5.26 4.95
CA ARG A 51 0.82 5.87 4.12
C ARG A 51 0.89 5.15 2.77
N VAL A 52 -0.06 5.49 1.91
CA VAL A 52 -0.11 4.90 0.58
C VAL A 52 0.89 5.60 -0.33
N GLU A 53 1.47 4.82 -1.23
CA GLU A 53 2.45 5.37 -2.16
C GLU A 53 2.02 5.07 -3.60
N ASN A 54 2.42 5.97 -4.49
CA ASN A 54 2.08 5.82 -5.90
C ASN A 54 3.17 5.00 -6.60
N GLU A 55 4.36 4.98 -5.98
CA GLU A 55 5.47 4.24 -6.53
C GLU A 55 6.09 3.34 -5.45
N LEU A 56 6.54 2.17 -5.89
CA LEU A 56 7.15 1.22 -4.98
C LEU A 56 8.39 1.84 -4.35
N SER A 57 8.73 1.36 -3.17
CA SER A 57 9.90 1.85 -2.46
C SER A 57 10.33 0.84 -1.40
N ASP A 58 11.37 1.21 -0.66
CA ASP A 58 11.90 0.35 0.38
C ASP A 58 11.08 0.55 1.66
N SER A 59 10.04 1.35 1.54
CA SER A 59 9.17 1.64 2.67
C SER A 59 7.88 0.83 2.56
N VAL A 60 7.65 0.31 1.36
CA VAL A 60 6.46 -0.48 1.11
C VAL A 60 6.48 -1.72 2.00
N THR A 61 5.57 -1.74 2.96
CA THR A 61 5.47 -2.86 3.89
C THR A 61 4.26 -3.73 3.54
N HIS A 62 3.36 -3.16 2.76
CA HIS A 62 2.16 -3.88 2.35
C HIS A 62 1.87 -3.58 0.88
N ILE A 63 1.81 -4.64 0.10
CA ILE A 63 1.54 -4.51 -1.33
C ILE A 63 0.15 -5.07 -1.62
N VAL A 64 -0.69 -4.20 -2.18
CA VAL A 64 -2.05 -4.59 -2.52
C VAL A 64 -2.12 -4.93 -4.01
N ALA A 65 -2.87 -5.97 -4.31
CA ALA A 65 -3.04 -6.41 -5.68
C ALA A 65 -4.45 -6.96 -5.89
N GLU A 66 -5.00 -6.70 -7.06
CA GLU A 66 -6.33 -7.16 -7.39
C GLU A 66 -6.27 -8.26 -8.45
N ASN A 67 -6.86 -9.40 -8.12
CA ASN A 67 -6.88 -10.52 -9.04
C ASN A 67 -5.44 -10.93 -9.37
N ASN A 68 -4.60 -10.86 -8.35
CA ASN A 68 -3.20 -11.23 -8.51
C ASN A 68 -2.81 -12.23 -7.43
N SER A 69 -2.07 -13.24 -7.85
CA SER A 69 -1.61 -14.28 -6.92
C SER A 69 -0.24 -13.91 -6.35
N GLY A 70 0.00 -14.36 -5.14
CA GLY A 70 1.26 -14.09 -4.47
C GLY A 70 2.43 -14.22 -5.45
N SER A 71 2.25 -15.09 -6.43
CA SER A 71 3.28 -15.32 -7.43
C SER A 71 3.37 -14.11 -8.37
N ASP A 72 2.22 -13.66 -8.83
CA ASP A 72 2.15 -12.52 -9.72
C ASP A 72 2.87 -11.34 -9.08
N VAL A 73 2.58 -11.13 -7.81
CA VAL A 73 3.19 -10.03 -7.06
C VAL A 73 4.67 -10.32 -6.87
N LEU A 74 4.97 -11.57 -6.56
CA LEU A 74 6.34 -11.99 -6.34
C LEU A 74 7.16 -11.71 -7.60
N GLU A 75 6.76 -12.38 -8.68
CA GLU A 75 7.44 -12.22 -9.95
C GLU A 75 7.70 -10.74 -10.23
N TRP A 76 6.70 -9.92 -9.93
CA TRP A 76 6.82 -8.49 -10.14
C TRP A 76 7.82 -7.94 -9.12
N LEU A 77 7.68 -8.42 -7.89
CA LEU A 77 8.57 -7.98 -6.82
C LEU A 77 10.02 -8.04 -7.31
N GLN A 78 10.38 -9.18 -7.85
CA GLN A 78 11.72 -9.38 -8.37
C GLN A 78 11.94 -8.53 -9.63
N ALA A 79 10.85 -8.29 -10.34
CA ALA A 79 10.92 -7.51 -11.56
C ALA A 79 11.29 -6.07 -11.20
N GLN A 80 10.76 -5.60 -10.08
CA GLN A 80 11.03 -4.25 -9.62
C GLN A 80 12.54 -4.03 -9.46
N LYS A 81 12.98 -2.85 -9.84
CA LYS A 81 14.39 -2.51 -9.74
C LYS A 81 14.66 -1.88 -8.38
N VAL A 82 13.58 -1.68 -7.62
CA VAL A 82 13.69 -1.09 -6.30
C VAL A 82 14.05 -2.18 -5.29
N GLN A 83 15.01 -1.84 -4.43
CA GLN A 83 15.46 -2.78 -3.42
C GLN A 83 14.70 -2.55 -2.11
N VAL A 84 14.17 -3.64 -1.58
CA VAL A 84 13.42 -3.57 -0.32
C VAL A 84 14.22 -4.26 0.78
N SER A 85 14.72 -3.44 1.69
CA SER A 85 15.50 -3.94 2.80
C SER A 85 14.86 -5.23 3.35
N SER A 86 13.55 -5.27 3.27
CA SER A 86 12.80 -6.42 3.75
C SER A 86 11.82 -6.90 2.68
N GLN A 87 10.68 -7.40 3.14
CA GLN A 87 9.66 -7.90 2.23
C GLN A 87 8.28 -7.44 2.69
N PRO A 88 7.53 -6.82 1.74
CA PRO A 88 6.20 -6.33 2.05
C PRO A 88 5.20 -7.49 2.12
N GLU A 89 4.00 -7.16 2.58
CA GLU A 89 2.95 -8.16 2.70
C GLU A 89 2.12 -8.22 1.42
N LEU A 90 2.07 -9.41 0.85
CA LEU A 90 1.32 -9.61 -0.38
C LEU A 90 -0.13 -9.94 -0.04
N LEU A 91 -0.95 -8.89 -0.05
CA LEU A 91 -2.37 -9.06 0.26
C LEU A 91 -3.20 -8.52 -0.90
N ASP A 92 -4.36 -9.13 -1.10
CA ASP A 92 -5.26 -8.72 -2.17
C ASP A 92 -6.01 -7.46 -1.74
N VAL A 93 -6.54 -6.77 -2.73
CA VAL A 93 -7.28 -5.55 -2.47
C VAL A 93 -8.14 -5.73 -1.22
N SER A 94 -8.56 -6.97 -1.00
CA SER A 94 -9.39 -7.29 0.15
C SER A 94 -8.75 -6.71 1.42
N TRP A 95 -7.49 -7.05 1.63
CA TRP A 95 -6.76 -6.58 2.80
C TRP A 95 -6.96 -5.05 2.88
N LEU A 96 -6.53 -4.38 1.83
CA LEU A 96 -6.65 -2.93 1.78
C LEU A 96 -8.08 -2.53 2.12
N ILE A 97 -9.02 -3.19 1.46
CA ILE A 97 -10.43 -2.92 1.68
C ILE A 97 -10.74 -3.02 3.17
N GLU A 98 -10.32 -4.15 3.74
CA GLU A 98 -10.55 -4.39 5.16
C GLU A 98 -9.79 -3.37 6.01
N CYS A 99 -8.57 -3.09 5.56
CA CYS A 99 -7.73 -2.13 6.28
C CYS A 99 -8.51 -0.83 6.42
N ILE A 100 -9.44 -0.62 5.50
CA ILE A 100 -10.26 0.58 5.51
C ILE A 100 -11.44 0.37 6.47
N GLY A 101 -12.31 -0.55 6.10
CA GLY A 101 -13.48 -0.86 6.91
C GLY A 101 -13.07 -1.28 8.32
N ALA A 102 -11.79 -1.58 8.46
CA ALA A 102 -11.26 -1.99 9.76
C ALA A 102 -10.57 -0.80 10.42
N GLY A 103 -10.40 0.25 9.65
CA GLY A 103 -9.76 1.46 10.15
C GLY A 103 -8.42 1.14 10.82
N LYS A 104 -7.80 0.07 10.34
CA LYS A 104 -6.52 -0.36 10.88
C LYS A 104 -5.94 -1.46 9.98
N PRO A 105 -4.61 -1.73 10.18
CA PRO A 105 -3.94 -2.75 9.40
C PRO A 105 -4.32 -4.14 9.89
N VAL A 106 -5.38 -4.68 9.30
CA VAL A 106 -5.86 -6.00 9.67
C VAL A 106 -4.68 -6.96 9.74
N GLU A 107 -4.93 -8.13 10.30
CA GLU A 107 -3.90 -9.14 10.44
C GLU A 107 -3.93 -10.09 9.24
N MET A 108 -2.75 -10.59 8.88
CA MET A 108 -2.64 -11.50 7.77
C MET A 108 -2.81 -12.96 8.23
N THR A 109 -4.04 -13.45 8.09
CA THR A 109 -4.35 -14.80 8.49
C THR A 109 -4.09 -15.77 7.34
N GLY A 110 -4.49 -15.35 6.14
CA GLY A 110 -4.30 -16.15 4.96
C GLY A 110 -5.14 -15.63 3.79
N LYS A 111 -6.42 -15.47 4.06
CA LYS A 111 -7.34 -14.98 3.04
C LYS A 111 -6.74 -13.73 2.38
N HIS A 112 -6.05 -12.94 3.18
CA HIS A 112 -5.42 -11.73 2.69
C HIS A 112 -4.24 -12.09 1.77
N GLN A 113 -3.40 -13.00 2.26
CA GLN A 113 -2.25 -13.44 1.50
C GLN A 113 -2.70 -14.06 0.17
N LEU A 114 -2.21 -13.49 -0.92
CA LEU A 114 -2.56 -13.97 -2.25
C LEU A 114 -2.31 -15.48 -2.30
N SER A 115 -1.05 -15.85 -2.14
CA SER A 115 -0.68 -17.25 -2.18
C SER A 115 -1.08 -17.87 -3.52
N GLY A 116 -0.68 -19.12 -3.70
CA GLY A 116 -1.00 -19.83 -4.93
C GLY A 116 -1.80 -21.11 -4.64
N PRO A 117 -1.55 -22.14 -5.49
CA PRO A 117 -2.24 -23.42 -5.33
C PRO A 117 -1.66 -24.20 -4.14
N SER A 118 -1.97 -23.71 -2.95
CA SER A 118 -1.50 -24.35 -1.73
C SER A 118 -2.66 -24.54 -0.75
N SER A 119 -2.69 -25.71 -0.14
CA SER A 119 -3.73 -26.04 0.81
C SER A 119 -3.22 -27.05 1.84
N GLY A 120 -3.88 -27.08 2.98
CA GLY A 120 -3.51 -28.00 4.04
C GLY A 120 -2.40 -27.40 4.92
N GLY A 1 23.54 6.42 26.50
CA GLY A 1 22.82 5.60 25.53
C GLY A 1 23.53 5.62 24.17
N SER A 2 22.85 6.22 23.20
CA SER A 2 23.39 6.31 21.86
C SER A 2 23.30 7.75 21.35
N SER A 3 23.79 7.96 20.14
CA SER A 3 23.78 9.28 19.54
C SER A 3 22.77 9.32 18.39
N GLY A 4 21.56 9.73 18.72
CA GLY A 4 20.49 9.81 17.74
C GLY A 4 19.83 11.19 17.76
N SER A 5 19.38 11.62 16.59
CA SER A 5 18.72 12.91 16.47
C SER A 5 18.17 13.08 15.05
N SER A 6 17.53 14.22 14.85
CA SER A 6 16.95 14.51 13.54
C SER A 6 16.98 16.02 13.29
N GLY A 7 16.39 16.43 12.17
CA GLY A 7 16.35 17.83 11.80
C GLY A 7 15.12 18.13 10.94
N THR A 8 13.97 17.63 11.40
CA THR A 8 12.73 17.84 10.69
C THR A 8 12.36 19.32 10.68
N GLY A 9 11.18 19.60 10.16
CA GLY A 9 10.69 20.98 10.09
C GLY A 9 10.05 21.26 8.73
N ALA A 10 9.32 22.36 8.68
CA ALA A 10 8.64 22.75 7.45
C ALA A 10 7.59 21.70 7.09
N LEU A 11 6.34 22.06 7.30
CA LEU A 11 5.23 21.16 7.00
C LEU A 11 3.93 21.77 7.51
N MET A 12 2.98 21.92 6.60
CA MET A 12 1.68 22.48 6.95
C MET A 12 0.96 21.60 7.97
N ALA A 13 -0.20 22.07 8.37
CA ALA A 13 -1.00 21.34 9.35
C ALA A 13 -2.43 21.89 9.34
N SER A 14 -3.18 21.50 8.32
CA SER A 14 -4.56 21.94 8.19
C SER A 14 -5.20 21.30 6.96
N SER A 15 -5.13 19.98 6.91
CA SER A 15 -5.70 19.24 5.80
C SER A 15 -5.76 17.75 6.14
N PRO A 16 -6.59 17.00 5.36
CA PRO A 16 -6.74 15.58 5.57
C PRO A 16 -5.54 14.81 5.05
N GLN A 17 -4.37 15.19 5.57
CA GLN A 17 -3.13 14.54 5.18
C GLN A 17 -2.18 14.43 6.37
N ASP A 18 -2.55 13.57 7.30
CA ASP A 18 -1.76 13.36 8.49
C ASP A 18 -1.53 11.86 8.69
N ILE A 19 -0.40 11.39 8.17
CA ILE A 19 -0.05 9.98 8.29
C ILE A 19 -0.23 9.53 9.74
N LYS A 20 -1.02 8.48 9.90
CA LYS A 20 -1.29 7.94 11.23
C LYS A 20 -0.34 6.78 11.50
N PHE A 21 -0.15 5.95 10.48
CA PHE A 21 0.73 4.80 10.60
C PHE A 21 2.06 5.06 9.89
N GLN A 22 3.12 5.08 10.69
CA GLN A 22 4.45 5.32 10.15
C GLN A 22 5.19 3.98 9.95
N ASP A 23 4.39 2.93 9.81
CA ASP A 23 4.95 1.60 9.60
C ASP A 23 3.88 0.71 8.97
N LEU A 24 3.08 1.30 8.11
CA LEU A 24 2.02 0.57 7.44
C LEU A 24 1.88 1.08 6.00
N VAL A 25 2.98 0.95 5.26
CA VAL A 25 2.99 1.39 3.87
C VAL A 25 2.23 0.39 3.01
N VAL A 26 1.17 0.88 2.40
CA VAL A 26 0.34 0.04 1.55
C VAL A 26 0.53 0.47 0.09
N PHE A 27 1.01 -0.48 -0.72
CA PHE A 27 1.24 -0.22 -2.12
C PHE A 27 0.32 -1.07 -3.00
N ILE A 28 -0.57 -0.39 -3.70
CA ILE A 28 -1.51 -1.07 -4.58
C ILE A 28 -0.82 -1.38 -5.92
N LEU A 29 -1.23 -2.50 -6.50
CA LEU A 29 -0.66 -2.92 -7.77
C LEU A 29 -1.67 -2.64 -8.89
N GLU A 30 -1.36 -1.62 -9.68
CA GLU A 30 -2.22 -1.24 -10.78
C GLU A 30 -2.64 -2.47 -11.58
N LYS A 31 -1.64 -3.27 -11.93
CA LYS A 31 -1.89 -4.48 -12.69
C LYS A 31 -3.17 -5.15 -12.19
N LYS A 32 -4.05 -5.44 -13.13
CA LYS A 32 -5.32 -6.07 -12.80
C LYS A 32 -6.17 -5.11 -11.98
N MET A 33 -6.28 -3.89 -12.50
CA MET A 33 -7.07 -2.87 -11.83
C MET A 33 -7.06 -1.56 -12.62
N GLY A 34 -5.90 -0.93 -12.66
CA GLY A 34 -5.74 0.32 -13.39
C GLY A 34 -5.25 1.43 -12.47
N THR A 35 -5.32 2.65 -12.96
CA THR A 35 -4.89 3.81 -12.20
C THR A 35 -6.04 4.34 -11.33
N THR A 36 -7.12 4.71 -12.01
CA THR A 36 -8.29 5.22 -11.31
C THR A 36 -8.51 4.47 -10.01
N ARG A 37 -8.93 3.22 -10.15
CA ARG A 37 -9.18 2.38 -8.98
C ARG A 37 -7.98 2.39 -8.05
N ARG A 38 -6.87 1.87 -8.57
CA ARG A 38 -5.64 1.82 -7.80
C ARG A 38 -5.47 3.09 -6.96
N ALA A 39 -5.46 4.21 -7.65
CA ALA A 39 -5.31 5.50 -6.99
C ALA A 39 -6.42 5.67 -5.96
N LEU A 40 -7.65 5.58 -6.45
CA LEU A 40 -8.82 5.73 -5.59
C LEU A 40 -8.57 4.96 -4.28
N LEU A 41 -8.55 3.64 -4.40
CA LEU A 41 -8.33 2.79 -3.24
C LEU A 41 -7.20 3.38 -2.39
N MET A 42 -6.05 3.54 -3.02
CA MET A 42 -4.89 4.10 -2.34
C MET A 42 -5.26 5.35 -1.55
N GLU A 43 -6.05 6.21 -2.19
CA GLU A 43 -6.49 7.44 -1.57
C GLU A 43 -7.43 7.14 -0.40
N LEU A 44 -8.30 6.17 -0.61
CA LEU A 44 -9.26 5.77 0.41
C LEU A 44 -8.50 5.32 1.66
N ALA A 45 -7.47 4.53 1.43
CA ALA A 45 -6.66 4.02 2.53
C ALA A 45 -5.94 5.19 3.21
N ARG A 46 -5.41 6.08 2.39
CA ARG A 46 -4.70 7.24 2.90
C ARG A 46 -5.58 8.00 3.89
N ARG A 47 -6.79 8.33 3.44
CA ARG A 47 -7.74 9.05 4.27
C ARG A 47 -7.85 8.38 5.64
N LYS A 48 -7.79 7.06 5.63
CA LYS A 48 -7.88 6.30 6.87
C LYS A 48 -6.69 6.62 7.76
N GLY A 49 -5.60 7.02 7.11
CA GLY A 49 -4.38 7.36 7.83
C GLY A 49 -3.19 6.57 7.30
N PHE A 50 -3.49 5.45 6.66
CA PHE A 50 -2.46 4.60 6.10
C PHE A 50 -1.46 5.44 5.28
N ARG A 51 -0.29 4.85 5.08
CA ARG A 51 0.76 5.52 4.32
C ARG A 51 0.90 4.88 2.93
N VAL A 52 -0.02 5.23 2.06
CA VAL A 52 0.00 4.70 0.70
C VAL A 52 1.05 5.46 -0.13
N GLU A 53 1.55 4.77 -1.14
CA GLU A 53 2.55 5.36 -2.01
C GLU A 53 2.16 5.17 -3.48
N ASN A 54 2.50 6.16 -4.29
CA ASN A 54 2.19 6.11 -5.70
C ASN A 54 3.22 5.25 -6.41
N GLU A 55 4.40 5.16 -5.81
CA GLU A 55 5.48 4.38 -6.37
C GLU A 55 6.08 3.45 -5.30
N LEU A 56 6.53 2.28 -5.76
CA LEU A 56 7.12 1.31 -4.86
C LEU A 56 8.38 1.91 -4.22
N SER A 57 8.76 1.33 -3.10
CA SER A 57 9.94 1.79 -2.38
C SER A 57 10.34 0.77 -1.32
N ASP A 58 11.30 1.17 -0.49
CA ASP A 58 11.78 0.31 0.57
C ASP A 58 10.87 0.45 1.79
N SER A 59 10.02 1.47 1.75
CA SER A 59 9.09 1.73 2.82
C SER A 59 7.85 0.85 2.67
N VAL A 60 7.68 0.33 1.46
CA VAL A 60 6.53 -0.52 1.16
C VAL A 60 6.63 -1.80 1.98
N THR A 61 5.69 -1.97 2.90
CA THR A 61 5.67 -3.13 3.75
C THR A 61 4.50 -4.05 3.38
N HIS A 62 3.55 -3.47 2.66
CA HIS A 62 2.37 -4.21 2.22
C HIS A 62 2.02 -3.83 0.79
N ILE A 63 1.97 -4.84 -0.06
CA ILE A 63 1.65 -4.62 -1.47
C ILE A 63 0.29 -5.25 -1.77
N VAL A 64 -0.63 -4.40 -2.20
CA VAL A 64 -1.97 -4.86 -2.53
C VAL A 64 -2.05 -5.14 -4.03
N ALA A 65 -2.88 -6.12 -4.37
CA ALA A 65 -3.06 -6.50 -5.76
C ALA A 65 -4.44 -7.14 -5.93
N GLU A 66 -4.95 -7.03 -7.16
CA GLU A 66 -6.26 -7.60 -7.47
C GLU A 66 -6.12 -8.64 -8.58
N ASN A 67 -6.78 -9.77 -8.36
CA ASN A 67 -6.75 -10.86 -9.32
C ASN A 67 -5.30 -11.25 -9.59
N ASN A 68 -4.51 -11.23 -8.53
CA ASN A 68 -3.10 -11.58 -8.63
C ASN A 68 -2.74 -12.53 -7.49
N SER A 69 -1.88 -13.48 -7.81
CA SER A 69 -1.43 -14.45 -6.81
C SER A 69 -0.12 -14.00 -6.18
N GLY A 70 0.05 -14.34 -4.91
CA GLY A 70 1.25 -13.98 -4.19
C GLY A 70 2.49 -14.08 -5.09
N SER A 71 2.43 -15.03 -6.01
CA SER A 71 3.53 -15.24 -6.93
C SER A 71 3.56 -14.12 -7.97
N ASP A 72 2.41 -13.87 -8.57
CA ASP A 72 2.29 -12.84 -9.59
C ASP A 72 2.90 -11.54 -9.05
N VAL A 73 2.65 -11.30 -7.77
CA VAL A 73 3.16 -10.10 -7.12
C VAL A 73 4.68 -10.24 -6.93
N LEU A 74 5.08 -11.42 -6.49
CA LEU A 74 6.49 -11.69 -6.26
C LEU A 74 7.27 -11.43 -7.56
N GLU A 75 6.92 -12.18 -8.58
CA GLU A 75 7.57 -12.05 -9.88
C GLU A 75 7.70 -10.56 -10.25
N TRP A 76 6.66 -9.81 -9.93
CA TRP A 76 6.65 -8.39 -10.22
C TRP A 76 7.68 -7.71 -9.32
N LEU A 77 7.69 -8.13 -8.06
CA LEU A 77 8.61 -7.57 -7.09
C LEU A 77 10.02 -7.57 -7.68
N GLN A 78 10.43 -8.73 -8.16
CA GLN A 78 11.75 -8.88 -8.76
C GLN A 78 11.90 -7.95 -9.97
N ALA A 79 10.77 -7.73 -10.63
CA ALA A 79 10.75 -6.87 -11.81
C ALA A 79 11.02 -5.42 -11.38
N GLN A 80 10.66 -5.13 -10.13
CA GLN A 80 10.87 -3.80 -9.59
C GLN A 80 12.36 -3.52 -9.41
N LYS A 81 13.07 -4.53 -8.93
CA LYS A 81 14.50 -4.41 -8.71
C LYS A 81 14.75 -3.35 -7.63
N VAL A 82 13.68 -2.98 -6.95
CA VAL A 82 13.77 -1.98 -5.89
C VAL A 82 14.28 -2.64 -4.61
N GLN A 83 15.18 -1.94 -3.94
CA GLN A 83 15.76 -2.45 -2.71
C GLN A 83 14.77 -2.28 -1.55
N VAL A 84 14.51 -3.38 -0.86
CA VAL A 84 13.59 -3.37 0.26
C VAL A 84 14.27 -3.97 1.49
N SER A 85 14.23 -3.22 2.58
CA SER A 85 14.85 -3.67 3.82
C SER A 85 14.27 -5.02 4.23
N SER A 86 13.11 -5.34 3.66
CA SER A 86 12.44 -6.59 3.96
C SER A 86 11.24 -6.77 3.03
N GLN A 87 11.22 -7.90 2.35
CA GLN A 87 10.12 -8.21 1.44
C GLN A 87 8.79 -7.73 2.02
N PRO A 88 8.03 -7.00 1.18
CA PRO A 88 6.73 -6.48 1.60
C PRO A 88 5.69 -7.59 1.64
N GLU A 89 4.55 -7.27 2.25
CA GLU A 89 3.47 -8.23 2.38
C GLU A 89 2.64 -8.27 1.09
N LEU A 90 2.28 -9.48 0.70
CA LEU A 90 1.50 -9.66 -0.51
C LEU A 90 0.06 -10.04 -0.13
N LEU A 91 -0.82 -9.06 -0.26
CA LEU A 91 -2.23 -9.28 0.07
C LEU A 91 -3.09 -8.84 -1.12
N ASP A 92 -4.39 -9.04 -0.96
CA ASP A 92 -5.33 -8.69 -2.01
C ASP A 92 -6.10 -7.43 -1.60
N VAL A 93 -6.70 -6.79 -2.58
CA VAL A 93 -7.47 -5.58 -2.33
C VAL A 93 -8.45 -5.83 -1.19
N SER A 94 -8.78 -7.09 -1.00
CA SER A 94 -9.70 -7.48 0.05
C SER A 94 -9.25 -6.89 1.39
N TRP A 95 -7.97 -7.10 1.69
CA TRP A 95 -7.40 -6.61 2.92
C TRP A 95 -7.58 -5.09 2.96
N LEU A 96 -6.95 -4.43 2.00
CA LEU A 96 -7.05 -2.98 1.91
C LEU A 96 -8.51 -2.55 2.10
N ILE A 97 -9.40 -3.32 1.49
CA ILE A 97 -10.82 -3.03 1.58
C ILE A 97 -11.24 -3.04 3.05
N GLU A 98 -10.97 -4.17 3.71
CA GLU A 98 -11.31 -4.32 5.11
C GLU A 98 -10.57 -3.29 5.95
N CYS A 99 -9.28 -3.17 5.70
CA CYS A 99 -8.45 -2.23 6.42
C CYS A 99 -9.07 -0.84 6.29
N ILE A 100 -9.63 -0.58 5.11
CA ILE A 100 -10.26 0.69 4.84
C ILE A 100 -11.46 0.88 5.78
N GLY A 101 -12.35 -0.10 5.74
CA GLY A 101 -13.54 -0.06 6.59
C GLY A 101 -13.16 -0.12 8.07
N ALA A 102 -11.98 -0.65 8.33
CA ALA A 102 -11.50 -0.78 9.69
C ALA A 102 -10.74 0.50 10.07
N GLY A 103 -10.20 1.15 9.06
CA GLY A 103 -9.45 2.38 9.27
C GLY A 103 -8.10 2.09 9.93
N LYS A 104 -7.73 0.83 9.89
CA LYS A 104 -6.45 0.40 10.48
C LYS A 104 -5.96 -0.85 9.76
N PRO A 105 -4.77 -1.34 10.21
CA PRO A 105 -4.18 -2.53 9.63
C PRO A 105 -4.92 -3.79 10.08
N VAL A 106 -6.12 -3.96 9.55
CA VAL A 106 -6.93 -5.12 9.89
C VAL A 106 -6.07 -6.38 9.83
N GLU A 107 -6.69 -7.50 10.12
CA GLU A 107 -6.00 -8.78 10.10
C GLU A 107 -5.71 -9.20 8.66
N MET A 108 -4.75 -10.10 8.52
CA MET A 108 -4.36 -10.60 7.21
C MET A 108 -4.66 -12.10 7.09
N THR A 109 -5.94 -12.42 7.02
CA THR A 109 -6.35 -13.80 6.90
C THR A 109 -5.81 -14.41 5.60
N GLY A 110 -6.31 -15.60 5.29
CA GLY A 110 -5.88 -16.30 4.09
C GLY A 110 -6.45 -15.63 2.84
N LYS A 111 -7.69 -15.18 2.96
CA LYS A 111 -8.36 -14.52 1.85
C LYS A 111 -7.70 -13.16 1.59
N HIS A 112 -6.96 -12.70 2.59
CA HIS A 112 -6.27 -11.43 2.49
C HIS A 112 -4.95 -11.61 1.75
N GLN A 113 -4.28 -12.71 2.08
CA GLN A 113 -3.00 -13.02 1.46
C GLN A 113 -3.21 -13.84 0.19
N LEU A 114 -2.80 -13.26 -0.93
CA LEU A 114 -2.93 -13.92 -2.21
C LEU A 114 -2.56 -15.39 -2.06
N SER A 115 -1.27 -15.63 -1.83
CA SER A 115 -0.77 -16.99 -1.67
C SER A 115 -0.83 -17.73 -3.00
N GLY A 116 0.05 -18.72 -3.13
CA GLY A 116 0.12 -19.51 -4.34
C GLY A 116 -0.93 -20.63 -4.32
N PRO A 117 -0.74 -21.61 -5.25
CA PRO A 117 -1.65 -22.74 -5.35
C PRO A 117 -1.40 -23.73 -4.21
N SER A 118 -2.31 -24.68 -4.08
CA SER A 118 -2.21 -25.70 -3.05
C SER A 118 -3.35 -26.72 -3.20
N SER A 119 -3.01 -27.97 -2.90
CA SER A 119 -3.98 -29.04 -3.00
C SER A 119 -3.97 -29.88 -1.72
N GLY A 120 -5.14 -30.39 -1.36
CA GLY A 120 -5.28 -31.21 -0.18
C GLY A 120 -5.33 -30.34 1.09
N GLY A 1 -5.50 -3.59 -19.14
CA GLY A 1 -4.55 -2.91 -20.01
C GLY A 1 -4.88 -1.42 -20.13
N SER A 2 -3.92 -0.60 -19.71
CA SER A 2 -4.10 0.83 -19.77
C SER A 2 -2.77 1.54 -19.45
N SER A 3 -2.69 2.79 -19.85
CA SER A 3 -1.49 3.59 -19.61
C SER A 3 -1.87 4.95 -19.06
N GLY A 4 -1.25 5.32 -17.95
CA GLY A 4 -1.51 6.60 -17.32
C GLY A 4 -0.69 6.76 -16.04
N SER A 5 -0.67 7.98 -15.53
CA SER A 5 0.07 8.28 -14.32
C SER A 5 -0.27 9.69 -13.84
N SER A 6 -1.01 9.75 -12.74
CA SER A 6 -1.40 11.03 -12.16
C SER A 6 -1.89 10.83 -10.73
N GLY A 7 -0.98 11.03 -9.79
CA GLY A 7 -1.31 10.88 -8.38
C GLY A 7 -0.79 12.06 -7.57
N THR A 8 -1.70 12.69 -6.85
CA THR A 8 -1.34 13.83 -6.03
C THR A 8 -2.13 13.80 -4.71
N GLY A 9 -1.60 14.52 -3.73
CA GLY A 9 -2.24 14.59 -2.42
C GLY A 9 -1.71 15.77 -1.62
N ALA A 10 -2.14 16.97 -2.01
CA ALA A 10 -1.73 18.18 -1.32
C ALA A 10 -2.93 19.12 -1.19
N LEU A 11 -3.10 19.62 0.03
CA LEU A 11 -4.19 20.53 0.31
C LEU A 11 -3.94 21.23 1.65
N MET A 12 -3.82 22.54 1.58
CA MET A 12 -3.58 23.34 2.77
C MET A 12 -4.86 24.04 3.24
N ALA A 13 -5.64 23.31 4.03
CA ALA A 13 -6.88 23.85 4.55
C ALA A 13 -7.39 22.95 5.67
N SER A 14 -6.63 22.90 6.74
CA SER A 14 -6.99 22.08 7.89
C SER A 14 -7.13 20.62 7.47
N SER A 15 -6.21 19.81 7.96
CA SER A 15 -6.22 18.38 7.65
C SER A 15 -5.36 17.62 8.65
N PRO A 16 -5.76 16.35 8.90
CA PRO A 16 -5.04 15.50 9.83
C PRO A 16 -3.72 15.01 9.21
N GLN A 17 -2.75 15.90 9.15
CA GLN A 17 -1.47 15.57 8.58
C GLN A 17 -0.62 14.80 9.61
N ASP A 18 -1.14 13.66 10.03
CA ASP A 18 -0.45 12.84 10.99
C ASP A 18 -0.70 11.36 10.68
N ILE A 19 0.23 10.78 9.93
CA ILE A 19 0.13 9.39 9.55
C ILE A 19 -0.27 8.56 10.77
N LYS A 20 -1.37 7.82 10.62
CA LYS A 20 -1.87 6.99 11.70
C LYS A 20 -0.78 5.98 12.10
N PHE A 21 -0.35 5.21 11.13
CA PHE A 21 0.68 4.21 11.36
C PHE A 21 1.98 4.59 10.65
N GLN A 22 3.06 4.59 11.42
CA GLN A 22 4.36 4.93 10.88
C GLN A 22 5.12 3.66 10.49
N ASP A 23 4.36 2.65 10.11
CA ASP A 23 4.94 1.38 9.71
C ASP A 23 3.87 0.52 9.04
N LEU A 24 3.04 1.17 8.24
CA LEU A 24 1.97 0.48 7.54
C LEU A 24 1.86 1.02 6.12
N VAL A 25 2.97 0.92 5.40
CA VAL A 25 3.02 1.39 4.02
C VAL A 25 2.28 0.41 3.12
N VAL A 26 1.20 0.90 2.53
CA VAL A 26 0.40 0.07 1.64
C VAL A 26 0.61 0.52 0.20
N PHE A 27 0.98 -0.43 -0.64
CA PHE A 27 1.23 -0.15 -2.05
C PHE A 27 0.26 -0.95 -2.93
N ILE A 28 -0.60 -0.21 -3.62
CA ILE A 28 -1.57 -0.83 -4.51
C ILE A 28 -0.90 -1.13 -5.86
N LEU A 29 -1.24 -2.29 -6.40
CA LEU A 29 -0.69 -2.70 -7.68
C LEU A 29 -1.74 -2.49 -8.78
N GLU A 30 -1.42 -1.58 -9.68
CA GLU A 30 -2.32 -1.26 -10.78
C GLU A 30 -2.77 -2.56 -11.47
N LYS A 31 -1.78 -3.35 -11.87
CA LYS A 31 -2.06 -4.60 -12.54
C LYS A 31 -3.28 -5.26 -11.91
N LYS A 32 -4.23 -5.63 -12.76
CA LYS A 32 -5.45 -6.27 -12.29
C LYS A 32 -6.27 -5.26 -11.48
N MET A 33 -6.46 -4.09 -12.07
CA MET A 33 -7.22 -3.04 -11.42
C MET A 33 -7.33 -1.80 -12.30
N GLY A 34 -6.19 -1.14 -12.47
CA GLY A 34 -6.14 0.06 -13.29
C GLY A 34 -5.56 1.24 -12.51
N THR A 35 -5.73 2.43 -13.08
CA THR A 35 -5.24 3.64 -12.44
C THR A 35 -6.30 4.23 -11.52
N THR A 36 -7.45 4.52 -12.10
CA THR A 36 -8.55 5.09 -11.34
C THR A 36 -8.61 4.46 -9.95
N ARG A 37 -9.01 3.20 -9.92
CA ARG A 37 -9.14 2.47 -8.67
C ARG A 37 -7.82 2.55 -7.90
N ARG A 38 -6.77 2.03 -8.52
CA ARG A 38 -5.45 2.03 -7.90
C ARG A 38 -5.23 3.34 -7.13
N ALA A 39 -5.33 4.44 -7.86
CA ALA A 39 -5.13 5.75 -7.26
C ALA A 39 -6.21 5.99 -6.20
N LEU A 40 -7.46 5.82 -6.62
CA LEU A 40 -8.58 6.00 -5.72
C LEU A 40 -8.32 5.23 -4.42
N LEU A 41 -8.39 3.91 -4.53
CA LEU A 41 -8.17 3.05 -3.38
C LEU A 41 -7.00 3.61 -2.55
N MET A 42 -5.89 3.81 -3.23
CA MET A 42 -4.69 4.34 -2.58
C MET A 42 -5.04 5.59 -1.76
N GLU A 43 -5.88 6.42 -2.34
CA GLU A 43 -6.29 7.66 -1.69
C GLU A 43 -7.24 7.35 -0.53
N LEU A 44 -8.09 6.35 -0.75
CA LEU A 44 -9.05 5.95 0.27
C LEU A 44 -8.31 5.51 1.53
N ALA A 45 -7.29 4.68 1.31
CA ALA A 45 -6.50 4.18 2.43
C ALA A 45 -5.88 5.36 3.18
N ARG A 46 -5.32 6.28 2.41
CA ARG A 46 -4.70 7.46 2.98
C ARG A 46 -5.68 8.19 3.91
N ARG A 47 -6.88 8.41 3.39
CA ARG A 47 -7.91 9.09 4.15
C ARG A 47 -8.08 8.43 5.53
N LYS A 48 -7.81 7.14 5.56
CA LYS A 48 -7.92 6.38 6.80
C LYS A 48 -6.73 6.73 7.71
N GLY A 49 -5.64 7.13 7.07
CA GLY A 49 -4.44 7.49 7.81
C GLY A 49 -3.26 6.64 7.35
N PHE A 50 -3.56 5.61 6.57
CA PHE A 50 -2.53 4.72 6.07
C PHE A 50 -1.53 5.48 5.19
N ARG A 51 -0.30 4.97 5.18
CA ARG A 51 0.75 5.59 4.38
C ARG A 51 0.87 4.89 3.03
N VAL A 52 -0.05 5.24 2.13
CA VAL A 52 -0.05 4.66 0.80
C VAL A 52 1.01 5.36 -0.06
N GLU A 53 1.51 4.61 -1.03
CA GLU A 53 2.53 5.13 -1.93
C GLU A 53 2.09 4.98 -3.39
N ASN A 54 2.64 5.83 -4.24
CA ASN A 54 2.31 5.81 -5.65
C ASN A 54 3.22 4.80 -6.35
N GLU A 55 4.48 4.81 -5.96
CA GLU A 55 5.46 3.91 -6.54
C GLU A 55 6.01 2.96 -5.48
N LEU A 56 6.43 1.79 -5.93
CA LEU A 56 6.98 0.79 -5.03
C LEU A 56 8.30 1.30 -4.46
N SER A 57 8.40 1.27 -3.14
CA SER A 57 9.59 1.73 -2.46
C SER A 57 10.01 0.70 -1.39
N ASP A 58 11.04 1.06 -0.65
CA ASP A 58 11.55 0.18 0.40
C ASP A 58 10.66 0.33 1.64
N SER A 59 9.95 1.44 1.69
CA SER A 59 9.06 1.71 2.82
C SER A 59 7.80 0.87 2.70
N VAL A 60 7.58 0.35 1.51
CA VAL A 60 6.41 -0.48 1.25
C VAL A 60 6.53 -1.78 2.06
N THR A 61 5.60 -1.95 2.99
CA THR A 61 5.59 -3.14 3.82
C THR A 61 4.43 -4.06 3.44
N HIS A 62 3.44 -3.45 2.80
CA HIS A 62 2.26 -4.20 2.37
C HIS A 62 1.90 -3.80 0.94
N ILE A 63 1.88 -4.81 0.07
CA ILE A 63 1.55 -4.58 -1.32
C ILE A 63 0.15 -5.15 -1.61
N VAL A 64 -0.71 -4.28 -2.11
CA VAL A 64 -2.06 -4.66 -2.44
C VAL A 64 -2.16 -5.00 -3.92
N ALA A 65 -2.87 -6.08 -4.21
CA ALA A 65 -3.04 -6.52 -5.59
C ALA A 65 -4.30 -7.38 -5.69
N GLU A 66 -5.04 -7.17 -6.78
CA GLU A 66 -6.25 -7.91 -7.01
C GLU A 66 -6.02 -9.03 -8.02
N ASN A 67 -6.57 -10.20 -7.71
CA ASN A 67 -6.42 -11.35 -8.57
C ASN A 67 -4.98 -11.87 -8.49
N ASN A 68 -4.05 -10.99 -8.84
CA ASN A 68 -2.64 -11.35 -8.81
C ASN A 68 -2.35 -12.12 -7.52
N SER A 69 -1.58 -13.18 -7.67
CA SER A 69 -1.21 -14.02 -6.53
C SER A 69 0.18 -13.62 -6.03
N GLY A 70 0.41 -13.90 -4.76
CA GLY A 70 1.70 -13.58 -4.15
C GLY A 70 2.84 -13.84 -5.13
N SER A 71 2.69 -14.91 -5.90
CA SER A 71 3.70 -15.27 -6.87
C SER A 71 3.78 -14.21 -7.97
N ASP A 72 2.62 -13.90 -8.53
CA ASP A 72 2.54 -12.91 -9.59
C ASP A 72 3.21 -11.61 -9.12
N VAL A 73 2.83 -11.20 -7.92
CA VAL A 73 3.38 -9.98 -7.35
C VAL A 73 4.90 -10.15 -7.15
N LEU A 74 5.26 -11.31 -6.61
CA LEU A 74 6.67 -11.60 -6.37
C LEU A 74 7.46 -11.40 -7.66
N GLU A 75 7.12 -12.22 -8.65
CA GLU A 75 7.79 -12.15 -9.94
C GLU A 75 7.91 -10.69 -10.40
N TRP A 76 6.86 -9.92 -10.11
CA TRP A 76 6.84 -8.52 -10.48
C TRP A 76 7.85 -7.78 -9.60
N LEU A 77 7.81 -8.11 -8.32
CA LEU A 77 8.71 -7.49 -7.36
C LEU A 77 10.15 -7.55 -7.90
N GLN A 78 10.53 -8.73 -8.35
CA GLN A 78 11.86 -8.94 -8.89
C GLN A 78 12.01 -8.21 -10.22
N ALA A 79 10.88 -8.09 -10.93
CA ALA A 79 10.88 -7.42 -12.21
C ALA A 79 11.18 -5.94 -12.02
N GLN A 80 10.64 -5.39 -10.94
CA GLN A 80 10.84 -3.99 -10.61
C GLN A 80 12.34 -3.71 -10.40
N LYS A 81 12.69 -2.44 -10.55
CA LYS A 81 14.07 -2.03 -10.37
C LYS A 81 14.25 -1.46 -8.96
N VAL A 82 13.13 -1.29 -8.28
CA VAL A 82 13.15 -0.75 -6.94
C VAL A 82 13.32 -1.90 -5.94
N GLN A 83 14.54 -2.02 -5.43
CA GLN A 83 14.86 -3.07 -4.48
C GLN A 83 14.28 -2.72 -3.09
N VAL A 84 13.02 -3.07 -2.91
CA VAL A 84 12.34 -2.80 -1.66
C VAL A 84 13.30 -3.07 -0.50
N SER A 85 14.20 -4.02 -0.73
CA SER A 85 15.18 -4.38 0.29
C SER A 85 14.58 -5.40 1.26
N SER A 86 13.26 -5.32 1.41
CA SER A 86 12.56 -6.22 2.30
C SER A 86 11.24 -6.65 1.66
N GLN A 87 11.08 -7.96 1.53
CA GLN A 87 9.87 -8.51 0.94
C GLN A 87 8.63 -7.99 1.69
N PRO A 88 7.83 -7.17 0.96
CA PRO A 88 6.63 -6.60 1.54
C PRO A 88 5.51 -7.65 1.64
N GLU A 89 4.42 -7.26 2.26
CA GLU A 89 3.28 -8.15 2.43
C GLU A 89 2.48 -8.24 1.13
N LEU A 90 2.08 -9.46 0.81
CA LEU A 90 1.30 -9.69 -0.40
C LEU A 90 -0.11 -10.13 -0.02
N LEU A 91 -1.02 -9.18 -0.06
CA LEU A 91 -2.41 -9.44 0.27
C LEU A 91 -3.31 -8.93 -0.85
N ASP A 92 -4.52 -9.48 -0.89
CA ASP A 92 -5.48 -9.09 -1.91
C ASP A 92 -6.10 -7.74 -1.53
N VAL A 93 -6.70 -7.11 -2.52
CA VAL A 93 -7.33 -5.81 -2.30
C VAL A 93 -8.32 -5.92 -1.14
N SER A 94 -8.85 -7.11 -0.96
CA SER A 94 -9.80 -7.36 0.10
C SER A 94 -9.27 -6.78 1.41
N TRP A 95 -8.08 -7.23 1.78
CA TRP A 95 -7.46 -6.76 3.01
C TRP A 95 -7.66 -5.25 3.10
N LEU A 96 -7.25 -4.57 2.03
CA LEU A 96 -7.37 -3.13 1.97
C LEU A 96 -8.81 -2.73 2.29
N ILE A 97 -9.72 -3.20 1.45
CA ILE A 97 -11.14 -2.90 1.63
C ILE A 97 -11.47 -2.92 3.12
N GLU A 98 -11.08 -4.02 3.77
CA GLU A 98 -11.33 -4.17 5.19
C GLU A 98 -10.51 -3.16 5.99
N CYS A 99 -9.23 -3.09 5.67
CA CYS A 99 -8.33 -2.18 6.35
C CYS A 99 -8.97 -0.80 6.35
N ILE A 100 -9.68 -0.50 5.27
CA ILE A 100 -10.35 0.78 5.14
C ILE A 100 -11.54 0.83 6.09
N GLY A 101 -12.55 0.04 5.76
CA GLY A 101 -13.75 -0.01 6.58
C GLY A 101 -13.42 -0.23 8.05
N ALA A 102 -12.22 -0.77 8.27
CA ALA A 102 -11.76 -1.03 9.63
C ALA A 102 -10.96 0.17 10.13
N GLY A 103 -10.32 0.85 9.19
CA GLY A 103 -9.52 2.02 9.53
C GLY A 103 -8.21 1.61 10.18
N LYS A 104 -7.96 0.31 10.19
CA LYS A 104 -6.74 -0.23 10.77
C LYS A 104 -6.30 -1.44 9.97
N PRO A 105 -5.03 -1.86 10.22
CA PRO A 105 -4.47 -3.01 9.53
C PRO A 105 -5.04 -4.32 10.09
N VAL A 106 -6.22 -4.66 9.59
CA VAL A 106 -6.89 -5.88 10.03
C VAL A 106 -5.87 -7.03 10.07
N GLU A 107 -6.18 -8.01 10.91
CA GLU A 107 -5.31 -9.16 11.06
C GLU A 107 -5.15 -9.89 9.72
N MET A 108 -4.09 -10.67 9.64
CA MET A 108 -3.81 -11.43 8.43
C MET A 108 -4.07 -12.92 8.64
N THR A 109 -5.35 -13.26 8.77
CA THR A 109 -5.74 -14.64 8.99
C THR A 109 -5.11 -15.54 7.92
N GLY A 110 -5.21 -15.11 6.68
CA GLY A 110 -4.66 -15.86 5.58
C GLY A 110 -5.30 -15.45 4.25
N LYS A 111 -6.61 -15.56 4.21
CA LYS A 111 -7.36 -15.20 3.01
C LYS A 111 -6.86 -13.85 2.49
N HIS A 112 -6.49 -12.98 3.43
CA HIS A 112 -6.00 -11.66 3.08
C HIS A 112 -4.77 -11.80 2.18
N GLN A 113 -3.88 -12.71 2.56
CA GLN A 113 -2.67 -12.94 1.79
C GLN A 113 -3.02 -13.51 0.42
N LEU A 114 -2.13 -13.24 -0.54
CA LEU A 114 -2.33 -13.71 -1.89
C LEU A 114 -1.71 -15.11 -2.04
N SER A 115 -0.41 -15.17 -1.81
CA SER A 115 0.31 -16.43 -1.91
C SER A 115 0.19 -16.99 -3.34
N GLY A 116 1.28 -17.57 -3.79
CA GLY A 116 1.32 -18.14 -5.14
C GLY A 116 0.22 -19.20 -5.31
N PRO A 117 0.34 -19.97 -6.42
CA PRO A 117 -0.62 -21.02 -6.71
C PRO A 117 -0.39 -22.24 -5.81
N SER A 118 0.85 -22.65 -5.73
CA SER A 118 1.22 -23.80 -4.92
C SER A 118 0.38 -25.01 -5.31
N SER A 119 0.82 -25.67 -6.38
CA SER A 119 0.12 -26.84 -6.87
C SER A 119 0.95 -28.10 -6.59
N GLY A 120 2.16 -28.10 -7.13
CA GLY A 120 3.06 -29.23 -6.97
C GLY A 120 4.52 -28.79 -7.10
N GLY A 1 -40.38 22.35 -15.05
CA GLY A 1 -40.23 21.21 -14.17
C GLY A 1 -39.49 21.60 -12.88
N SER A 2 -39.33 20.63 -12.00
CA SER A 2 -38.65 20.87 -10.74
C SER A 2 -38.34 19.53 -10.05
N SER A 3 -37.17 19.48 -9.43
CA SER A 3 -36.76 18.27 -8.74
C SER A 3 -36.11 18.63 -7.40
N GLY A 4 -36.03 17.63 -6.53
CA GLY A 4 -35.44 17.83 -5.22
C GLY A 4 -34.06 17.19 -5.13
N SER A 5 -33.17 17.85 -4.41
CA SER A 5 -31.82 17.36 -4.23
C SER A 5 -31.32 17.69 -2.83
N SER A 6 -30.54 16.77 -2.29
CA SER A 6 -29.99 16.95 -0.95
C SER A 6 -28.49 17.27 -1.04
N GLY A 7 -28.13 18.39 -0.44
CA GLY A 7 -26.74 18.82 -0.46
C GLY A 7 -26.03 18.41 0.84
N THR A 8 -25.52 17.19 0.84
CA THR A 8 -24.82 16.67 2.00
C THR A 8 -23.34 16.45 1.68
N GLY A 9 -22.51 16.71 2.68
CA GLY A 9 -21.08 16.55 2.51
C GLY A 9 -20.75 15.21 1.84
N ALA A 10 -19.63 15.19 1.14
CA ALA A 10 -19.18 13.99 0.46
C ALA A 10 -18.33 13.15 1.40
N LEU A 11 -17.02 13.40 1.34
CA LEU A 11 -16.08 12.68 2.19
C LEU A 11 -15.38 13.68 3.11
N MET A 12 -15.35 13.32 4.39
CA MET A 12 -14.71 14.17 5.38
C MET A 12 -14.80 13.53 6.77
N ALA A 13 -13.63 13.12 7.28
CA ALA A 13 -13.56 12.50 8.59
C ALA A 13 -13.04 13.53 9.60
N SER A 14 -11.77 13.87 9.43
CA SER A 14 -11.13 14.83 10.32
C SER A 14 -9.66 14.99 9.95
N SER A 15 -8.98 13.87 9.86
CA SER A 15 -7.56 13.87 9.51
C SER A 15 -7.36 14.58 8.17
N PRO A 16 -6.73 15.78 8.25
CA PRO A 16 -6.47 16.57 7.05
C PRO A 16 -5.31 15.97 6.25
N GLN A 17 -4.10 16.37 6.63
CA GLN A 17 -2.91 15.88 5.95
C GLN A 17 -1.88 15.41 6.98
N ASP A 18 -2.32 14.51 7.86
CA ASP A 18 -1.46 13.97 8.88
C ASP A 18 -1.60 12.45 8.92
N ILE A 19 -0.69 11.79 8.22
CA ILE A 19 -0.71 10.33 8.17
C ILE A 19 -0.86 9.77 9.58
N LYS A 20 -1.97 9.08 9.79
CA LYS A 20 -2.25 8.49 11.09
C LYS A 20 -1.42 7.22 11.26
N PHE A 21 -1.59 6.32 10.30
CA PHE A 21 -0.86 5.05 10.34
C PHE A 21 0.44 5.15 9.53
N GLN A 22 1.30 6.06 9.98
CA GLN A 22 2.58 6.26 9.31
C GLN A 22 3.58 5.20 9.76
N ASP A 23 3.12 3.96 9.74
CA ASP A 23 3.96 2.84 10.14
C ASP A 23 4.17 1.92 8.94
N LEU A 24 3.07 1.57 8.29
CA LEU A 24 3.11 0.69 7.14
C LEU A 24 2.94 1.53 5.87
N VAL A 25 3.23 0.90 4.74
CA VAL A 25 3.12 1.57 3.46
C VAL A 25 2.44 0.62 2.45
N VAL A 26 1.14 0.78 2.33
CA VAL A 26 0.37 -0.04 1.41
C VAL A 26 0.52 0.51 -0.01
N PHE A 27 0.99 -0.36 -0.89
CA PHE A 27 1.18 0.02 -2.28
C PHE A 27 0.33 -0.85 -3.22
N ILE A 28 -0.68 -0.23 -3.80
CA ILE A 28 -1.57 -0.93 -4.71
C ILE A 28 -0.83 -1.20 -6.02
N LEU A 29 -1.27 -2.26 -6.69
CA LEU A 29 -0.67 -2.64 -7.95
C LEU A 29 -1.65 -2.37 -9.10
N GLU A 30 -1.42 -1.26 -9.78
CA GLU A 30 -2.27 -0.87 -10.89
C GLU A 30 -2.66 -2.10 -11.71
N LYS A 31 -1.65 -2.84 -12.12
CA LYS A 31 -1.89 -4.04 -12.91
C LYS A 31 -3.14 -4.76 -12.39
N LYS A 32 -4.05 -5.02 -13.31
CA LYS A 32 -5.29 -5.70 -12.96
C LYS A 32 -6.15 -4.76 -12.09
N MET A 33 -6.35 -3.55 -12.60
CA MET A 33 -7.14 -2.57 -11.89
C MET A 33 -7.24 -1.27 -12.69
N GLY A 34 -6.11 -0.57 -12.75
CA GLY A 34 -6.06 0.69 -13.47
C GLY A 34 -5.54 1.82 -12.57
N THR A 35 -5.71 3.04 -13.06
CA THR A 35 -5.26 4.21 -12.31
C THR A 35 -6.38 4.70 -11.40
N THR A 36 -7.51 5.01 -12.01
CA THR A 36 -8.66 5.50 -11.26
C THR A 36 -8.77 4.77 -9.92
N ARG A 37 -9.14 3.51 -9.99
CA ARG A 37 -9.29 2.69 -8.80
C ARG A 37 -8.00 2.73 -7.97
N ARG A 38 -6.92 2.27 -8.59
CA ARG A 38 -5.63 2.25 -7.93
C ARG A 38 -5.45 3.51 -7.07
N ALA A 39 -5.56 4.65 -7.74
CA ALA A 39 -5.41 5.92 -7.06
C ALA A 39 -6.51 6.07 -6.01
N LEU A 40 -7.73 5.77 -6.43
CA LEU A 40 -8.87 5.87 -5.54
C LEU A 40 -8.58 5.08 -4.26
N LEU A 41 -8.59 3.76 -4.40
CA LEU A 41 -8.33 2.89 -3.27
C LEU A 41 -7.14 3.42 -2.48
N MET A 42 -6.05 3.68 -3.20
CA MET A 42 -4.85 4.20 -2.58
C MET A 42 -5.15 5.43 -1.73
N GLU A 43 -6.05 6.25 -2.24
CA GLU A 43 -6.44 7.46 -1.54
C GLU A 43 -7.39 7.14 -0.38
N LEU A 44 -8.24 6.15 -0.63
CA LEU A 44 -9.20 5.72 0.38
C LEU A 44 -8.45 5.26 1.63
N ALA A 45 -7.43 4.44 1.40
CA ALA A 45 -6.64 3.91 2.49
C ALA A 45 -5.97 5.08 3.24
N ARG A 46 -5.33 5.93 2.48
CA ARG A 46 -4.65 7.08 3.04
C ARG A 46 -5.58 7.82 4.01
N ARG A 47 -6.82 8.00 3.57
CA ARG A 47 -7.81 8.68 4.39
C ARG A 47 -7.94 7.99 5.75
N LYS A 48 -7.51 6.73 5.79
CA LYS A 48 -7.57 5.96 7.01
C LYS A 48 -6.36 6.29 7.89
N GLY A 49 -5.29 6.69 7.22
CA GLY A 49 -4.06 7.03 7.92
C GLY A 49 -2.85 6.35 7.27
N PHE A 50 -3.10 5.17 6.72
CA PHE A 50 -2.05 4.41 6.07
C PHE A 50 -1.25 5.29 5.10
N ARG A 51 0.02 4.96 4.97
CA ARG A 51 0.90 5.71 4.09
C ARG A 51 1.02 5.01 2.73
N VAL A 52 0.03 5.25 1.88
CA VAL A 52 0.02 4.65 0.55
C VAL A 52 0.95 5.43 -0.36
N GLU A 53 1.54 4.72 -1.31
CA GLU A 53 2.45 5.32 -2.26
C GLU A 53 2.00 5.03 -3.70
N ASN A 54 2.52 5.83 -4.62
CA ASN A 54 2.18 5.67 -6.02
C ASN A 54 3.21 4.75 -6.69
N GLU A 55 4.43 4.80 -6.17
CA GLU A 55 5.50 3.99 -6.69
C GLU A 55 6.13 3.15 -5.58
N LEU A 56 6.61 1.97 -5.96
CA LEU A 56 7.24 1.07 -5.01
C LEU A 56 8.39 1.79 -4.32
N SER A 57 8.75 1.28 -3.14
CA SER A 57 9.83 1.86 -2.37
C SER A 57 10.22 0.92 -1.23
N ASP A 58 11.37 1.22 -0.64
CA ASP A 58 11.86 0.41 0.46
C ASP A 58 10.95 0.59 1.67
N SER A 59 10.05 1.55 1.56
CA SER A 59 9.12 1.83 2.63
C SER A 59 7.87 0.96 2.49
N VAL A 60 7.66 0.48 1.27
CA VAL A 60 6.51 -0.37 0.99
C VAL A 60 6.58 -1.62 1.87
N THR A 61 5.70 -1.64 2.86
CA THR A 61 5.65 -2.77 3.79
C THR A 61 4.49 -3.71 3.42
N HIS A 62 3.58 -3.18 2.62
CA HIS A 62 2.43 -3.95 2.19
C HIS A 62 2.09 -3.60 0.73
N ILE A 63 1.85 -4.65 -0.04
CA ILE A 63 1.52 -4.48 -1.45
C ILE A 63 0.16 -5.12 -1.72
N VAL A 64 -0.71 -4.33 -2.35
CA VAL A 64 -2.04 -4.81 -2.68
C VAL A 64 -2.07 -5.24 -4.15
N ALA A 65 -2.94 -6.21 -4.42
CA ALA A 65 -3.08 -6.71 -5.78
C ALA A 65 -4.42 -7.43 -5.92
N GLU A 66 -5.16 -7.05 -6.95
CA GLU A 66 -6.46 -7.65 -7.20
C GLU A 66 -6.39 -8.56 -8.43
N ASN A 67 -6.76 -9.82 -8.21
CA ASN A 67 -6.75 -10.79 -9.30
C ASN A 67 -5.33 -11.32 -9.48
N ASN A 68 -4.46 -10.93 -8.57
CA ASN A 68 -3.08 -11.35 -8.62
C ASN A 68 -2.80 -12.33 -7.47
N SER A 69 -1.70 -13.06 -7.60
CA SER A 69 -1.33 -14.03 -6.59
C SER A 69 0.03 -13.64 -5.99
N GLY A 70 0.17 -13.95 -4.71
CA GLY A 70 1.40 -13.64 -4.00
C GLY A 70 2.62 -13.95 -4.87
N SER A 71 2.48 -14.98 -5.68
CA SER A 71 3.56 -15.40 -6.57
C SER A 71 3.72 -14.38 -7.70
N ASP A 72 2.58 -14.00 -8.28
CA ASP A 72 2.59 -13.03 -9.37
C ASP A 72 3.26 -11.75 -8.90
N VAL A 73 2.78 -11.25 -7.77
CA VAL A 73 3.32 -10.02 -7.20
C VAL A 73 4.82 -10.18 -6.97
N LEU A 74 5.20 -11.40 -6.58
CA LEU A 74 6.60 -11.70 -6.33
C LEU A 74 7.40 -11.50 -7.60
N GLU A 75 7.07 -12.29 -8.61
CA GLU A 75 7.75 -12.22 -9.89
C GLU A 75 7.90 -10.76 -10.33
N TRP A 76 6.86 -9.98 -10.03
CA TRP A 76 6.87 -8.57 -10.39
C TRP A 76 7.89 -7.87 -9.50
N LEU A 77 7.82 -8.13 -8.21
CA LEU A 77 8.73 -7.53 -7.26
C LEU A 77 10.16 -7.74 -7.74
N GLN A 78 10.48 -8.99 -8.06
CA GLN A 78 11.81 -9.34 -8.52
C GLN A 78 12.15 -8.54 -9.79
N ALA A 79 11.12 -8.26 -10.57
CA ALA A 79 11.29 -7.51 -11.80
C ALA A 79 11.73 -6.08 -11.46
N GLN A 80 11.22 -5.60 -10.33
CA GLN A 80 11.54 -4.25 -9.88
C GLN A 80 13.06 -4.11 -9.67
N LYS A 81 13.59 -2.99 -10.14
CA LYS A 81 15.01 -2.73 -10.01
C LYS A 81 15.26 -1.99 -8.69
N VAL A 82 14.21 -1.86 -7.91
CA VAL A 82 14.30 -1.16 -6.63
C VAL A 82 14.46 -2.20 -5.52
N GLN A 83 15.59 -2.10 -4.82
CA GLN A 83 15.88 -3.02 -3.73
C GLN A 83 15.16 -2.57 -2.46
N VAL A 84 13.97 -3.13 -2.25
CA VAL A 84 13.17 -2.79 -1.08
C VAL A 84 13.97 -3.13 0.18
N SER A 85 13.63 -2.44 1.26
CA SER A 85 14.30 -2.66 2.53
C SER A 85 13.92 -4.04 3.08
N SER A 86 12.97 -4.67 2.41
CA SER A 86 12.52 -5.99 2.82
C SER A 86 11.28 -6.39 2.02
N GLN A 87 10.94 -7.67 2.13
CA GLN A 87 9.78 -8.19 1.42
C GLN A 87 8.48 -7.66 2.05
N PRO A 88 7.70 -6.92 1.23
CA PRO A 88 6.44 -6.35 1.69
C PRO A 88 5.36 -7.44 1.79
N GLU A 89 4.29 -7.10 2.48
CA GLU A 89 3.19 -8.02 2.67
C GLU A 89 2.29 -8.03 1.43
N LEU A 90 2.21 -9.19 0.79
CA LEU A 90 1.39 -9.34 -0.40
C LEU A 90 -0.03 -9.76 0.01
N LEU A 91 -0.96 -8.85 -0.20
CA LEU A 91 -2.35 -9.10 0.14
C LEU A 91 -3.25 -8.62 -1.01
N ASP A 92 -4.48 -9.11 -1.00
CA ASP A 92 -5.44 -8.74 -2.03
C ASP A 92 -6.16 -7.47 -1.60
N VAL A 93 -6.76 -6.81 -2.59
CA VAL A 93 -7.49 -5.58 -2.33
C VAL A 93 -8.42 -5.78 -1.14
N SER A 94 -8.77 -7.04 -0.91
CA SER A 94 -9.66 -7.39 0.19
C SER A 94 -9.14 -6.76 1.49
N TRP A 95 -7.87 -7.01 1.76
CA TRP A 95 -7.24 -6.48 2.96
C TRP A 95 -7.54 -4.97 3.03
N LEU A 96 -7.23 -4.30 1.93
CA LEU A 96 -7.45 -2.87 1.85
C LEU A 96 -8.92 -2.56 2.18
N ILE A 97 -9.80 -3.14 1.38
CA ILE A 97 -11.23 -2.95 1.58
C ILE A 97 -11.55 -3.02 3.08
N GLU A 98 -11.01 -4.04 3.72
CA GLU A 98 -11.22 -4.23 5.14
C GLU A 98 -10.48 -3.15 5.94
N CYS A 99 -9.18 -3.09 5.73
CA CYS A 99 -8.36 -2.12 6.43
C CYS A 99 -9.04 -0.76 6.33
N ILE A 100 -9.85 -0.60 5.29
CA ILE A 100 -10.57 0.63 5.07
C ILE A 100 -11.78 0.68 5.99
N GLY A 101 -12.71 -0.25 5.76
CA GLY A 101 -13.91 -0.32 6.55
C GLY A 101 -13.59 -0.60 8.02
N ALA A 102 -12.34 -0.97 8.26
CA ALA A 102 -11.89 -1.26 9.61
C ALA A 102 -11.16 -0.04 10.18
N GLY A 103 -10.56 0.73 9.28
CA GLY A 103 -9.83 1.92 9.68
C GLY A 103 -8.50 1.56 10.31
N LYS A 104 -8.22 0.27 10.34
CA LYS A 104 -6.97 -0.22 10.92
C LYS A 104 -6.45 -1.38 10.08
N PRO A 105 -5.15 -1.70 10.29
CA PRO A 105 -4.52 -2.79 9.56
C PRO A 105 -4.98 -4.15 10.09
N VAL A 106 -6.13 -4.58 9.60
CA VAL A 106 -6.69 -5.85 10.01
C VAL A 106 -5.60 -6.92 10.01
N GLU A 107 -5.83 -7.97 10.77
CA GLU A 107 -4.87 -9.05 10.87
C GLU A 107 -4.62 -9.66 9.49
N MET A 108 -3.44 -10.24 9.35
CA MET A 108 -3.05 -10.86 8.09
C MET A 108 -3.05 -12.39 8.20
N THR A 109 -4.12 -12.91 8.78
CA THR A 109 -4.26 -14.33 8.96
C THR A 109 -3.71 -15.08 7.74
N GLY A 110 -4.42 -14.94 6.64
CA GLY A 110 -4.01 -15.59 5.39
C GLY A 110 -4.89 -15.14 4.23
N LYS A 111 -6.19 -15.24 4.44
CA LYS A 111 -7.15 -14.85 3.41
C LYS A 111 -6.65 -13.58 2.72
N HIS A 112 -6.20 -12.64 3.54
CA HIS A 112 -5.70 -11.38 3.02
C HIS A 112 -4.52 -11.63 2.09
N GLN A 113 -3.57 -12.42 2.59
CA GLN A 113 -2.39 -12.75 1.80
C GLN A 113 -2.80 -13.37 0.47
N LEU A 114 -1.93 -13.21 -0.52
CA LEU A 114 -2.19 -13.75 -1.84
C LEU A 114 -1.54 -15.14 -1.95
N SER A 115 -0.24 -15.17 -1.73
CA SER A 115 0.49 -16.42 -1.80
C SER A 115 0.32 -17.06 -3.18
N GLY A 116 1.23 -17.96 -3.51
CA GLY A 116 1.19 -18.65 -4.79
C GLY A 116 0.15 -19.76 -4.76
N PRO A 117 0.52 -20.90 -5.43
CA PRO A 117 -0.37 -22.04 -5.49
C PRO A 117 -0.41 -22.79 -4.16
N SER A 118 -1.55 -23.40 -3.89
CA SER A 118 -1.73 -24.15 -2.65
C SER A 118 -1.72 -25.65 -2.94
N SER A 119 -2.60 -26.05 -3.85
CA SER A 119 -2.71 -27.44 -4.23
C SER A 119 -2.79 -28.32 -2.97
N GLY A 120 -3.97 -28.33 -2.37
CA GLY A 120 -4.20 -29.12 -1.18
C GLY A 120 -4.99 -30.39 -1.49
#